data_2F4T
# 
_entry.id   2F4T 
# 
_audit_conform.dict_name       mmcif_pdbx.dic 
_audit_conform.dict_version    5.387 
_audit_conform.dict_location   http://mmcif.pdb.org/dictionaries/ascii/mmcif_pdbx.dic 
# 
loop_
_database_2.database_id 
_database_2.database_code 
_database_2.pdbx_database_accession 
_database_2.pdbx_DOI 
PDB   2F4T         pdb_00002f4t 10.2210/pdb2f4t/pdb 
NDB   DR0028       ?            ?                   
RCSB  RCSB035453   ?            ?                   
WWPDB D_1000035453 ?            ?                   
# 
loop_
_pdbx_audit_revision_history.ordinal 
_pdbx_audit_revision_history.data_content_type 
_pdbx_audit_revision_history.major_revision 
_pdbx_audit_revision_history.minor_revision 
_pdbx_audit_revision_history.revision_date 
1 'Structure model' 1 0 2006-05-02 
2 'Structure model' 1 1 2008-05-01 
3 'Structure model' 1 2 2011-07-13 
4 'Structure model' 1 3 2017-10-18 
5 'Structure model' 1 4 2024-02-14 
# 
_pdbx_audit_revision_details.ordinal             1 
_pdbx_audit_revision_details.revision_ordinal    1 
_pdbx_audit_revision_details.data_content_type   'Structure model' 
_pdbx_audit_revision_details.provider            repository 
_pdbx_audit_revision_details.type                'Initial release' 
_pdbx_audit_revision_details.description         ? 
_pdbx_audit_revision_details.details             ? 
# 
loop_
_pdbx_audit_revision_group.ordinal 
_pdbx_audit_revision_group.revision_ordinal 
_pdbx_audit_revision_group.data_content_type 
_pdbx_audit_revision_group.group 
1 2 'Structure model' 'Version format compliance' 
2 3 'Structure model' 'Version format compliance' 
3 4 'Structure model' Advisory                    
4 4 'Structure model' 'Refinement description'    
5 5 'Structure model' Advisory                    
6 5 'Structure model' 'Data collection'           
7 5 'Structure model' 'Database references'       
8 5 'Structure model' 'Derived calculations'      
# 
loop_
_pdbx_audit_revision_category.ordinal 
_pdbx_audit_revision_category.revision_ordinal 
_pdbx_audit_revision_category.data_content_type 
_pdbx_audit_revision_category.category 
1 4 'Structure model' pdbx_unobs_or_zero_occ_atoms 
2 4 'Structure model' software                     
3 5 'Structure model' chem_comp_atom               
4 5 'Structure model' chem_comp_bond               
5 5 'Structure model' database_2                   
6 5 'Structure model' pdbx_unobs_or_zero_occ_atoms 
7 5 'Structure model' struct_site                  
# 
loop_
_pdbx_audit_revision_item.ordinal 
_pdbx_audit_revision_item.revision_ordinal 
_pdbx_audit_revision_item.data_content_type 
_pdbx_audit_revision_item.item 
1  4 'Structure model' '_software.classification'            
2  4 'Structure model' '_software.contact_author'            
3  4 'Structure model' '_software.contact_author_email'      
4  4 'Structure model' '_software.date'                      
5  4 'Structure model' '_software.language'                  
6  4 'Structure model' '_software.location'                  
7  4 'Structure model' '_software.name'                      
8  4 'Structure model' '_software.type'                      
9  4 'Structure model' '_software.version'                   
10 5 'Structure model' '_database_2.pdbx_DOI'                
11 5 'Structure model' '_database_2.pdbx_database_accession' 
12 5 'Structure model' '_struct_site.pdbx_auth_asym_id'      
13 5 'Structure model' '_struct_site.pdbx_auth_comp_id'      
14 5 'Structure model' '_struct_site.pdbx_auth_seq_id'       
# 
_pdbx_database_status.entry_id                        2F4T 
_pdbx_database_status.deposit_site                    RCSB 
_pdbx_database_status.process_site                    RCSB 
_pdbx_database_status.recvd_initial_deposition_date   2005-11-24 
_pdbx_database_status.status_code                     REL 
_pdbx_database_status.status_code_sf                  ? 
_pdbx_database_status.status_code_mr                  ? 
_pdbx_database_status.SG_entry                        ? 
_pdbx_database_status.pdb_format_compatible           Y 
_pdbx_database_status.status_code_cs                  ? 
_pdbx_database_status.methods_development_category    ? 
_pdbx_database_status.status_code_nmr_data            ? 
# 
loop_
_pdbx_database_related.db_name 
_pdbx_database_related.db_id 
_pdbx_database_related.details 
_pdbx_database_related.content_type 
PDB 2F4S . unspecified 
PDB 2F4U . unspecified 
PDB 2F4V . unspecified 
# 
loop_
_audit_author.name 
_audit_author.pdbx_ordinal 
'Murray, J.B.'  1 
'Meroueh, S.O.' 2 
'Russell, R.J.' 3 
'Lentzen, G.'   4 
'Haddad, J.'    5 
'Mobashery, S.' 6 
# 
_citation.id                        primary 
_citation.title                     'Interactions of designer antibiotics and the bacterial ribosomal aminoacyl-tRNA site' 
_citation.journal_abbrev            Chem.Biol. 
_citation.journal_volume            13 
_citation.page_first                129 
_citation.page_last                 138 
_citation.year                      2006 
_citation.journal_id_ASTM           CBOLE2 
_citation.country                   UK 
_citation.journal_id_ISSN           1074-5521 
_citation.journal_id_CSD            2050 
_citation.book_publisher            ? 
_citation.pdbx_database_id_PubMed   16492561 
_citation.pdbx_database_id_DOI      10.1016/j.chembiol.2005.11.004 
# 
loop_
_citation_author.citation_id 
_citation_author.name 
_citation_author.ordinal 
_citation_author.identifier_ORCID 
primary 'Murray, J.B.'  1 ? 
primary 'Meroueh, S.O.' 2 ? 
primary 'Russell, R.J.' 3 ? 
primary 'Lentzen, G.'   4 ? 
primary 'Haddad, J.'    5 ? 
primary 'Mobashery, S.' 6 ? 
# 
loop_
_entity.id 
_entity.type 
_entity.src_method 
_entity.pdbx_description 
_entity.formula_weight 
_entity.pdbx_number_of_molecules 
_entity.pdbx_ec 
_entity.pdbx_mutation 
_entity.pdbx_fragment 
_entity.details 
1 polymer     syn "5'-R(*GP*CP*GP*UP*CP*AP*CP*AP*CP*CP*GP*GP*UP*GP*AP*AP*GP*UP*CP*GP*C)-3'" 6743.077 1 ? ? ? 'A-site RNA' 
2 polymer     syn "5'-R(*UP*UP*GP*CP*GP*UP*CP*AP*CP*AP*CP*CP*GP*GP*UP*GP*AP*AP*GP*UP*CP*GP*C)-3'" 7355.409 1 ? ? ? 'A-site RNA' 
3 non-polymer syn 
;(2R)-4-AMINO-N-{(1R,2S,3R,4R,5S)-5-AMINO-2-{2-[(2-AMINOETHYL)AMINO]ETHOXY}-4-[(2,6-DIAMINO-2,6-DIDEOXY-ALPHA-D-GLUCOPYRANOSYL)OXY]-3-HYDROXYCYCLOHEXYL}-2-HYDROXYBUTANAMIDE
;
509.598  1 ? ? ? ?            
# 
loop_
_entity_poly.entity_id 
_entity_poly.type 
_entity_poly.nstd_linkage 
_entity_poly.nstd_monomer 
_entity_poly.pdbx_seq_one_letter_code 
_entity_poly.pdbx_seq_one_letter_code_can 
_entity_poly.pdbx_strand_id 
_entity_poly.pdbx_target_identifier 
1 polyribonucleotide no no GCGUCACACCGGUGAAGUCGC   GCGUCACACCGGUGAAGUCGC   A ? 
2 polyribonucleotide no no UUGCGUCACACCGGUGAAGUCGC UUGCGUCACACCGGUGAAGUCGC B ? 
# 
_pdbx_entity_nonpoly.entity_id   3 
_pdbx_entity_nonpoly.name        
;(2R)-4-AMINO-N-{(1R,2S,3R,4R,5S)-5-AMINO-2-{2-[(2-AMINOETHYL)AMINO]ETHOXY}-4-[(2,6-DIAMINO-2,6-DIDEOXY-ALPHA-D-GLUCOPYRANOSYL)OXY]-3-HYDROXYCYCLOHEXYL}-2-HYDROXYBUTANAMIDE
;
_pdbx_entity_nonpoly.comp_id     AB9 
# 
loop_
_entity_poly_seq.entity_id 
_entity_poly_seq.num 
_entity_poly_seq.mon_id 
_entity_poly_seq.hetero 
1 1  G n 
1 2  C n 
1 3  G n 
1 4  U n 
1 5  C n 
1 6  A n 
1 7  C n 
1 8  A n 
1 9  C n 
1 10 C n 
1 11 G n 
1 12 G n 
1 13 U n 
1 14 G n 
1 15 A n 
1 16 A n 
1 17 G n 
1 18 U n 
1 19 C n 
1 20 G n 
1 21 C n 
2 1  U n 
2 2  U n 
2 3  G n 
2 4  C n 
2 5  G n 
2 6  U n 
2 7  C n 
2 8  A n 
2 9  C n 
2 10 A n 
2 11 C n 
2 12 C n 
2 13 G n 
2 14 G n 
2 15 U n 
2 16 G n 
2 17 A n 
2 18 A n 
2 19 G n 
2 20 U n 
2 21 C n 
2 22 G n 
2 23 C n 
# 
loop_
_chem_comp.id 
_chem_comp.type 
_chem_comp.mon_nstd_flag 
_chem_comp.name 
_chem_comp.pdbx_synonyms 
_chem_comp.formula 
_chem_comp.formula_weight 
A   'RNA linking' y "ADENOSINE-5'-MONOPHOSPHATE" ? 'C10 H14 N5 O7 P' 347.221 
AB9 non-polymer   . 
;(2R)-4-AMINO-N-{(1R,2S,3R,4R,5S)-5-AMINO-2-{2-[(2-AMINOETHYL)AMINO]ETHOXY}-4-[(2,6-DIAMINO-2,6-DIDEOXY-ALPHA-D-GLUCOPYRANOSYL)OXY]-3-HYDROXYCYCLOHEXYL}-2-HYDROXYBUTANAMIDE
;
? 'C20 H43 N7 O8'   509.598 
C   'RNA linking' y "CYTIDINE-5'-MONOPHOSPHATE" ? 'C9 H14 N3 O8 P'  323.197 
G   'RNA linking' y "GUANOSINE-5'-MONOPHOSPHATE" ? 'C10 H14 N5 O8 P' 363.221 
U   'RNA linking' y "URIDINE-5'-MONOPHOSPHATE" ? 'C9 H13 N2 O9 P'  324.181 
# 
loop_
_pdbx_poly_seq_scheme.asym_id 
_pdbx_poly_seq_scheme.entity_id 
_pdbx_poly_seq_scheme.seq_id 
_pdbx_poly_seq_scheme.mon_id 
_pdbx_poly_seq_scheme.ndb_seq_num 
_pdbx_poly_seq_scheme.pdb_seq_num 
_pdbx_poly_seq_scheme.auth_seq_num 
_pdbx_poly_seq_scheme.pdb_mon_id 
_pdbx_poly_seq_scheme.auth_mon_id 
_pdbx_poly_seq_scheme.pdb_strand_id 
_pdbx_poly_seq_scheme.pdb_ins_code 
_pdbx_poly_seq_scheme.hetero 
A 1 1  G 1  1403 1403 G G A . n 
A 1 2  C 2  1404 1404 C C A . n 
A 1 3  G 3  1405 1405 G G A . n 
A 1 4  U 4  1406 1406 U U A . n 
A 1 5  C 5  1407 1407 C C A . n 
A 1 6  A 6  1408 1408 A A A . n 
A 1 7  C 7  1409 1409 C C A . n 
A 1 8  A 8  1410 1410 A A A . n 
A 1 9  C 9  1411 1411 C C A . n 
A 1 10 C 10 1412 1412 C C A . n 
A 1 11 G 11 1488 1488 G G A . n 
A 1 12 G 12 1489 1489 G G A . n 
A 1 13 U 13 1490 1490 U U A . n 
A 1 14 G 14 1491 1491 G G A . n 
A 1 15 A 15 1492 1492 A A A . n 
A 1 16 A 16 1493 1493 A A A . n 
A 1 17 G 17 1494 1494 G G A . n 
A 1 18 U 18 1495 1495 U U A . n 
A 1 19 C 19 1496 1496 C C A . n 
A 1 20 G 20 1497 1497 G G A . n 
A 1 21 C 21 1498 1498 C C A . n 
B 2 1  U 1  1401 1401 U U B . n 
B 2 2  U 2  1402 1402 U U B . n 
B 2 3  G 3  1403 1403 G G B . n 
B 2 4  C 4  1404 1404 C C B . n 
B 2 5  G 5  1405 1405 G G B . n 
B 2 6  U 6  1406 1406 U U B . n 
B 2 7  C 7  1407 1407 C C B . n 
B 2 8  A 8  1408 1408 A A B . n 
B 2 9  C 9  1409 1409 C C B . n 
B 2 10 A 10 1410 1410 A A B . n 
B 2 11 C 11 1411 1411 C C B . n 
B 2 12 C 12 1412 1412 C C B . n 
B 2 13 G 13 1488 1488 G G B . n 
B 2 14 G 14 1489 1489 G G B . n 
B 2 15 U 15 1490 1490 U U B . n 
B 2 16 G 16 1491 1491 G G B . n 
B 2 17 A 17 1492 1492 A A B . n 
B 2 18 A 18 1493 1493 A A B . n 
B 2 19 G 19 1494 1494 G G B . n 
B 2 20 U 20 1495 1495 U U B . n 
B 2 21 C 21 1496 1496 C C B . n 
B 2 22 G 22 1497 1497 G G B . n 
B 2 23 C 23 1498 1498 C C B . n 
# 
_pdbx_nonpoly_scheme.asym_id         C 
_pdbx_nonpoly_scheme.entity_id       3 
_pdbx_nonpoly_scheme.mon_id          AB9 
_pdbx_nonpoly_scheme.ndb_seq_num     1 
_pdbx_nonpoly_scheme.pdb_seq_num     1 
_pdbx_nonpoly_scheme.auth_seq_num    1 
_pdbx_nonpoly_scheme.pdb_mon_id      AB9 
_pdbx_nonpoly_scheme.auth_mon_id     AB9 
_pdbx_nonpoly_scheme.pdb_strand_id   B 
_pdbx_nonpoly_scheme.pdb_ins_code    . 
# 
loop_
_pdbx_unobs_or_zero_occ_atoms.id 
_pdbx_unobs_or_zero_occ_atoms.PDB_model_num 
_pdbx_unobs_or_zero_occ_atoms.polymer_flag 
_pdbx_unobs_or_zero_occ_atoms.occupancy_flag 
_pdbx_unobs_or_zero_occ_atoms.auth_asym_id 
_pdbx_unobs_or_zero_occ_atoms.auth_comp_id 
_pdbx_unobs_or_zero_occ_atoms.auth_seq_id 
_pdbx_unobs_or_zero_occ_atoms.PDB_ins_code 
_pdbx_unobs_or_zero_occ_atoms.auth_atom_id 
_pdbx_unobs_or_zero_occ_atoms.label_alt_id 
_pdbx_unobs_or_zero_occ_atoms.label_asym_id 
_pdbx_unobs_or_zero_occ_atoms.label_comp_id 
_pdbx_unobs_or_zero_occ_atoms.label_seq_id 
_pdbx_unobs_or_zero_occ_atoms.label_atom_id 
1 1 Y 0 B U 1402 ? P   ? B U 2 P   
2 1 Y 0 B U 1402 ? OP1 ? B U 2 OP1 
3 1 Y 0 B U 1402 ? OP2 ? B U 2 OP2 
# 
loop_
_software.name 
_software.version 
_software.date 
_software.type 
_software.contact_author 
_software.contact_author_email 
_software.classification 
_software.location 
_software.language 
_software.citation_id 
_software.pdbx_ordinal 
DENZO       .     ?               package 'Zbyszek Otwinowski' zbyszek@mix.swmed.edu    'data reduction'  
http://www.lnls.br/infra/linhasluz/denzo-hkl.htm ?          ? 1 
SCALEPACK   .     ?               package 'Zbyszek Otwinowski' zbyszek@mix.swmed.edu    'data scaling'    
http://www.lnls.br/infra/linhasluz/denzo-hkl.htm ?          ? 2 
CNS         .     ?               package 'Axel T. Brunger'    axel.brunger@yale.edu    refinement        
http://cns.csb.yale.edu/v1.1/                    Fortran_77 ? 3 
PDB_EXTRACT 1.701 'OCT. 28, 2005' package PDB                  sw-help@rcsb.rutgers.edu 'data extraction' 
http://pdb.rutgers.edu/software/                 C++        ? 4 
# 
_cell.length_a           45.976 
_cell.length_b           32.926 
_cell.length_c           46.414 
_cell.angle_alpha        90.00 
_cell.angle_beta         95.62 
_cell.angle_gamma        90.00 
_cell.entry_id           2F4T 
_cell.pdbx_unique_axis   ? 
_cell.Z_PDB              2 
_cell.length_a_esd       ? 
_cell.length_b_esd       ? 
_cell.length_c_esd       ? 
_cell.angle_alpha_esd    ? 
_cell.angle_beta_esd     ? 
_cell.angle_gamma_esd    ? 
# 
_symmetry.space_group_name_H-M             'P 1 21 1' 
_symmetry.entry_id                         2F4T 
_symmetry.pdbx_full_space_group_name_H-M   ? 
_symmetry.Int_Tables_number                4 
_symmetry.cell_setting                     ? 
_symmetry.space_group_name_Hall            ? 
# 
_exptl.entry_id          2F4T 
_exptl.crystals_number   1 
_exptl.method            'X-RAY DIFFRACTION' 
# 
_exptl_crystal.id                    1 
_exptl_crystal.density_Matthews      2.48 
_exptl_crystal.density_meas          ? 
_exptl_crystal.density_percent_sol   50.40 
_exptl_crystal.description           ? 
_exptl_crystal.F_000                 ? 
_exptl_crystal.preparation           ? 
# 
_diffrn.id                     1 
_diffrn.ambient_temp           100 
_diffrn.ambient_temp_details   ? 
_diffrn.crystal_id             1 
# 
_diffrn_detector.diffrn_id              1 
_diffrn_detector.detector               ? 
_diffrn_detector.type                   ? 
_diffrn_detector.pdbx_collection_date   2002-06-01 
_diffrn_detector.details                ? 
# 
_diffrn_radiation.diffrn_id                        1 
_diffrn_radiation.wavelength_id                    1 
_diffrn_radiation.pdbx_diffrn_protocol             'SINGLE WAVELENGTH' 
_diffrn_radiation.monochromator                    ? 
_diffrn_radiation.pdbx_monochromatic_or_laue_m_l   M 
_diffrn_radiation.pdbx_scattering_type             x-ray 
# 
_diffrn_radiation_wavelength.id           1 
_diffrn_radiation_wavelength.wavelength   0.991 
_diffrn_radiation_wavelength.wt           1.0 
# 
_diffrn_source.diffrn_id                   1 
_diffrn_source.source                      SYNCHROTRON 
_diffrn_source.type                        'ESRF BEAMLINE ID29' 
_diffrn_source.pdbx_wavelength             ? 
_diffrn_source.pdbx_wavelength_list        0.991 
_diffrn_source.pdbx_synchrotron_site       ESRF 
_diffrn_source.pdbx_synchrotron_beamline   ID29 
# 
_reflns.entry_id                     2F4T 
_reflns.d_resolution_low             30.00 
_reflns.d_resolution_high            3.00 
_reflns.number_obs                   2746 
_reflns.percent_possible_obs         97.700 
_reflns.pdbx_Rmerge_I_obs            0.078 
_reflns.pdbx_chi_squared             1.016 
_reflns.pdbx_redundancy              ? 
_reflns.pdbx_scaling_rejects         ? 
_reflns.pdbx_netI_over_sigmaI        8.0 
_reflns.pdbx_Rsym_value              ? 
_reflns.observed_criterion_sigma_F   0 
_reflns.observed_criterion_sigma_I   0 
_reflns.number_all                   2746 
_reflns.B_iso_Wilson_estimate        ? 
_reflns.R_free_details               ? 
_reflns.pdbx_diffrn_id               1 
_reflns.pdbx_ordinal                 1 
# 
loop_
_reflns_shell.d_res_low 
_reflns_shell.d_res_high 
_reflns_shell.number_unique_all 
_reflns_shell.percent_possible_all 
_reflns_shell.Rmerge_I_obs 
_reflns_shell.pdbx_chi_squared 
_reflns_shell.pdbx_redundancy 
_reflns_shell.number_unique_obs 
_reflns_shell.meanI_over_sigI_obs 
_reflns_shell.pdbx_Rsym_value 
_reflns_shell.percent_possible_obs 
_reflns_shell.number_measured_all 
_reflns_shell.number_measured_obs 
_reflns_shell.pdbx_diffrn_id 
_reflns_shell.pdbx_ordinal 
3.11  3.00 272 100.000 0.206 1.503 ? ? 3.2 ? ? ? ? ? 1  
3.23  3.11 277 100.000 0.135 1.267 ? ? ?   ? ? ? ? ? 2  
3.38  3.23 272 100.000 0.133 1.294 ? ? ?   ? ? ? ? ? 3  
3.56  3.38 283 99.300  0.111 1.011 ? ? ?   ? ? ? ? ? 4  
3.78  3.56 282 100.000 0.102 0.766 ? ? ?   ? ? ? ? ? 5  
4.07  3.78 278 100.000 0.081 0.941 ? ? ?   ? ? ? ? ? 6  
4.48  4.07 276 100.000 0.075 0.895 ? ? ?   ? ? ? ? ? 7  
5.12  4.48 287 99.700  0.062 0.547 ? ? ?   ? ? ? ? ? 8  
6.44  5.12 277 99.600  0.053 0.952 ? ? ?   ? ? ? ? ? 9  
30.00 6.44 242 79.900  0.04  1.076 ? ? ?   ? ? ? ? ? 10 
# 
_refine.ls_d_res_high                            3.000 
_refine.ls_d_res_low                             15.000 
_refine.pdbx_ls_sigma_F                          0.00 
_refine.ls_percent_reflns_obs                    97.600 
_refine.ls_number_reflns_obs                     2735 
_refine.ls_R_factor_R_work                       0.211 
_refine.ls_R_factor_R_free                       0.267 
_refine.ls_percent_reflns_R_free                 9.800 
_refine.ls_number_reflns_R_free                  280 
_refine.B_iso_mean                               80.240 
_refine.solvent_model_param_bsol                 135.759 
_refine.aniso_B[1][1]                            1.140 
_refine.aniso_B[2][2]                            -5.315 
_refine.aniso_B[3][3]                            4.175 
_refine.aniso_B[1][2]                            0.000 
_refine.aniso_B[1][3]                            -0.612 
_refine.aniso_B[2][3]                            0.000 
_refine.entry_id                                 2F4T 
_refine.pdbx_ls_sigma_I                          ? 
_refine.ls_number_reflns_all                     2795 
_refine.ls_R_factor_all                          0.211 
_refine.ls_R_factor_obs                          0.267 
_refine.ls_redundancy_reflns_obs                 ? 
_refine.pdbx_data_cutoff_high_absF               ? 
_refine.pdbx_data_cutoff_low_absF                ? 
_refine.ls_number_parameters                     ? 
_refine.ls_number_restraints                     ? 
_refine.ls_R_factor_R_free_error                 ? 
_refine.ls_R_factor_R_free_error_details         ? 
_refine.pdbx_method_to_determine_struct          'MOLECULAR REPLACEMENT' 
_refine.pdbx_starting_model                      ? 
_refine.pdbx_ls_cross_valid_method               ? 
_refine.pdbx_R_Free_selection_details            Random 
_refine.pdbx_stereochem_target_val_spec_case     ? 
_refine.pdbx_stereochemistry_target_values       'Engh & Huber' 
_refine.solvent_model_details                    ? 
_refine.solvent_model_param_ksol                 ? 
_refine.occupancy_max                            ? 
_refine.occupancy_min                            ? 
_refine.pdbx_isotropic_thermal_model             ? 
_refine.details                                  ? 
_refine.correlation_coeff_Fo_to_Fc               ? 
_refine.correlation_coeff_Fo_to_Fc_free          ? 
_refine.pdbx_solvent_vdw_probe_radii             ? 
_refine.pdbx_solvent_ion_probe_radii             ? 
_refine.pdbx_solvent_shrinkage_radii             ? 
_refine.overall_SU_R_Cruickshank_DPI             ? 
_refine.overall_SU_R_free                        ? 
_refine.overall_SU_ML                            ? 
_refine.overall_SU_B                             ? 
_refine.pdbx_overall_ESU_R_Free                  ? 
_refine.pdbx_data_cutoff_high_rms_absF           ? 
_refine.pdbx_overall_ESU_R                       ? 
_refine.ls_wR_factor_R_free                      ? 
_refine.ls_wR_factor_R_work                      ? 
_refine.overall_FOM_free_R_set                   ? 
_refine.overall_FOM_work_R_set                   ? 
_refine.pdbx_refine_id                           'X-RAY DIFFRACTION' 
_refine.pdbx_diffrn_id                           1 
_refine.pdbx_TLS_residual_ADP_flag               ? 
_refine.pdbx_overall_phase_error                 ? 
_refine.pdbx_overall_SU_R_free_Cruickshank_DPI   ? 
_refine.pdbx_overall_SU_R_Blow_DPI               ? 
_refine.pdbx_overall_SU_R_free_Blow_DPI          ? 
# 
_refine_hist.pdbx_refine_id                   'X-RAY DIFFRACTION' 
_refine_hist.cycle_id                         LAST 
_refine_hist.pdbx_number_atoms_protein        0 
_refine_hist.pdbx_number_atoms_nucleic_acid   932 
_refine_hist.pdbx_number_atoms_ligand         35 
_refine_hist.number_atoms_solvent             0 
_refine_hist.number_atoms_total               967 
_refine_hist.d_res_high                       3.000 
_refine_hist.d_res_low                        15.000 
# 
loop_
_pdbx_xplor_file.serial_no 
_pdbx_xplor_file.param_file 
_pdbx_xplor_file.topol_file 
_pdbx_xplor_file.pdbx_refine_id 
1 CNS_TOPPAR:protein_rep.param CNS_TOPPAR:protein.top 'X-RAY DIFFRACTION' 
2 dna-rna-multi-endo.param     CNS_TOPPAR:dna-rna.top 'X-RAY DIFFRACTION' 
3 CNS_TOPPAR:water_rep.param   CNS_TOPPAR:water.top   'X-RAY DIFFRACTION' 
4 CNS_TOPPAR:ion.param         CNS_TOPPAR:ion.top     'X-RAY DIFFRACTION' 
5 893.par                      893.top                'X-RAY DIFFRACTION' 
# 
_struct.entry_id                  2F4T 
_struct.title                     'Asite RNA + designer antibiotic' 
_struct.pdbx_model_details        ? 
_struct.pdbx_CASP_flag            ? 
_struct.pdbx_model_type_details   ? 
# 
_struct_keywords.entry_id        2F4T 
_struct_keywords.pdbx_keywords   RNA 
_struct_keywords.text            'Asite RNA, designer antibiotic, RNA' 
# 
loop_
_struct_asym.id 
_struct_asym.pdbx_blank_PDB_chainid_flag 
_struct_asym.pdbx_modified 
_struct_asym.entity_id 
_struct_asym.details 
A N N 1 ? 
B N N 2 ? 
C N N 3 ? 
# 
loop_
_struct_ref.id 
_struct_ref.entity_id 
_struct_ref.db_name 
_struct_ref.db_code 
_struct_ref.pdbx_db_accession 
_struct_ref.pdbx_db_isoform 
_struct_ref.pdbx_seq_one_letter_code 
_struct_ref.pdbx_align_begin 
1 1 PDB 2F4T 2F4T ? ? ? 
2 2 PDB 2F4T 2F4T ? ? ? 
# 
loop_
_struct_ref_seq.align_id 
_struct_ref_seq.ref_id 
_struct_ref_seq.pdbx_PDB_id_code 
_struct_ref_seq.pdbx_strand_id 
_struct_ref_seq.seq_align_beg 
_struct_ref_seq.pdbx_seq_align_beg_ins_code 
_struct_ref_seq.seq_align_end 
_struct_ref_seq.pdbx_seq_align_end_ins_code 
_struct_ref_seq.pdbx_db_accession 
_struct_ref_seq.db_align_beg 
_struct_ref_seq.pdbx_db_align_beg_ins_code 
_struct_ref_seq.db_align_end 
_struct_ref_seq.pdbx_db_align_end_ins_code 
_struct_ref_seq.pdbx_auth_seq_align_beg 
_struct_ref_seq.pdbx_auth_seq_align_end 
1 1 2F4T A 1 ? 21 ? 2F4T 1403 ? 1498 ? 1403 1498 
2 2 2F4T B 1 ? 23 ? 2F4T 1401 ? 1498 ? 1401 1498 
# 
_pdbx_struct_assembly.id                   1 
_pdbx_struct_assembly.details              author_defined_assembly 
_pdbx_struct_assembly.method_details       ? 
_pdbx_struct_assembly.oligomeric_details   dimeric 
_pdbx_struct_assembly.oligomeric_count     2 
# 
_pdbx_struct_assembly_gen.assembly_id       1 
_pdbx_struct_assembly_gen.oper_expression   1 
_pdbx_struct_assembly_gen.asym_id_list      A,B,C 
# 
_pdbx_struct_oper_list.id                   1 
_pdbx_struct_oper_list.type                 'identity operation' 
_pdbx_struct_oper_list.name                 1_555 
_pdbx_struct_oper_list.symmetry_operation   x,y,z 
_pdbx_struct_oper_list.matrix[1][1]         1.0000000000 
_pdbx_struct_oper_list.matrix[1][2]         0.0000000000 
_pdbx_struct_oper_list.matrix[1][3]         0.0000000000 
_pdbx_struct_oper_list.vector[1]            0.0000000000 
_pdbx_struct_oper_list.matrix[2][1]         0.0000000000 
_pdbx_struct_oper_list.matrix[2][2]         1.0000000000 
_pdbx_struct_oper_list.matrix[2][3]         0.0000000000 
_pdbx_struct_oper_list.vector[2]            0.0000000000 
_pdbx_struct_oper_list.matrix[3][1]         0.0000000000 
_pdbx_struct_oper_list.matrix[3][2]         0.0000000000 
_pdbx_struct_oper_list.matrix[3][3]         1.0000000000 
_pdbx_struct_oper_list.vector[3]            0.0000000000 
# 
loop_
_struct_conn.id 
_struct_conn.conn_type_id 
_struct_conn.pdbx_leaving_atom_flag 
_struct_conn.pdbx_PDB_id 
_struct_conn.ptnr1_label_asym_id 
_struct_conn.ptnr1_label_comp_id 
_struct_conn.ptnr1_label_seq_id 
_struct_conn.ptnr1_label_atom_id 
_struct_conn.pdbx_ptnr1_label_alt_id 
_struct_conn.pdbx_ptnr1_PDB_ins_code 
_struct_conn.pdbx_ptnr1_standard_comp_id 
_struct_conn.ptnr1_symmetry 
_struct_conn.ptnr2_label_asym_id 
_struct_conn.ptnr2_label_comp_id 
_struct_conn.ptnr2_label_seq_id 
_struct_conn.ptnr2_label_atom_id 
_struct_conn.pdbx_ptnr2_label_alt_id 
_struct_conn.pdbx_ptnr2_PDB_ins_code 
_struct_conn.ptnr1_auth_asym_id 
_struct_conn.ptnr1_auth_comp_id 
_struct_conn.ptnr1_auth_seq_id 
_struct_conn.ptnr2_auth_asym_id 
_struct_conn.ptnr2_auth_comp_id 
_struct_conn.ptnr2_auth_seq_id 
_struct_conn.ptnr2_symmetry 
_struct_conn.pdbx_ptnr3_label_atom_id 
_struct_conn.pdbx_ptnr3_label_seq_id 
_struct_conn.pdbx_ptnr3_label_comp_id 
_struct_conn.pdbx_ptnr3_label_asym_id 
_struct_conn.pdbx_ptnr3_label_alt_id 
_struct_conn.pdbx_ptnr3_PDB_ins_code 
_struct_conn.details 
_struct_conn.pdbx_dist_value 
_struct_conn.pdbx_value_order 
_struct_conn.pdbx_role 
hydrog1  hydrog ? ? A G 1  N1 ? ? ? 1_555 B C 23 N3 ? ? A G 1403 B C 1498 1_555 ? ? ? ? ? ? WATSON-CRICK  ? ? ? 
hydrog2  hydrog ? ? A G 1  N2 ? ? ? 1_555 B C 23 O2 ? ? A G 1403 B C 1498 1_555 ? ? ? ? ? ? WATSON-CRICK  ? ? ? 
hydrog3  hydrog ? ? A G 1  O6 ? ? ? 1_555 B C 23 N4 ? ? A G 1403 B C 1498 1_555 ? ? ? ? ? ? WATSON-CRICK  ? ? ? 
hydrog4  hydrog ? ? A C 2  N3 ? ? ? 1_555 B G 22 N1 ? ? A C 1404 B G 1497 1_555 ? ? ? ? ? ? WATSON-CRICK  ? ? ? 
hydrog5  hydrog ? ? A C 2  N4 ? ? ? 1_555 B G 22 O6 ? ? A C 1404 B G 1497 1_555 ? ? ? ? ? ? WATSON-CRICK  ? ? ? 
hydrog6  hydrog ? ? A C 2  O2 ? ? ? 1_555 B G 22 N2 ? ? A C 1404 B G 1497 1_555 ? ? ? ? ? ? WATSON-CRICK  ? ? ? 
hydrog7  hydrog ? ? A G 3  N1 ? ? ? 1_555 B C 21 N3 ? ? A G 1405 B C 1496 1_555 ? ? ? ? ? ? WATSON-CRICK  ? ? ? 
hydrog8  hydrog ? ? A G 3  N2 ? ? ? 1_555 B C 21 O2 ? ? A G 1405 B C 1496 1_555 ? ? ? ? ? ? WATSON-CRICK  ? ? ? 
hydrog9  hydrog ? ? A G 3  O6 ? ? ? 1_555 B C 21 N4 ? ? A G 1405 B C 1496 1_555 ? ? ? ? ? ? WATSON-CRICK  ? ? ? 
hydrog10 hydrog ? ? A U 4  O4 ? ? ? 1_555 B U 20 N3 ? ? A U 1406 B U 1495 1_555 ? ? ? ? ? ? 'U-U MISPAIR' ? ? ? 
hydrog11 hydrog ? ? A C 5  N3 ? ? ? 1_555 B G 19 N1 ? ? A C 1407 B G 1494 1_555 ? ? ? ? ? ? WATSON-CRICK  ? ? ? 
hydrog12 hydrog ? ? A C 5  N4 ? ? ? 1_555 B G 19 O6 ? ? A C 1407 B G 1494 1_555 ? ? ? ? ? ? WATSON-CRICK  ? ? ? 
hydrog13 hydrog ? ? A C 5  O2 ? ? ? 1_555 B G 19 N2 ? ? A C 1407 B G 1494 1_555 ? ? ? ? ? ? WATSON-CRICK  ? ? ? 
hydrog14 hydrog ? ? A C 7  N3 ? ? ? 1_555 B G 16 N1 ? ? A C 1409 B G 1491 1_555 ? ? ? ? ? ? WATSON-CRICK  ? ? ? 
hydrog15 hydrog ? ? A C 7  N4 ? ? ? 1_555 B G 16 O6 ? ? A C 1409 B G 1491 1_555 ? ? ? ? ? ? WATSON-CRICK  ? ? ? 
hydrog16 hydrog ? ? A C 7  O2 ? ? ? 1_555 B G 16 N2 ? ? A C 1409 B G 1491 1_555 ? ? ? ? ? ? WATSON-CRICK  ? ? ? 
hydrog17 hydrog ? ? A A 8  N1 ? ? ? 1_555 B U 15 N3 ? ? A A 1410 B U 1490 1_555 ? ? ? ? ? ? WATSON-CRICK  ? ? ? 
hydrog18 hydrog ? ? A A 8  N6 ? ? ? 1_555 B U 15 O4 ? ? A A 1410 B U 1490 1_555 ? ? ? ? ? ? WATSON-CRICK  ? ? ? 
hydrog19 hydrog ? ? A C 9  N3 ? ? ? 1_555 B G 14 N1 ? ? A C 1411 B G 1489 1_555 ? ? ? ? ? ? WATSON-CRICK  ? ? ? 
hydrog20 hydrog ? ? A C 9  N4 ? ? ? 1_555 B G 14 O6 ? ? A C 1411 B G 1489 1_555 ? ? ? ? ? ? WATSON-CRICK  ? ? ? 
hydrog21 hydrog ? ? A C 9  O2 ? ? ? 1_555 B G 14 N2 ? ? A C 1411 B G 1489 1_555 ? ? ? ? ? ? WATSON-CRICK  ? ? ? 
hydrog22 hydrog ? ? A C 10 N3 ? ? ? 1_555 B G 13 N1 ? ? A C 1412 B G 1488 1_555 ? ? ? ? ? ? WATSON-CRICK  ? ? ? 
hydrog23 hydrog ? ? A C 10 N4 ? ? ? 1_555 B G 13 O6 ? ? A C 1412 B G 1488 1_555 ? ? ? ? ? ? WATSON-CRICK  ? ? ? 
hydrog24 hydrog ? ? A C 10 O2 ? ? ? 1_555 B G 13 N2 ? ? A C 1412 B G 1488 1_555 ? ? ? ? ? ? WATSON-CRICK  ? ? ? 
hydrog25 hydrog ? ? A G 11 N1 ? ? ? 1_555 B C 12 N3 ? ? A G 1488 B C 1412 1_555 ? ? ? ? ? ? WATSON-CRICK  ? ? ? 
hydrog26 hydrog ? ? A G 11 N2 ? ? ? 1_555 B C 12 O2 ? ? A G 1488 B C 1412 1_555 ? ? ? ? ? ? WATSON-CRICK  ? ? ? 
hydrog27 hydrog ? ? A G 11 O6 ? ? ? 1_555 B C 12 N4 ? ? A G 1488 B C 1412 1_555 ? ? ? ? ? ? WATSON-CRICK  ? ? ? 
hydrog28 hydrog ? ? A G 12 N1 ? ? ? 1_555 B C 11 N3 ? ? A G 1489 B C 1411 1_555 ? ? ? ? ? ? WATSON-CRICK  ? ? ? 
hydrog29 hydrog ? ? A G 12 N2 ? ? ? 1_555 B C 11 O2 ? ? A G 1489 B C 1411 1_555 ? ? ? ? ? ? WATSON-CRICK  ? ? ? 
hydrog30 hydrog ? ? A G 12 O6 ? ? ? 1_555 B C 11 N4 ? ? A G 1489 B C 1411 1_555 ? ? ? ? ? ? WATSON-CRICK  ? ? ? 
hydrog31 hydrog ? ? A U 13 N3 ? ? ? 1_555 B A 10 N1 ? ? A U 1490 B A 1410 1_555 ? ? ? ? ? ? WATSON-CRICK  ? ? ? 
hydrog32 hydrog ? ? A U 13 O4 ? ? ? 1_555 B A 10 N6 ? ? A U 1490 B A 1410 1_555 ? ? ? ? ? ? WATSON-CRICK  ? ? ? 
hydrog33 hydrog ? ? A G 14 N1 ? ? ? 1_555 B C 9  N3 ? ? A G 1491 B C 1409 1_555 ? ? ? ? ? ? WATSON-CRICK  ? ? ? 
hydrog34 hydrog ? ? A G 14 N2 ? ? ? 1_555 B C 9  O2 ? ? A G 1491 B C 1409 1_555 ? ? ? ? ? ? WATSON-CRICK  ? ? ? 
hydrog35 hydrog ? ? A G 14 O6 ? ? ? 1_555 B C 9  N4 ? ? A G 1491 B C 1409 1_555 ? ? ? ? ? ? WATSON-CRICK  ? ? ? 
hydrog36 hydrog ? ? A G 17 N1 ? ? ? 1_555 B C 7  N3 ? ? A G 1494 B C 1407 1_555 ? ? ? ? ? ? WATSON-CRICK  ? ? ? 
hydrog37 hydrog ? ? A G 17 N2 ? ? ? 1_555 B C 7  O2 ? ? A G 1494 B C 1407 1_555 ? ? ? ? ? ? WATSON-CRICK  ? ? ? 
hydrog38 hydrog ? ? A G 17 O6 ? ? ? 1_555 B C 7  N4 ? ? A G 1494 B C 1407 1_555 ? ? ? ? ? ? WATSON-CRICK  ? ? ? 
hydrog39 hydrog ? ? A U 18 O4 ? ? ? 1_555 B U 6  N3 ? ? A U 1495 B U 1406 1_555 ? ? ? ? ? ? 'U-U MISPAIR' ? ? ? 
hydrog40 hydrog ? ? A C 19 N3 ? ? ? 1_555 B G 5  N1 ? ? A C 1496 B G 1405 1_555 ? ? ? ? ? ? WATSON-CRICK  ? ? ? 
hydrog41 hydrog ? ? A C 19 N4 ? ? ? 1_555 B G 5  O6 ? ? A C 1496 B G 1405 1_555 ? ? ? ? ? ? WATSON-CRICK  ? ? ? 
hydrog42 hydrog ? ? A C 19 O2 ? ? ? 1_555 B G 5  N2 ? ? A C 1496 B G 1405 1_555 ? ? ? ? ? ? WATSON-CRICK  ? ? ? 
hydrog43 hydrog ? ? A G 20 N1 ? ? ? 1_555 B C 4  N3 ? ? A G 1497 B C 1404 1_555 ? ? ? ? ? ? WATSON-CRICK  ? ? ? 
hydrog44 hydrog ? ? A G 20 N2 ? ? ? 1_555 B C 4  O2 ? ? A G 1497 B C 1404 1_555 ? ? ? ? ? ? WATSON-CRICK  ? ? ? 
hydrog45 hydrog ? ? A G 20 O6 ? ? ? 1_555 B C 4  N4 ? ? A G 1497 B C 1404 1_555 ? ? ? ? ? ? WATSON-CRICK  ? ? ? 
hydrog46 hydrog ? ? A C 21 N3 ? ? ? 1_555 B G 3  N1 ? ? A C 1498 B G 1403 1_555 ? ? ? ? ? ? WATSON-CRICK  ? ? ? 
hydrog47 hydrog ? ? A C 21 N4 ? ? ? 1_555 B G 3  O6 ? ? A C 1498 B G 1403 1_555 ? ? ? ? ? ? WATSON-CRICK  ? ? ? 
hydrog48 hydrog ? ? A C 21 O2 ? ? ? 1_555 B G 3  N2 ? ? A C 1498 B G 1403 1_555 ? ? ? ? ? ? WATSON-CRICK  ? ? ? 
# 
_struct_conn_type.id          hydrog 
_struct_conn_type.criteria    ? 
_struct_conn_type.reference   ? 
# 
loop_
_struct_site.id 
_struct_site.pdbx_evidence_code 
_struct_site.pdbx_auth_asym_id 
_struct_site.pdbx_auth_comp_id 
_struct_site.pdbx_auth_seq_id 
_struct_site.pdbx_auth_ins_code 
_struct_site.pdbx_num_residues 
_struct_site.details 
AC1 Software B AB9 1 ? 10 'BINDING SITE FOR RESIDUE AB9 B 1' 
1   ?        ? ?   ? ? ?  ?                                  
# 
loop_
_struct_site_gen.id 
_struct_site_gen.site_id 
_struct_site_gen.pdbx_num_res 
_struct_site_gen.label_comp_id 
_struct_site_gen.label_asym_id 
_struct_site_gen.label_seq_id 
_struct_site_gen.pdbx_auth_ins_code 
_struct_site_gen.auth_comp_id 
_struct_site_gen.auth_asym_id 
_struct_site_gen.auth_seq_id 
_struct_site_gen.label_atom_id 
_struct_site_gen.label_alt_id 
_struct_site_gen.symmetry 
_struct_site_gen.details 
1  AC1 10 C A 2  ? C A 1404 . ? 1_555 ? 
2  AC1 10 G A 3  ? G A 1405 . ? 1_555 ? 
3  AC1 10 A A 6  ? A A 1408 . ? 1_555 ? 
4  AC1 10 G B 16 ? G B 1491 . ? 1_555 ? 
5  AC1 10 A B 17 ? A B 1492 . ? 1_555 ? 
6  AC1 10 A B 18 ? A B 1493 . ? 1_555 ? 
7  AC1 10 G B 19 ? G B 1494 . ? 1_555 ? 
8  AC1 10 U B 20 ? U B 1495 . ? 1_555 ? 
9  AC1 10 C B 21 ? C B 1496 . ? 1_555 ? 
10 AC1 10 G B 22 ? G B 1497 . ? 1_555 ? 
# 
_struct_site_keywords.site_id   1 
_struct_site_keywords.text      intercalation 
# 
loop_
_chem_comp_atom.comp_id 
_chem_comp_atom.atom_id 
_chem_comp_atom.type_symbol 
_chem_comp_atom.pdbx_aromatic_flag 
_chem_comp_atom.pdbx_stereo_config 
_chem_comp_atom.pdbx_ordinal 
A   OP3    O N N 1   
A   P      P N N 2   
A   OP1    O N N 3   
A   OP2    O N N 4   
A   "O5'"  O N N 5   
A   "C5'"  C N N 6   
A   "C4'"  C N R 7   
A   "O4'"  O N N 8   
A   "C3'"  C N S 9   
A   "O3'"  O N N 10  
A   "C2'"  C N R 11  
A   "O2'"  O N N 12  
A   "C1'"  C N R 13  
A   N9     N Y N 14  
A   C8     C Y N 15  
A   N7     N Y N 16  
A   C5     C Y N 17  
A   C6     C Y N 18  
A   N6     N N N 19  
A   N1     N Y N 20  
A   C2     C Y N 21  
A   N3     N Y N 22  
A   C4     C Y N 23  
A   HOP3   H N N 24  
A   HOP2   H N N 25  
A   "H5'"  H N N 26  
A   "H5''" H N N 27  
A   "H4'"  H N N 28  
A   "H3'"  H N N 29  
A   "HO3'" H N N 30  
A   "H2'"  H N N 31  
A   "HO2'" H N N 32  
A   "H1'"  H N N 33  
A   H8     H N N 34  
A   H61    H N N 35  
A   H62    H N N 36  
A   H2     H N N 37  
AB9 C11    C N R 38  
AB9 C12    C N R 39  
AB9 C21    C N R 40  
AB9 C22    C N N 41  
AB9 C23    C N N 42  
AB9 C24    C N R 43  
AB9 C25    C N N 44  
AB9 C26    C N N 45  
AB9 C29    C N N 46  
AB9 C30    C N N 47  
AB9 C31    C N R 48  
AB9 C32    C N S 49  
AB9 C33    C N N 50  
AB9 C35    C N N 51  
AB9 O11    O N N 52  
AB9 N21    N N N 53  
AB9 O31    O N N 54  
AB9 C41    C N S 55  
AB9 O41    O N N 56  
AB9 C51    C N R 57  
AB9 O51    O N N 58  
AB9 C61    C N N 59  
AB9 N61    N N N 60  
AB9 N12    N N N 61  
AB9 N32    N N N 62  
AB9 C42    C N R 63  
AB9 C52    C N R 64  
AB9 O52    O N N 65  
AB9 C62    C N S 66  
AB9 O62    O N N 67  
AB9 N31    N N N 68  
AB9 N34    N N N 69  
AB9 O36    O N N 70  
AB9 N27    N N N 71  
AB9 O28    O N N 72  
AB9 H11    H N N 73  
AB9 H12    H N N 74  
AB9 H21    H N N 75  
AB9 H221   H N N 76  
AB9 H222   H N N 77  
AB9 H24    H N N 78  
AB9 H251   H N N 79  
AB9 H252   H N N 80  
AB9 H261   H N N 81  
AB9 H262   H N N 82  
AB9 H291   H N N 83  
AB9 H292   H N N 84  
AB9 H301   H N N 85  
AB9 H302   H N N 86  
AB9 H3     H N N 87  
AB9 H32    H N N 88  
AB9 H331   H N N 89  
AB9 H332   H N N 90  
AB9 H351   H N N 91  
AB9 H352   H N N 92  
AB9 H211   H N N 93  
AB9 H212   H N N 94  
AB9 H4     H N N 95  
AB9 H41    H N N 96  
AB9 H2     H N N 97  
AB9 H51    H N N 98  
AB9 H611   H N N 99  
AB9 H612   H N N 100 
AB9 H11A   H N N 101 
AB9 H12A   H N N 102 
AB9 H5     H N N 103 
AB9 H321   H N N 104 
AB9 H322   H N N 105 
AB9 H42    H N N 106 
AB9 H52    H N N 107 
AB9 H1     H N N 108 
AB9 H62    H N N 109 
AB9 H31    H N N 110 
AB9 H341   H N N 111 
AB9 H342   H N N 112 
AB9 H271   H N N 113 
AB9 H272   H N N 114 
AB9 H28    H N N 115 
C   OP3    O N N 116 
C   P      P N N 117 
C   OP1    O N N 118 
C   OP2    O N N 119 
C   "O5'"  O N N 120 
C   "C5'"  C N N 121 
C   "C4'"  C N R 122 
C   "O4'"  O N N 123 
C   "C3'"  C N S 124 
C   "O3'"  O N N 125 
C   "C2'"  C N R 126 
C   "O2'"  O N N 127 
C   "C1'"  C N R 128 
C   N1     N N N 129 
C   C2     C N N 130 
C   O2     O N N 131 
C   N3     N N N 132 
C   C4     C N N 133 
C   N4     N N N 134 
C   C5     C N N 135 
C   C6     C N N 136 
C   HOP3   H N N 137 
C   HOP2   H N N 138 
C   "H5'"  H N N 139 
C   "H5''" H N N 140 
C   "H4'"  H N N 141 
C   "H3'"  H N N 142 
C   "HO3'" H N N 143 
C   "H2'"  H N N 144 
C   "HO2'" H N N 145 
C   "H1'"  H N N 146 
C   H41    H N N 147 
C   H42    H N N 148 
C   H5     H N N 149 
C   H6     H N N 150 
G   OP3    O N N 151 
G   P      P N N 152 
G   OP1    O N N 153 
G   OP2    O N N 154 
G   "O5'"  O N N 155 
G   "C5'"  C N N 156 
G   "C4'"  C N R 157 
G   "O4'"  O N N 158 
G   "C3'"  C N S 159 
G   "O3'"  O N N 160 
G   "C2'"  C N R 161 
G   "O2'"  O N N 162 
G   "C1'"  C N R 163 
G   N9     N Y N 164 
G   C8     C Y N 165 
G   N7     N Y N 166 
G   C5     C Y N 167 
G   C6     C N N 168 
G   O6     O N N 169 
G   N1     N N N 170 
G   C2     C N N 171 
G   N2     N N N 172 
G   N3     N N N 173 
G   C4     C Y N 174 
G   HOP3   H N N 175 
G   HOP2   H N N 176 
G   "H5'"  H N N 177 
G   "H5''" H N N 178 
G   "H4'"  H N N 179 
G   "H3'"  H N N 180 
G   "HO3'" H N N 181 
G   "H2'"  H N N 182 
G   "HO2'" H N N 183 
G   "H1'"  H N N 184 
G   H8     H N N 185 
G   H1     H N N 186 
G   H21    H N N 187 
G   H22    H N N 188 
U   OP3    O N N 189 
U   P      P N N 190 
U   OP1    O N N 191 
U   OP2    O N N 192 
U   "O5'"  O N N 193 
U   "C5'"  C N N 194 
U   "C4'"  C N R 195 
U   "O4'"  O N N 196 
U   "C3'"  C N S 197 
U   "O3'"  O N N 198 
U   "C2'"  C N R 199 
U   "O2'"  O N N 200 
U   "C1'"  C N R 201 
U   N1     N N N 202 
U   C2     C N N 203 
U   O2     O N N 204 
U   N3     N N N 205 
U   C4     C N N 206 
U   O4     O N N 207 
U   C5     C N N 208 
U   C6     C N N 209 
U   HOP3   H N N 210 
U   HOP2   H N N 211 
U   "H5'"  H N N 212 
U   "H5''" H N N 213 
U   "H4'"  H N N 214 
U   "H3'"  H N N 215 
U   "HO3'" H N N 216 
U   "H2'"  H N N 217 
U   "HO2'" H N N 218 
U   "H1'"  H N N 219 
U   H3     H N N 220 
U   H5     H N N 221 
U   H6     H N N 222 
# 
loop_
_chem_comp_bond.comp_id 
_chem_comp_bond.atom_id_1 
_chem_comp_bond.atom_id_2 
_chem_comp_bond.value_order 
_chem_comp_bond.pdbx_aromatic_flag 
_chem_comp_bond.pdbx_stereo_config 
_chem_comp_bond.pdbx_ordinal 
A   OP3   P      sing N N 1   
A   OP3   HOP3   sing N N 2   
A   P     OP1    doub N N 3   
A   P     OP2    sing N N 4   
A   P     "O5'"  sing N N 5   
A   OP2   HOP2   sing N N 6   
A   "O5'" "C5'"  sing N N 7   
A   "C5'" "C4'"  sing N N 8   
A   "C5'" "H5'"  sing N N 9   
A   "C5'" "H5''" sing N N 10  
A   "C4'" "O4'"  sing N N 11  
A   "C4'" "C3'"  sing N N 12  
A   "C4'" "H4'"  sing N N 13  
A   "O4'" "C1'"  sing N N 14  
A   "C3'" "O3'"  sing N N 15  
A   "C3'" "C2'"  sing N N 16  
A   "C3'" "H3'"  sing N N 17  
A   "O3'" "HO3'" sing N N 18  
A   "C2'" "O2'"  sing N N 19  
A   "C2'" "C1'"  sing N N 20  
A   "C2'" "H2'"  sing N N 21  
A   "O2'" "HO2'" sing N N 22  
A   "C1'" N9     sing N N 23  
A   "C1'" "H1'"  sing N N 24  
A   N9    C8     sing Y N 25  
A   N9    C4     sing Y N 26  
A   C8    N7     doub Y N 27  
A   C8    H8     sing N N 28  
A   N7    C5     sing Y N 29  
A   C5    C6     sing Y N 30  
A   C5    C4     doub Y N 31  
A   C6    N6     sing N N 32  
A   C6    N1     doub Y N 33  
A   N6    H61    sing N N 34  
A   N6    H62    sing N N 35  
A   N1    C2     sing Y N 36  
A   C2    N3     doub Y N 37  
A   C2    H2     sing N N 38  
A   N3    C4     sing Y N 39  
AB9 C11   C21    sing N N 40  
AB9 C11   O11    sing N N 41  
AB9 C11   O51    sing N N 42  
AB9 C11   H11    sing N N 43  
AB9 C12   C22    sing N N 44  
AB9 C12   N12    sing N N 45  
AB9 C12   C62    sing N N 46  
AB9 C12   H12    sing N N 47  
AB9 C21   C31    sing N N 48  
AB9 C21   N21    sing N N 49  
AB9 C21   H21    sing N N 50  
AB9 C22   C32    sing N N 51  
AB9 C22   H221   sing N N 52  
AB9 C22   H222   sing N N 53  
AB9 C23   C24    sing N N 54  
AB9 C23   N12    sing N N 55  
AB9 C23   O36    doub N N 56  
AB9 C24   C25    sing N N 57  
AB9 C24   O28    sing N N 58  
AB9 C24   H24    sing N N 59  
AB9 C25   C26    sing N N 60  
AB9 C25   H251   sing N N 61  
AB9 C25   H252   sing N N 62  
AB9 C26   N27    sing N N 63  
AB9 C26   H261   sing N N 64  
AB9 C26   H262   sing N N 65  
AB9 C29   C30    sing N N 66  
AB9 C29   O62    sing N N 67  
AB9 C29   H291   sing N N 68  
AB9 C29   H292   sing N N 69  
AB9 C30   N31    sing N N 70  
AB9 C30   H301   sing N N 71  
AB9 C30   H302   sing N N 72  
AB9 C31   O31    sing N N 73  
AB9 C31   C41    sing N N 74  
AB9 C31   H3     sing N N 75  
AB9 C32   N32    sing N N 76  
AB9 C32   C42    sing N N 77  
AB9 C32   H32    sing N N 78  
AB9 C33   C35    sing N N 79  
AB9 C33   N34    sing N N 80  
AB9 C33   H331   sing N N 81  
AB9 C33   H332   sing N N 82  
AB9 C35   N31    sing N N 83  
AB9 C35   H351   sing N N 84  
AB9 C35   H352   sing N N 85  
AB9 O11   C42    sing N N 86  
AB9 N21   H211   sing N N 87  
AB9 N21   H212   sing N N 88  
AB9 O31   H4     sing N N 89  
AB9 C41   O41    sing N N 90  
AB9 C41   C51    sing N N 91  
AB9 C41   H41    sing N N 92  
AB9 O41   H2     sing N N 93  
AB9 C51   O51    sing N N 94  
AB9 C51   C61    sing N N 95  
AB9 C51   H51    sing N N 96  
AB9 C61   N61    sing N N 97  
AB9 C61   H611   sing N N 98  
AB9 C61   H612   sing N N 99  
AB9 N61   H11A   sing N N 100 
AB9 N61   H12A   sing N N 101 
AB9 N12   H5     sing N N 102 
AB9 N32   H321   sing N N 103 
AB9 N32   H322   sing N N 104 
AB9 C42   C52    sing N N 105 
AB9 C42   H42    sing N N 106 
AB9 C52   O52    sing N N 107 
AB9 C52   C62    sing N N 108 
AB9 C52   H52    sing N N 109 
AB9 O52   H1     sing N N 110 
AB9 C62   O62    sing N N 111 
AB9 C62   H62    sing N N 112 
AB9 N31   H31    sing N N 113 
AB9 N34   H341   sing N N 114 
AB9 N34   H342   sing N N 115 
AB9 N27   H271   sing N N 116 
AB9 N27   H272   sing N N 117 
AB9 O28   H28    sing N N 118 
C   OP3   P      sing N N 119 
C   OP3   HOP3   sing N N 120 
C   P     OP1    doub N N 121 
C   P     OP2    sing N N 122 
C   P     "O5'"  sing N N 123 
C   OP2   HOP2   sing N N 124 
C   "O5'" "C5'"  sing N N 125 
C   "C5'" "C4'"  sing N N 126 
C   "C5'" "H5'"  sing N N 127 
C   "C5'" "H5''" sing N N 128 
C   "C4'" "O4'"  sing N N 129 
C   "C4'" "C3'"  sing N N 130 
C   "C4'" "H4'"  sing N N 131 
C   "O4'" "C1'"  sing N N 132 
C   "C3'" "O3'"  sing N N 133 
C   "C3'" "C2'"  sing N N 134 
C   "C3'" "H3'"  sing N N 135 
C   "O3'" "HO3'" sing N N 136 
C   "C2'" "O2'"  sing N N 137 
C   "C2'" "C1'"  sing N N 138 
C   "C2'" "H2'"  sing N N 139 
C   "O2'" "HO2'" sing N N 140 
C   "C1'" N1     sing N N 141 
C   "C1'" "H1'"  sing N N 142 
C   N1    C2     sing N N 143 
C   N1    C6     sing N N 144 
C   C2    O2     doub N N 145 
C   C2    N3     sing N N 146 
C   N3    C4     doub N N 147 
C   C4    N4     sing N N 148 
C   C4    C5     sing N N 149 
C   N4    H41    sing N N 150 
C   N4    H42    sing N N 151 
C   C5    C6     doub N N 152 
C   C5    H5     sing N N 153 
C   C6    H6     sing N N 154 
G   OP3   P      sing N N 155 
G   OP3   HOP3   sing N N 156 
G   P     OP1    doub N N 157 
G   P     OP2    sing N N 158 
G   P     "O5'"  sing N N 159 
G   OP2   HOP2   sing N N 160 
G   "O5'" "C5'"  sing N N 161 
G   "C5'" "C4'"  sing N N 162 
G   "C5'" "H5'"  sing N N 163 
G   "C5'" "H5''" sing N N 164 
G   "C4'" "O4'"  sing N N 165 
G   "C4'" "C3'"  sing N N 166 
G   "C4'" "H4'"  sing N N 167 
G   "O4'" "C1'"  sing N N 168 
G   "C3'" "O3'"  sing N N 169 
G   "C3'" "C2'"  sing N N 170 
G   "C3'" "H3'"  sing N N 171 
G   "O3'" "HO3'" sing N N 172 
G   "C2'" "O2'"  sing N N 173 
G   "C2'" "C1'"  sing N N 174 
G   "C2'" "H2'"  sing N N 175 
G   "O2'" "HO2'" sing N N 176 
G   "C1'" N9     sing N N 177 
G   "C1'" "H1'"  sing N N 178 
G   N9    C8     sing Y N 179 
G   N9    C4     sing Y N 180 
G   C8    N7     doub Y N 181 
G   C8    H8     sing N N 182 
G   N7    C5     sing Y N 183 
G   C5    C6     sing N N 184 
G   C5    C4     doub Y N 185 
G   C6    O6     doub N N 186 
G   C6    N1     sing N N 187 
G   N1    C2     sing N N 188 
G   N1    H1     sing N N 189 
G   C2    N2     sing N N 190 
G   C2    N3     doub N N 191 
G   N2    H21    sing N N 192 
G   N2    H22    sing N N 193 
G   N3    C4     sing N N 194 
U   OP3   P      sing N N 195 
U   OP3   HOP3   sing N N 196 
U   P     OP1    doub N N 197 
U   P     OP2    sing N N 198 
U   P     "O5'"  sing N N 199 
U   OP2   HOP2   sing N N 200 
U   "O5'" "C5'"  sing N N 201 
U   "C5'" "C4'"  sing N N 202 
U   "C5'" "H5'"  sing N N 203 
U   "C5'" "H5''" sing N N 204 
U   "C4'" "O4'"  sing N N 205 
U   "C4'" "C3'"  sing N N 206 
U   "C4'" "H4'"  sing N N 207 
U   "O4'" "C1'"  sing N N 208 
U   "C3'" "O3'"  sing N N 209 
U   "C3'" "C2'"  sing N N 210 
U   "C3'" "H3'"  sing N N 211 
U   "O3'" "HO3'" sing N N 212 
U   "C2'" "O2'"  sing N N 213 
U   "C2'" "C1'"  sing N N 214 
U   "C2'" "H2'"  sing N N 215 
U   "O2'" "HO2'" sing N N 216 
U   "C1'" N1     sing N N 217 
U   "C1'" "H1'"  sing N N 218 
U   N1    C2     sing N N 219 
U   N1    C6     sing N N 220 
U   C2    O2     doub N N 221 
U   C2    N3     sing N N 222 
U   N3    C4     sing N N 223 
U   N3    H3     sing N N 224 
U   C4    O4     doub N N 225 
U   C4    C5     sing N N 226 
U   C5    C6     doub N N 227 
U   C5    H5     sing N N 228 
U   C6    H6     sing N N 229 
# 
loop_
_ndb_struct_conf_na.entry_id 
_ndb_struct_conf_na.feature 
2F4T 'double helix'         
2F4T 'a-form double helix'  
2F4T 'mismatched base pair' 
2F4T 'internal loop'        
# 
loop_
_ndb_struct_na_base_pair.model_number 
_ndb_struct_na_base_pair.i_label_asym_id 
_ndb_struct_na_base_pair.i_label_comp_id 
_ndb_struct_na_base_pair.i_label_seq_id 
_ndb_struct_na_base_pair.i_symmetry 
_ndb_struct_na_base_pair.j_label_asym_id 
_ndb_struct_na_base_pair.j_label_comp_id 
_ndb_struct_na_base_pair.j_label_seq_id 
_ndb_struct_na_base_pair.j_symmetry 
_ndb_struct_na_base_pair.shear 
_ndb_struct_na_base_pair.stretch 
_ndb_struct_na_base_pair.stagger 
_ndb_struct_na_base_pair.buckle 
_ndb_struct_na_base_pair.propeller 
_ndb_struct_na_base_pair.opening 
_ndb_struct_na_base_pair.pair_number 
_ndb_struct_na_base_pair.pair_name 
_ndb_struct_na_base_pair.i_auth_asym_id 
_ndb_struct_na_base_pair.i_auth_seq_id 
_ndb_struct_na_base_pair.i_PDB_ins_code 
_ndb_struct_na_base_pair.j_auth_asym_id 
_ndb_struct_na_base_pair.j_auth_seq_id 
_ndb_struct_na_base_pair.j_PDB_ins_code 
_ndb_struct_na_base_pair.hbond_type_28 
_ndb_struct_na_base_pair.hbond_type_12 
1 A G 1  1_555 B C 23 1_555 -0.733 -0.277 -0.350 -2.953  -3.791  -11.731 1  A_G1403:C1498_B A 1403 ? B 1498 ? 19 1 
1 A C 2  1_555 B G 22 1_555 0.816  -0.620 -0.026 3.369   -23.796 1.848   2  A_C1404:G1497_B A 1404 ? B 1497 ? 19 1 
1 A G 3  1_555 B C 21 1_555 0.212  -0.109 -0.330 -5.403  -11.673 2.385   3  A_G1405:C1496_B A 1405 ? B 1496 ? 19 1 
1 A U 4  1_555 B U 20 1_555 -2.042 -0.777 -0.108 5.078   -1.040  -18.633 4  A_U1406:U1495_B A 1406 ? B 1495 ? ?  ? 
1 A C 5  1_555 B G 19 1_555 -0.040 -0.478 0.265  -1.829  4.140   -6.040  5  A_C1407:G1494_B A 1407 ? B 1494 ? 19 1 
1 A C 7  1_555 B G 16 1_555 0.204  0.105  -0.011 4.353   -19.813 4.100   6  A_C1409:G1491_B A 1409 ? B 1491 ? 19 1 
1 A A 8  1_555 B U 15 1_555 0.536  -0.219 0.233  3.792   -12.856 2.288   7  A_A1410:U1490_B A 1410 ? B 1490 ? 20 1 
1 A C 9  1_555 B G 14 1_555 -0.650 -0.256 0.138  5.089   -12.573 -0.547  8  A_C1411:G1489_B A 1411 ? B 1489 ? 19 1 
1 A C 10 1_555 B G 13 1_555 0.233  -0.310 0.196  -4.089  -2.975  -5.185  9  A_C1412:G1488_B A 1412 ? B 1488 ? 19 1 
1 A G 11 1_555 B C 12 1_555 0.659  0.216  0.027  -1.051  -12.131 2.917   10 A_G1488:C1412_B A 1488 ? B 1412 ? 19 1 
1 A G 12 1_555 B C 11 1_555 -0.528 -0.281 -0.017 -6.655  -11.728 -7.080  11 A_G1489:C1411_B A 1489 ? B 1411 ? 19 1 
1 A U 13 1_555 B A 10 1_555 1.423  -0.371 0.320  -8.508  -12.144 0.631   12 A_U1490:A1410_B A 1490 ? B 1410 ? 20 1 
1 A G 14 1_555 B C 9  1_555 0.429  -0.383 0.610  7.574   -3.228  0.904   13 A_G1491:C1409_B A 1491 ? B 1409 ? 19 1 
1 A G 17 1_555 B C 7  1_555 1.106  0.091  0.593  9.106   -12.344 0.471   14 A_G1494:C1407_B A 1494 ? B 1407 ? 19 1 
1 A U 18 1_555 B U 6  1_555 -0.836 -1.793 0.374  10.402  -14.657 -6.107  15 A_U1495:U1406_B A 1495 ? B 1406 ? ?  ? 
1 A C 19 1_555 B G 5  1_555 -1.118 -0.251 0.107  0.764   -9.503  -12.524 16 A_C1496:G1405_B A 1496 ? B 1405 ? 19 1 
1 A G 20 1_555 B C 4  1_555 -0.613 -0.295 -0.476 -14.824 -10.875 -10.240 17 A_G1497:C1404_B A 1497 ? B 1404 ? 19 1 
1 A C 21 1_555 B G 3  1_555 0.570  -0.433 0.129  -14.598 -4.340  -2.911  18 A_C1498:G1403_B A 1498 ? B 1403 ? 19 1 
# 
loop_
_ndb_struct_na_base_pair_step.model_number 
_ndb_struct_na_base_pair_step.i_label_asym_id_1 
_ndb_struct_na_base_pair_step.i_label_comp_id_1 
_ndb_struct_na_base_pair_step.i_label_seq_id_1 
_ndb_struct_na_base_pair_step.i_symmetry_1 
_ndb_struct_na_base_pair_step.j_label_asym_id_1 
_ndb_struct_na_base_pair_step.j_label_comp_id_1 
_ndb_struct_na_base_pair_step.j_label_seq_id_1 
_ndb_struct_na_base_pair_step.j_symmetry_1 
_ndb_struct_na_base_pair_step.i_label_asym_id_2 
_ndb_struct_na_base_pair_step.i_label_comp_id_2 
_ndb_struct_na_base_pair_step.i_label_seq_id_2 
_ndb_struct_na_base_pair_step.i_symmetry_2 
_ndb_struct_na_base_pair_step.j_label_asym_id_2 
_ndb_struct_na_base_pair_step.j_label_comp_id_2 
_ndb_struct_na_base_pair_step.j_label_seq_id_2 
_ndb_struct_na_base_pair_step.j_symmetry_2 
_ndb_struct_na_base_pair_step.shift 
_ndb_struct_na_base_pair_step.slide 
_ndb_struct_na_base_pair_step.rise 
_ndb_struct_na_base_pair_step.tilt 
_ndb_struct_na_base_pair_step.roll 
_ndb_struct_na_base_pair_step.twist 
_ndb_struct_na_base_pair_step.x_displacement 
_ndb_struct_na_base_pair_step.y_displacement 
_ndb_struct_na_base_pair_step.helical_rise 
_ndb_struct_na_base_pair_step.inclination 
_ndb_struct_na_base_pair_step.tip 
_ndb_struct_na_base_pair_step.helical_twist 
_ndb_struct_na_base_pair_step.step_number 
_ndb_struct_na_base_pair_step.step_name 
_ndb_struct_na_base_pair_step.i_auth_asym_id_1 
_ndb_struct_na_base_pair_step.i_auth_seq_id_1 
_ndb_struct_na_base_pair_step.i_PDB_ins_code_1 
_ndb_struct_na_base_pair_step.j_auth_asym_id_1 
_ndb_struct_na_base_pair_step.j_auth_seq_id_1 
_ndb_struct_na_base_pair_step.j_PDB_ins_code_1 
_ndb_struct_na_base_pair_step.i_auth_asym_id_2 
_ndb_struct_na_base_pair_step.i_auth_seq_id_2 
_ndb_struct_na_base_pair_step.i_PDB_ins_code_2 
_ndb_struct_na_base_pair_step.j_auth_asym_id_2 
_ndb_struct_na_base_pair_step.j_auth_seq_id_2 
_ndb_struct_na_base_pair_step.j_PDB_ins_code_2 
1 A G 1  1_555 B C 23 1_555 A C 2  1_555 B G 22 1_555 0.102  -1.707 3.290 -1.952 3.463  40.030 -2.869 -0.366 3.129 5.044  2.843  
40.218 1  AA_G1403C1404:G1497C1498_BB A 1403 ? B 1498 ? A 1404 ? B 1497 ? 
1 A C 2  1_555 B G 22 1_555 A G 3  1_555 B C 21 1_555 -0.448 -1.451 3.465 1.092  9.106  29.375 -4.509 1.057  2.878 17.430 -2.089 
30.743 2  AA_C1404G1405:C1496G1497_BB A 1404 ? B 1497 ? A 1405 ? B 1496 ? 
1 A G 3  1_555 B C 21 1_555 A U 4  1_555 B U 20 1_555 -0.790 -2.083 3.107 -1.824 5.367  21.679 -7.123 1.436  2.579 13.964 4.747  
22.400 3  AA_G1405U1406:U1495C1496_BB A 1405 ? B 1496 ? A 1406 ? B 1495 ? 
1 A U 4  1_555 B U 20 1_555 A C 5  1_555 B G 19 1_555 1.480  -2.602 3.616 -1.106 -1.204 40.161 -3.634 -2.294 3.649 -1.752 1.610  
40.193 4  AA_U1406C1407:G1494U1495_BB A 1406 ? B 1495 ? A 1407 ? B 1494 ? 
1 A C 5  1_555 B G 19 1_555 A C 7  1_555 B G 16 1_555 1.240  -3.561 6.209 -6.439 17.806 81.917 -3.437 -1.207 5.398 13.422 4.854  
83.700 5  AA_C1407C1409:G1491G1494_BB A 1407 ? B 1494 ? A 1409 ? B 1491 ? 
1 A C 7  1_555 B G 16 1_555 A A 8  1_555 B U 15 1_555 -0.247 -1.608 3.262 -3.501 9.185  31.439 -4.306 -0.122 2.709 16.454 6.272  
32.903 6  AA_C1409A1410:U1490G1491_BB A 1409 ? B 1491 ? A 1410 ? B 1490 ? 
1 A A 8  1_555 B U 15 1_555 A C 9  1_555 B G 14 1_555 0.898  -2.105 3.059 1.236  6.317  23.001 -6.857 -1.824 2.445 15.457 -3.025 
23.873 7  AA_A1410C1411:G1489U1490_BB A 1410 ? B 1490 ? A 1411 ? B 1489 ? 
1 A C 9  1_555 B G 14 1_555 A C 10 1_555 B G 13 1_555 -0.966 -2.026 3.413 -3.036 5.969  36.563 -3.981 1.109  3.123 9.416  4.790  
37.151 8  AA_C1411C1412:G1488G1489_BB A 1411 ? B 1489 ? A 1412 ? B 1488 ? 
1 A C 10 1_555 B G 13 1_555 A G 11 1_555 B C 12 1_555 -0.057 -1.692 3.180 1.013  7.609  31.339 -4.283 0.267  2.702 13.828 -1.841 
32.242 9  AA_C1412G1488:C1412G1488_BB A 1412 ? B 1488 ? A 1488 ? B 1412 ? 
1 A G 11 1_555 B C 12 1_555 A G 12 1_555 B C 11 1_555 -0.256 -1.775 3.237 -1.702 9.019  27.370 -5.390 0.170  2.546 18.416 3.475  
28.840 10 AA_G1488G1489:C1411C1412_BB A 1488 ? B 1412 ? A 1489 ? B 1411 ? 
1 A G 12 1_555 B C 11 1_555 A U 13 1_555 B A 10 1_555 1.028  -1.291 3.323 0.536  5.808  43.310 -2.287 -1.331 3.145 7.826  -0.722 
43.682 11 AA_G1489U1490:A1410C1411_BB A 1489 ? B 1411 ? A 1490 ? B 1410 ? 
1 A U 13 1_555 B A 10 1_555 A G 14 1_555 B C 9  1_555 0.160  -1.876 2.509 1.890  9.107  26.469 -5.328 -0.030 1.783 19.152 -3.974 
28.028 12 AA_U1490G1491:C1409A1410_BB A 1490 ? B 1410 ? A 1491 ? B 1409 ? 
1 A G 14 1_555 B C 9  1_555 A G 17 1_555 B C 7  1_555 -0.676 -1.845 6.086 5.601  16.308 69.080 -2.608 0.932  5.528 14.160 -4.863 
70.939 13 AA_G1491G1494:C1407C1409_BB A 1491 ? B 1409 ? A 1494 ? B 1407 ? 
1 A G 17 1_555 B C 7  1_555 A U 18 1_555 B U 6  1_555 -0.427 -1.753 2.869 -2.560 4.525  31.561 -3.874 0.383  2.625 8.249  4.667  
31.975 14 AA_G1494U1495:U1406C1407_BB A 1494 ? B 1407 ? A 1495 ? B 1406 ? 
1 A U 18 1_555 B U 6  1_555 A C 19 1_555 B G 5  1_555 -0.607 -1.994 3.500 1.056  3.959  32.818 -4.194 1.251  3.223 6.974  -1.859 
33.066 15 AA_U1495C1496:G1405U1406_BB A 1495 ? B 1406 ? A 1496 ? B 1405 ? 
1 A C 19 1_555 B G 5  1_555 A G 20 1_555 B C 4  1_555 0.409  -2.604 3.732 4.954  10.359 34.837 -5.623 0.058  2.896 16.748 -8.011 
36.625 16 AA_C1496G1497:C1404G1405_BB A 1496 ? B 1405 ? A 1497 ? B 1404 ? 
1 A G 20 1_555 B C 4  1_555 A C 21 1_555 B G 3  1_555 0.932  -1.730 3.294 -0.589 3.507  34.626 -3.415 -1.646 3.094 5.872  0.986  
34.803 17 AA_G1497C1498:G1403C1404_BB A 1497 ? B 1404 ? A 1498 ? B 1403 ? 
# 
_atom_sites.entry_id                    2F4T 
_atom_sites.fract_transf_matrix[1][1]   0.01630835 
_atom_sites.fract_transf_matrix[1][2]   -0.01364243 
_atom_sites.fract_transf_matrix[1][3]   0.00505606 
_atom_sites.fract_transf_matrix[2][1]   -0.00754608 
_atom_sites.fract_transf_matrix[2][2]   -0.01772299 
_atom_sites.fract_transf_matrix[2][3]   -0.02348084 
_atom_sites.fract_transf_matrix[3][1]   0.01488822 
_atom_sites.fract_transf_matrix[3][2]   0.00986799 
_atom_sites.fract_transf_matrix[3][3]   -0.01223286 
_atom_sites.fract_transf_vector[1]      0.260927 
_atom_sites.fract_transf_vector[2]      0.040535 
_atom_sites.fract_transf_vector[3]      0.313640 
# 
loop_
_atom_type.symbol 
C 
N 
O 
P 
# 
loop_
_atom_site.group_PDB 
_atom_site.id 
_atom_site.type_symbol 
_atom_site.label_atom_id 
_atom_site.label_alt_id 
_atom_site.label_comp_id 
_atom_site.label_asym_id 
_atom_site.label_entity_id 
_atom_site.label_seq_id 
_atom_site.pdbx_PDB_ins_code 
_atom_site.Cartn_x 
_atom_site.Cartn_y 
_atom_site.Cartn_z 
_atom_site.occupancy 
_atom_site.B_iso_or_equiv 
_atom_site.pdbx_formal_charge 
_atom_site.auth_seq_id 
_atom_site.auth_comp_id 
_atom_site.auth_asym_id 
_atom_site.auth_atom_id 
_atom_site.pdbx_PDB_model_num 
ATOM   1   O "O5'" . G   A 1 1  ? 12.838  21.832  -9.203  1.00 115.39 ? 1403 G   A "O5'" 1 
ATOM   2   C "C5'" . G   A 1 1  ? 13.537  21.340  -10.361 1.00 115.63 ? 1403 G   A "C5'" 1 
ATOM   3   C "C4'" . G   A 1 1  ? 14.985  20.904  -10.176 1.00 109.08 ? 1403 G   A "C4'" 1 
ATOM   4   O "O4'" . G   A 1 1  ? 15.707  21.890  -9.385  1.00 107.10 ? 1403 G   A "O4'" 1 
ATOM   5   C "C3'" . G   A 1 1  ? 15.233  19.596  -9.435  1.00 107.78 ? 1403 G   A "C3'" 1 
ATOM   6   O "O3'" . G   A 1 1  ? 15.061  18.446  -10.267 1.00 102.89 ? 1403 G   A "O3'" 1 
ATOM   7   C "C2'" . G   A 1 1  ? 16.681  19.756  -8.979  1.00 108.33 ? 1403 G   A "C2'" 1 
ATOM   8   O "O2'" . G   A 1 1  ? 17.624  19.493  -10.000 1.00 100.30 ? 1403 G   A "O2'" 1 
ATOM   9   C "C1'" . G   A 1 1  ? 16.728  21.247  -8.629  1.00 103.14 ? 1403 G   A "C1'" 1 
ATOM   10  N N9    . G   A 1 1  ? 16.524  21.532  -7.206  1.00 99.32  ? 1403 G   A N9    1 
ATOM   11  C C8    . G   A 1 1  ? 15.523  22.292  -6.648  1.00 102.40 ? 1403 G   A C8    1 
ATOM   12  N N7    . G   A 1 1  ? 15.604  22.376  -5.346  1.00 101.06 ? 1403 G   A N7    1 
ATOM   13  C C5    . G   A 1 1  ? 16.726  21.627  -5.019  1.00 92.36  ? 1403 G   A C5    1 
ATOM   14  C C6    . G   A 1 1  ? 17.311  21.352  -3.754  1.00 86.86  ? 1403 G   A C6    1 
ATOM   15  O O6    . G   A 1 1  ? 16.943  21.729  -2.636  1.00 78.76  ? 1403 G   A O6    1 
ATOM   16  N N1    . G   A 1 1  ? 18.435  20.550  -3.876  1.00 79.46  ? 1403 G   A N1    1 
ATOM   17  C C2    . G   A 1 1  ? 18.939  20.072  -5.055  1.00 83.20  ? 1403 G   A C2    1 
ATOM   18  N N2    . G   A 1 1  ? 20.042  19.320  -4.958  1.00 91.27  ? 1403 G   A N2    1 
ATOM   19  N N3    . G   A 1 1  ? 18.405  20.314  -6.242  1.00 91.74  ? 1403 G   A N3    1 
ATOM   20  C C4    . G   A 1 1  ? 17.307  21.095  -6.151  1.00 95.18  ? 1403 G   A C4    1 
ATOM   21  P P     . C   A 1 2  ? 14.696  17.022  -9.602  1.00 105.02 ? 1404 C   A P     1 
ATOM   22  O OP1   . C   A 1 2  ? 14.786  15.993  -10.672 1.00 112.17 ? 1404 C   A OP1   1 
ATOM   23  O OP2   . C   A 1 2  ? 13.438  17.158  -8.825  1.00 106.47 ? 1404 C   A OP2   1 
ATOM   24  O "O5'" . C   A 1 2  ? 15.881  16.747  -8.578  1.00 90.12  ? 1404 C   A "O5'" 1 
ATOM   25  C "C5'" . C   A 1 2  ? 17.159  16.290  -9.043  1.00 84.03  ? 1404 C   A "C5'" 1 
ATOM   26  C "C4'" . C   A 1 2  ? 17.980  15.778  -7.889  1.00 84.84  ? 1404 C   A "C4'" 1 
ATOM   27  O "O4'" . C   A 1 2  ? 18.252  16.859  -6.957  1.00 75.11  ? 1404 C   A "O4'" 1 
ATOM   28  C "C3'" . C   A 1 2  ? 17.287  14.733  -7.039  1.00 91.12  ? 1404 C   A "C3'" 1 
ATOM   29  O "O3'" . C   A 1 2  ? 17.348  13.443  -7.637  1.00 91.10  ? 1404 C   A "O3'" 1 
ATOM   30  C "C2'" . C   A 1 2  ? 18.032  14.843  -5.715  1.00 81.17  ? 1404 C   A "C2'" 1 
ATOM   31  O "O2'" . C   A 1 2  ? 19.274  14.170  -5.723  1.00 88.63  ? 1404 C   A "O2'" 1 
ATOM   32  C "C1'" . C   A 1 2  ? 18.260  16.354  -5.630  1.00 72.76  ? 1404 C   A "C1'" 1 
ATOM   33  N N1    . C   A 1 2  ? 17.220  17.060  -4.863  1.00 71.24  ? 1404 C   A N1    1 
ATOM   34  C C2    . C   A 1 2  ? 17.387  17.227  -3.478  1.00 70.77  ? 1404 C   A C2    1 
ATOM   35  O O2    . C   A 1 2  ? 18.408  16.791  -2.938  1.00 83.29  ? 1404 C   A O2    1 
ATOM   36  N N3    . C   A 1 2  ? 16.430  17.858  -2.767  1.00 57.94  ? 1404 C   A N3    1 
ATOM   37  C C4    . C   A 1 2  ? 15.339  18.316  -3.382  1.00 76.94  ? 1404 C   A C4    1 
ATOM   38  N N4    . C   A 1 2  ? 14.409  18.924  -2.641  1.00 81.56  ? 1404 C   A N4    1 
ATOM   39  C C5    . C   A 1 2  ? 15.146  18.172  -4.788  1.00 85.87  ? 1404 C   A C5    1 
ATOM   40  C C6    . C   A 1 2  ? 16.104  17.545  -5.484  1.00 76.68  ? 1404 C   A C6    1 
ATOM   41  P P     . G   A 1 3  ? 16.357  12.291  -7.125  1.00 82.52  ? 1405 G   A P     1 
ATOM   42  O OP1   . G   A 1 3  ? 16.673  11.065  -7.907  1.00 77.69  ? 1405 G   A OP1   1 
ATOM   43  O OP2   . G   A 1 3  ? 14.965  12.822  -7.131  1.00 81.81  ? 1405 G   A OP2   1 
ATOM   44  O "O5'" . G   A 1 3  ? 16.818  12.080  -5.611  1.00 78.51  ? 1405 G   A "O5'" 1 
ATOM   45  C "C5'" . G   A 1 3  ? 18.069  11.424  -5.307  1.00 83.22  ? 1405 G   A "C5'" 1 
ATOM   46  C "C4'" . G   A 1 3  ? 18.194  11.156  -3.820  1.00 88.67  ? 1405 G   A "C4'" 1 
ATOM   47  O "O4'" . G   A 1 3  ? 18.375  12.406  -3.109  1.00 84.89  ? 1405 G   A "O4'" 1 
ATOM   48  C "C3'" . G   A 1 3  ? 17.010  10.491  -3.130  1.00 91.85  ? 1405 G   A "C3'" 1 
ATOM   49  O "O3'" . G   A 1 3  ? 16.998  9.074   -3.293  1.00 99.45  ? 1405 G   A "O3'" 1 
ATOM   50  C "C2'" . G   A 1 3  ? 17.225  10.901  -1.679  1.00 91.80  ? 1405 G   A "C2'" 1 
ATOM   51  O "O2'" . G   A 1 3  ? 18.215  10.115  -1.042  1.00 92.65  ? 1405 G   A "O2'" 1 
ATOM   52  C "C1'" . G   A 1 3  ? 17.730  12.336  -1.849  1.00 80.83  ? 1405 G   A "C1'" 1 
ATOM   53  N N9    . G   A 1 3  ? 16.646  13.311  -1.856  1.00 71.29  ? 1405 G   A N9    1 
ATOM   54  C C8    . G   A 1 3  ? 15.972  13.784  -2.958  1.00 74.02  ? 1405 G   A C8    1 
ATOM   55  N N7    . G   A 1 3  ? 15.053  14.659  -2.660  1.00 76.66  ? 1405 G   A N7    1 
ATOM   56  C C5    . G   A 1 3  ? 15.120  14.768  -1.278  1.00 71.94  ? 1405 G   A C5    1 
ATOM   57  C C6    . G   A 1 3  ? 14.359  15.558  -0.385  1.00 67.11  ? 1405 G   A C6    1 
ATOM   58  O O6    . G   A 1 3  ? 13.429  16.328  -0.642  1.00 65.86  ? 1405 G   A O6    1 
ATOM   59  N N1    . G   A 1 3  ? 14.764  15.375  0.931   1.00 59.80  ? 1405 G   A N1    1 
ATOM   60  C C2    . G   A 1 3  ? 15.757  14.530  1.341   1.00 60.51  ? 1405 G   A C2    1 
ATOM   61  N N2    . G   A 1 3  ? 16.001  14.512  2.660   1.00 57.36  ? 1405 G   A N2    1 
ATOM   62  N N3    . G   A 1 3  ? 16.462  13.767  0.521   1.00 59.23  ? 1405 G   A N3    1 
ATOM   63  C C4    . G   A 1 3  ? 16.097  13.941  -0.766  1.00 65.93  ? 1405 G   A C4    1 
ATOM   64  P P     . U   A 1 4  ? 15.672  8.238   -2.921  1.00 112.77 ? 1406 U   A P     1 
ATOM   65  O OP1   . U   A 1 4  ? 15.934  6.814   -3.259  1.00 123.49 ? 1406 U   A OP1   1 
ATOM   66  O OP2   . U   A 1 4  ? 14.511  8.926   -3.536  1.00 118.23 ? 1406 U   A OP2   1 
ATOM   67  O "O5'" . U   A 1 4  ? 15.570  8.358   -1.331  1.00 107.10 ? 1406 U   A "O5'" 1 
ATOM   68  C "C5'" . U   A 1 4  ? 14.324  8.112   -0.646  1.00 104.46 ? 1406 U   A "C5'" 1 
ATOM   69  C "C4'" . U   A 1 4  ? 14.524  8.125   0.857   1.00 109.42 ? 1406 U   A "C4'" 1 
ATOM   70  O "O4'" . U   A 1 4  ? 15.139  9.381   1.272   1.00 113.34 ? 1406 U   A "O4'" 1 
ATOM   71  C "C3'" . U   A 1 4  ? 13.225  8.097   1.645   1.00 110.50 ? 1406 U   A "C3'" 1 
ATOM   72  O "O3'" . U   A 1 4  ? 12.639  6.820   1.769   1.00 106.96 ? 1406 U   A "O3'" 1 
ATOM   73  C "C2'" . U   A 1 4  ? 13.619  8.723   2.971   1.00 107.84 ? 1406 U   A "C2'" 1 
ATOM   74  O "O2'" . U   A 1 4  ? 14.300  7.830   3.833   1.00 107.88 ? 1406 U   A "O2'" 1 
ATOM   75  C "C1'" . U   A 1 4  ? 14.536  9.846   2.483   1.00 108.40 ? 1406 U   A "C1'" 1 
ATOM   76  N N1    . U   A 1 4  ? 13.745  11.052  2.173   1.00 99.89  ? 1406 U   A N1    1 
ATOM   77  C C2    . U   A 1 4  ? 13.235  11.806  3.229   1.00 95.94  ? 1406 U   A C2    1 
ATOM   78  O O2    . U   A 1 4  ? 13.487  11.578  4.403   1.00 96.00  ? 1406 U   A O2    1 
ATOM   79  N N3    . U   A 1 4  ? 12.423  12.846  2.852   1.00 94.23  ? 1406 U   A N3    1 
ATOM   80  C C4    . U   A 1 4  ? 12.095  13.220  1.565   1.00 90.12  ? 1406 U   A C4    1 
ATOM   81  O O4    . U   A 1 4  ? 11.275  14.113  1.390   1.00 88.74  ? 1406 U   A O4    1 
ATOM   82  C C5    . U   A 1 4  ? 12.699  12.438  0.540   1.00 96.39  ? 1406 U   A C5    1 
ATOM   83  C C6    . U   A 1 4  ? 13.484  11.409  0.867   1.00 100.68 ? 1406 U   A C6    1 
ATOM   84  P P     . C   A 1 5  ? 11.048  6.687   1.627   1.00 110.15 ? 1407 C   A P     1 
ATOM   85  O OP1   . C   A 1 5  ? 10.659  5.274   1.902   1.00 113.25 ? 1407 C   A OP1   1 
ATOM   86  O OP2   . C   A 1 5  ? 10.667  7.324   0.343   1.00 105.25 ? 1407 C   A OP2   1 
ATOM   87  O "O5'" . C   A 1 5  ? 10.489  7.606   2.801   1.00 94.16  ? 1407 C   A "O5'" 1 
ATOM   88  C "C5'" . C   A 1 5  ? 10.810  7.313   4.157   1.00 77.59  ? 1407 C   A "C5'" 1 
ATOM   89  C "C4'" . C   A 1 5  ? 10.108  8.261   5.082   1.00 58.52  ? 1407 C   A "C4'" 1 
ATOM   90  O "O4'" . C   A 1 5  ? 10.536  9.612   4.791   1.00 60.92  ? 1407 C   A "O4'" 1 
ATOM   91  C "C3'" . C   A 1 5  ? 8.599   8.341   4.971   1.00 65.41  ? 1407 C   A "C3'" 1 
ATOM   92  O "O3'" . C   A 1 5  ? 7.948   7.255   5.618   1.00 76.71  ? 1407 C   A "O3'" 1 
ATOM   93  C "C2'" . C   A 1 5  ? 8.322   9.687   5.636   1.00 63.13  ? 1407 C   A "C2'" 1 
ATOM   94  O "O2'" . C   A 1 5  ? 8.383   9.672   7.050   1.00 74.57  ? 1407 C   A "O2'" 1 
ATOM   95  C "C1'" . C   A 1 5  ? 9.486   10.520  5.101   1.00 56.15  ? 1407 C   A "C1'" 1 
ATOM   96  N N1    . C   A 1 5  ? 9.089   11.212  3.872   1.00 48.36  ? 1407 C   A N1    1 
ATOM   97  C C2    . C   A 1 5  ? 8.191   12.284  3.957   1.00 56.88  ? 1407 C   A C2    1 
ATOM   98  O O2    . C   A 1 5  ? 7.859   12.706  5.078   1.00 47.40  ? 1407 C   A O2    1 
ATOM   99  N N3    . C   A 1 5  ? 7.725   12.838  2.815   1.00 48.61  ? 1407 C   A N3    1 
ATOM   100 C C4    . C   A 1 5  ? 8.158   12.388  1.633   1.00 42.39  ? 1407 C   A C4    1 
ATOM   101 N N4    . C   A 1 5  ? 7.661   12.935  0.526   1.00 48.10  ? 1407 C   A N4    1 
ATOM   102 C C5    . C   A 1 5  ? 9.119   11.352  1.529   1.00 33.81  ? 1407 C   A C5    1 
ATOM   103 C C6    . C   A 1 5  ? 9.553   10.798  2.658   1.00 40.72  ? 1407 C   A C6    1 
ATOM   104 P P     . A   A 1 6  ? 6.443   6.862   5.196   1.00 94.45  ? 1408 A   A P     1 
ATOM   105 O OP1   . A   A 1 6  ? 6.016   5.717   6.043   1.00 104.85 ? 1408 A   A OP1   1 
ATOM   106 O OP2   . A   A 1 6  ? 6.384   6.745   3.717   1.00 88.32  ? 1408 A   A OP2   1 
ATOM   107 O "O5'" . A   A 1 6  ? 5.561   8.110   5.636   1.00 73.18  ? 1408 A   A "O5'" 1 
ATOM   108 C "C5'" . A   A 1 6  ? 5.514   8.527   7.002   1.00 55.64  ? 1408 A   A "C5'" 1 
ATOM   109 C "C4'" . A   A 1 6  ? 4.813   9.851   7.104   1.00 57.07  ? 1408 A   A "C4'" 1 
ATOM   110 O "O4'" . A   A 1 6  ? 5.464   10.781  6.208   1.00 53.65  ? 1408 A   A "O4'" 1 
ATOM   111 C "C3'" . A   A 1 6  ? 3.380   9.838   6.616   1.00 64.55  ? 1408 A   A "C3'" 1 
ATOM   112 O "O3'" . A   A 1 6  ? 2.503   9.366   7.622   1.00 76.89  ? 1408 A   A "O3'" 1 
ATOM   113 C "C2'" . A   A 1 6  ? 3.143   11.295  6.238   1.00 59.01  ? 1408 A   A "C2'" 1 
ATOM   114 O "O2'" . A   A 1 6  ? 2.833   12.125  7.338   1.00 54.11  ? 1408 A   A "O2'" 1 
ATOM   115 C "C1'" . A   A 1 6  ? 4.508   11.671  5.659   1.00 46.40  ? 1408 A   A "C1'" 1 
ATOM   116 N N9    . A   A 1 6  ? 4.581   11.581  4.201   1.00 47.51  ? 1408 A   A N9    1 
ATOM   117 C C8    . A   A 1 6  ? 5.248   10.666  3.417   1.00 53.65  ? 1408 A   A C8    1 
ATOM   118 N N7    . A   A 1 6  ? 5.109   10.875  2.129   1.00 45.78  ? 1408 A   A N7    1 
ATOM   119 C C5    . A   A 1 6  ? 4.302   12.003  2.063   1.00 36.04  ? 1408 A   A C5    1 
ATOM   120 C C6    . A   A 1 6  ? 3.807   12.745  0.986   1.00 46.26  ? 1408 A   A C6    1 
ATOM   121 N N6    . A   A 1 6  ? 4.066   12.463  -0.297  1.00 56.16  ? 1408 A   A N6    1 
ATOM   122 N N1    . A   A 1 6  ? 3.030   13.812  1.266   1.00 42.81  ? 1408 A   A N1    1 
ATOM   123 C C2    . A   A 1 6  ? 2.785   14.110  2.542   1.00 41.45  ? 1408 A   A C2    1 
ATOM   124 N N3    . A   A 1 6  ? 3.201   13.498  3.642   1.00 47.17  ? 1408 A   A N3    1 
ATOM   125 C C4    . A   A 1 6  ? 3.966   12.442  3.329   1.00 43.26  ? 1408 A   A C4    1 
ATOM   126 P P     . C   A 1 7  ? 1.255   8.449   7.214   1.00 79.61  ? 1409 C   A P     1 
ATOM   127 O OP1   . C   A 1 7  ? 0.529   8.146   8.480   1.00 81.23  ? 1409 C   A OP1   1 
ATOM   128 O OP2   . C   A 1 7  ? 1.749   7.331   6.363   1.00 74.34  ? 1409 C   A OP2   1 
ATOM   129 O "O5'" . C   A 1 7  ? 0.357   9.425   6.332   1.00 66.22  ? 1409 C   A "O5'" 1 
ATOM   130 C "C5'" . C   A 1 7  ? -0.448  10.437  6.958   1.00 63.56  ? 1409 C   A "C5'" 1 
ATOM   131 C "C4'" . C   A 1 7  ? -1.261  11.168  5.925   1.00 70.21  ? 1409 C   A "C4'" 1 
ATOM   132 O "O4'" . C   A 1 7  ? -0.366  11.932  5.080   1.00 73.02  ? 1409 C   A "O4'" 1 
ATOM   133 C "C3'" . C   A 1 7  ? -2.024  10.308  4.931   1.00 74.81  ? 1409 C   A "C3'" 1 
ATOM   134 O "O3'" . C   A 1 7  ? -3.240  9.776   5.436   1.00 75.24  ? 1409 C   A "O3'" 1 
ATOM   135 C "C2'" . C   A 1 7  ? -2.226  11.275  3.777   1.00 71.84  ? 1409 C   A "C2'" 1 
ATOM   136 O "O2'" . C   A 1 7  ? -3.204  12.267  4.017   1.00 76.06  ? 1409 C   A "O2'" 1 
ATOM   137 C "C1'" . C   A 1 7  ? -0.865  11.953  3.750   1.00 58.90  ? 1409 C   A "C1'" 1 
ATOM   138 N N1    . C   A 1 7  ? 0.081   11.216  2.901   1.00 51.51  ? 1409 C   A N1    1 
ATOM   139 C C2    . C   A 1 7  ? 0.102   11.476  1.521   1.00 49.98  ? 1409 C   A C2    1 
ATOM   140 O O2    . C   A 1 7  ? -0.697  12.296  1.047   1.00 55.44  ? 1409 C   A O2    1 
ATOM   141 N N3    . C   A 1 7  ? 0.992   10.833  0.743   1.00 46.51  ? 1409 C   A N3    1 
ATOM   142 C C4    . C   A 1 7  ? 1.850   9.973   1.286   1.00 47.75  ? 1409 C   A C4    1 
ATOM   143 N N4    . C   A 1 7  ? 2.744   9.399   0.483   1.00 49.80  ? 1409 C   A N4    1 
ATOM   144 C C5    . C   A 1 7  ? 1.837   9.671   2.679   1.00 55.21  ? 1409 C   A C5    1 
ATOM   145 C C6    . C   A 1 7  ? 0.937   10.304  3.442   1.00 31.67  ? 1409 C   A C6    1 
ATOM   146 P P     . A   A 1 8  ? -3.733  8.335   4.927   1.00 72.79  ? 1410 A   A P     1 
ATOM   147 O OP1   . A   A 1 8  ? -4.895  7.994   5.774   1.00 78.52  ? 1410 A   A OP1   1 
ATOM   148 O OP2   . A   A 1 8  ? -2.574  7.407   4.881   1.00 50.20  ? 1410 A   A OP2   1 
ATOM   149 O "O5'" . A   A 1 8  ? -4.220  8.609   3.427   1.00 65.13  ? 1410 A   A "O5'" 1 
ATOM   150 C "C5'" . A   A 1 8  ? -5.252  9.591   3.143   1.00 59.42  ? 1410 A   A "C5'" 1 
ATOM   151 C "C4'" . A   A 1 8  ? -5.475  9.733   1.645   1.00 58.97  ? 1410 A   A "C4'" 1 
ATOM   152 O "O4'" . A   A 1 8  ? -4.330  10.373  1.016   1.00 66.58  ? 1410 A   A "O4'" 1 
ATOM   153 C "C3'" . A   A 1 8  ? -5.648  8.452   0.850   1.00 65.72  ? 1410 A   A "C3'" 1 
ATOM   154 O "O3'" . A   A 1 8  ? -6.956  7.910   0.960   1.00 71.37  ? 1410 A   A "O3'" 1 
ATOM   155 C "C2'" . A   A 1 8  ? -5.319  8.913   -0.565  1.00 60.63  ? 1410 A   A "C2'" 1 
ATOM   156 O "O2'" . A   A 1 8  ? -6.371  9.644   -1.155  1.00 72.55  ? 1410 A   A "O2'" 1 
ATOM   157 C "C1'" . A   A 1 8  ? -4.154  9.866   -0.302  1.00 52.45  ? 1410 A   A "C1'" 1 
ATOM   158 N N9    . A   A 1 8  ? -2.858  9.187   -0.368  1.00 42.86  ? 1410 A   A N9    1 
ATOM   159 C C8    . A   A 1 8  ? -2.131  8.672   0.679   1.00 53.70  ? 1410 A   A C8    1 
ATOM   160 N N7    . A   A 1 8  ? -1.007  8.098   0.316   1.00 49.42  ? 1410 A   A N7    1 
ATOM   161 C C5    . A   A 1 8  ? -0.987  8.252   -1.061  1.00 51.22  ? 1410 A   A C5    1 
ATOM   162 C C6    . A   A 1 8  ? -0.052  7.870   -2.037  1.00 41.06  ? 1410 A   A C6    1 
ATOM   163 N N6    . A   A 1 8  ? 1.085   7.244   -1.766  1.00 52.20  ? 1410 A   A N6    1 
ATOM   164 N N1    . A   A 1 8  ? -0.330  8.164   -3.316  1.00 38.56  ? 1410 A   A N1    1 
ATOM   165 C C2    . A   A 1 8  ? -1.470  8.816   -3.590  1.00 55.30  ? 1410 A   A C2    1 
ATOM   166 N N3    . A   A 1 8  ? -2.424  9.241   -2.763  1.00 44.85  ? 1410 A   A N3    1 
ATOM   167 C C4    . A   A 1 8  ? -2.122  8.923   -1.496  1.00 47.32  ? 1410 A   A C4    1 
ATOM   168 P P     . C   A 1 9  ? -7.145  6.316   1.105   1.00 80.05  ? 1411 C   A P     1 
ATOM   169 O OP1   . C   A 1 9  ? -8.573  6.103   1.420   1.00 86.30  ? 1411 C   A OP1   1 
ATOM   170 O OP2   . C   A 1 9  ? -6.105  5.761   2.008   1.00 82.59  ? 1411 C   A OP2   1 
ATOM   171 O "O5'" . C   A 1 9  ? -6.841  5.737   -0.347  1.00 75.95  ? 1411 C   A "O5'" 1 
ATOM   172 C "C5'" . C   A 1 9  ? -7.564  6.213   -1.478  1.00 56.81  ? 1411 C   A "C5'" 1 
ATOM   173 C "C4'" . C   A 1 9  ? -6.735  6.089   -2.737  1.00 56.08  ? 1411 C   A "C4'" 1 
ATOM   174 O "O4'" . C   A 1 9  ? -5.407  6.620   -2.509  1.00 42.61  ? 1411 C   A "O4'" 1 
ATOM   175 C "C3'" . C   A 1 9  ? -6.370  4.713   -3.278  1.00 46.00  ? 1411 C   A "C3'" 1 
ATOM   176 O "O3'" . C   A 1 9  ? -7.453  4.050   -3.922  1.00 43.98  ? 1411 C   A "O3'" 1 
ATOM   177 C "C2'" . C   A 1 9  ? -5.336  5.111   -4.326  1.00 42.87  ? 1411 C   A "C2'" 1 
ATOM   178 O "O2'" . C   A 1 9  ? -5.924  5.708   -5.466  1.00 50.30  ? 1411 C   A "O2'" 1 
ATOM   179 C "C1'" . C   A 1 9  ? -4.579  6.215   -3.590  1.00 41.97  ? 1411 C   A "C1'" 1 
ATOM   180 N N1    . C   A 1 9  ? -3.278  5.740   -3.093  1.00 31.82  ? 1411 C   A N1    1 
ATOM   181 C C2    . C   A 1 9  ? -2.284  5.454   -4.029  1.00 42.61  ? 1411 C   A C2    1 
ATOM   182 O O2    . C   A 1 9  ? -2.521  5.629   -5.225  1.00 54.39  ? 1411 C   A O2    1 
ATOM   183 N N3    . C   A 1 9  ? -1.094  4.987   -3.614  1.00 56.15  ? 1411 C   A N3    1 
ATOM   184 C C4    . C   A 1 9  ? -0.871  4.800   -2.318  1.00 57.45  ? 1411 C   A C4    1 
ATOM   185 N N4    . C   A 1 9  ? 0.320   4.325   -1.959  1.00 62.32  ? 1411 C   A N4    1 
ATOM   186 C C5    . C   A 1 9  ? -1.858  5.091   -1.333  1.00 51.63  ? 1411 C   A C5    1 
ATOM   187 C C6    . C   A 1 9  ? -3.037  5.561   -1.762  1.00 48.57  ? 1411 C   A C6    1 
ATOM   188 P P     . C   A 1 10 ? -7.406  2.455   -4.123  1.00 51.60  ? 1412 C   A P     1 
ATOM   189 O OP1   . C   A 1 10 ? -8.773  2.041   -4.488  1.00 67.72  ? 1412 C   A OP1   1 
ATOM   190 O OP2   . C   A 1 10 ? -6.725  1.811   -2.973  1.00 58.69  ? 1412 C   A OP2   1 
ATOM   191 O "O5'" . C   A 1 10 ? -6.501  2.225   -5.401  1.00 27.01  ? 1412 C   A "O5'" 1 
ATOM   192 C "C5'" . C   A 1 10 ? -6.922  2.703   -6.668  1.00 50.02  ? 1412 C   A "C5'" 1 
ATOM   193 C "C4'" . C   A 1 10 ? -5.909  2.333   -7.703  1.00 45.49  ? 1412 C   A "C4'" 1 
ATOM   194 O "O4'" . C   A 1 10 ? -4.653  2.982   -7.378  1.00 49.00  ? 1412 C   A "O4'" 1 
ATOM   195 C "C3'" . C   A 1 10 ? -5.545  0.867   -7.698  1.00 56.70  ? 1412 C   A "C3'" 1 
ATOM   196 O "O3'" . C   A 1 10 ? -6.490  0.065   -8.372  1.00 60.00  ? 1412 C   A "O3'" 1 
ATOM   197 C "C2'" . C   A 1 10 ? -4.189  0.882   -8.375  1.00 61.08  ? 1412 C   A "C2'" 1 
ATOM   198 O "O2'" . C   A 1 10 ? -4.328  1.046   -9.772  1.00 52.18  ? 1412 C   A "O2'" 1 
ATOM   199 C "C1'" . C   A 1 10 ? -3.575  2.138   -7.750  1.00 58.03  ? 1412 C   A "C1'" 1 
ATOM   200 N N1    . C   A 1 10 ? -2.716  1.898   -6.561  1.00 55.90  ? 1412 C   A N1    1 
ATOM   201 C C2    . C   A 1 10 ? -1.427  1.332   -6.746  1.00 56.75  ? 1412 C   A C2    1 
ATOM   202 O O2    . C   A 1 10 ? -1.070  0.996   -7.884  1.00 65.09  ? 1412 C   A O2    1 
ATOM   203 N N3    . C   A 1 10 ? -0.616  1.167   -5.677  1.00 43.84  ? 1412 C   A N3    1 
ATOM   204 C C4    . C   A 1 10 ? -1.035  1.519   -4.463  1.00 50.53  ? 1412 C   A C4    1 
ATOM   205 N N4    . C   A 1 10 ? -0.190  1.358   -3.447  1.00 54.98  ? 1412 C   A N4    1 
ATOM   206 C C5    . C   A 1 10 ? -2.339  2.062   -4.238  1.00 49.77  ? 1412 C   A C5    1 
ATOM   207 C C6    . C   A 1 10 ? -3.139  2.233   -5.304  1.00 43.54  ? 1412 C   A C6    1 
ATOM   208 P P     . G   A 1 11 ? -6.598  -1.492  -8.003  1.00 60.76  ? 1488 G   A P     1 
ATOM   209 O OP1   . G   A 1 11 ? -7.653  -2.049  -8.880  1.00 63.92  ? 1488 G   A OP1   1 
ATOM   210 O OP2   . G   A 1 11 ? -6.707  -1.640  -6.524  1.00 51.71  ? 1488 G   A OP2   1 
ATOM   211 O "O5'" . G   A 1 11 ? -5.203  -2.086  -8.483  1.00 44.30  ? 1488 G   A "O5'" 1 
ATOM   212 C "C5'" . G   A 1 11 ? -4.949  -2.242  -9.877  1.00 54.99  ? 1488 G   A "C5'" 1 
ATOM   213 C "C4'" . G   A 1 11 ? -3.592  -2.849  -10.098 1.00 58.22  ? 1488 G   A "C4'" 1 
ATOM   214 O "O4'" . G   A 1 11 ? -2.575  -1.968  -9.561  1.00 60.61  ? 1488 G   A "O4'" 1 
ATOM   215 C "C3'" . G   A 1 11 ? -3.331  -4.166  -9.404  1.00 55.35  ? 1488 G   A "C3'" 1 
ATOM   216 O "O3'" . G   A 1 11 ? -3.901  -5.243  -10.122 1.00 70.06  ? 1488 G   A "O3'" 1 
ATOM   217 C "C2'" . G   A 1 11 ? -1.814  -4.202  -9.384  1.00 58.43  ? 1488 G   A "C2'" 1 
ATOM   218 O "O2'" . G   A 1 11 ? -1.262  -4.518  -10.644 1.00 54.30  ? 1488 G   A "O2'" 1 
ATOM   219 C "C1'" . G   A 1 11 ? -1.497  -2.740  -9.063  1.00 60.69  ? 1488 G   A "C1'" 1 
ATOM   220 N N9    . G   A 1 11 ? -1.393  -2.490  -7.629  1.00 61.93  ? 1488 G   A N9    1 
ATOM   221 C C8    . G   A 1 11 ? -2.377  -2.006  -6.795  1.00 57.37  ? 1488 G   A C8    1 
ATOM   222 N N7    . G   A 1 11 ? -1.978  -1.876  -5.561  1.00 55.25  ? 1488 G   A N7    1 
ATOM   223 C C5    . G   A 1 11 ? -0.657  -2.303  -5.580  1.00 46.91  ? 1488 G   A C5    1 
ATOM   224 C C6    . G   A 1 11 ? 0.288   -2.390  -4.537  1.00 54.36  ? 1488 G   A C6    1 
ATOM   225 O O6    . G   A 1 11 ? 0.150   -2.077  -3.343  1.00 60.53  ? 1488 G   A O6    1 
ATOM   226 N N1    . G   A 1 11 ? 1.499   -2.901  -4.989  1.00 52.30  ? 1488 G   A N1    1 
ATOM   227 C C2    . G   A 1 11 ? 1.762   -3.278  -6.282  1.00 61.44  ? 1488 G   A C2    1 
ATOM   228 N N2    . G   A 1 11 ? 2.980   -3.790  -6.519  1.00 74.74  ? 1488 G   A N2    1 
ATOM   229 N N3    . G   A 1 11 ? 0.894   -3.175  -7.269  1.00 44.99  ? 1488 G   A N3    1 
ATOM   230 C C4    . G   A 1 11 ? -0.285  -2.690  -6.848  1.00 41.29  ? 1488 G   A C4    1 
ATOM   231 P P     . G   A 1 12 ? -4.258  -6.605  -9.355  1.00 70.20  ? 1489 G   A P     1 
ATOM   232 O OP1   . G   A 1 12 ? -4.856  -7.500  -10.372 1.00 66.82  ? 1489 G   A OP1   1 
ATOM   233 O OP2   . G   A 1 12 ? -5.027  -6.261  -8.140  1.00 49.83  ? 1489 G   A OP2   1 
ATOM   234 O "O5'" . G   A 1 12 ? -2.826  -7.180  -8.954  1.00 68.55  ? 1489 G   A "O5'" 1 
ATOM   235 C "C5'" . G   A 1 12 ? -1.882  -7.518  -9.990  1.00 75.85  ? 1489 G   A "C5'" 1 
ATOM   236 C "C4'" . G   A 1 12 ? -0.520  -7.879  -9.421  1.00 81.74  ? 1489 G   A "C4'" 1 
ATOM   237 O "O4'" . G   A 1 12 ? 0.095   -6.736  -8.777  1.00 75.88  ? 1489 G   A "O4'" 1 
ATOM   238 C "C3'" . G   A 1 12 ? -0.413  -8.977  -8.377  1.00 73.71  ? 1489 G   A "C3'" 1 
ATOM   239 O "O3'" . G   A 1 12 ? -0.502  -10.276 -8.958  1.00 77.62  ? 1489 G   A "O3'" 1 
ATOM   240 C "C2'" . G   A 1 12 ? 0.979   -8.718  -7.812  1.00 69.75  ? 1489 G   A "C2'" 1 
ATOM   241 O "O2'" . G   A 1 12 ? 2.012   -9.184  -8.663  1.00 72.34  ? 1489 G   A "O2'" 1 
ATOM   242 C "C1'" . G   A 1 12 ? 1.010   -7.190  -7.795  1.00 69.31  ? 1489 G   A "C1'" 1 
ATOM   243 N N9    . G   A 1 12 ? 0.624   -6.627  -6.505  1.00 76.32  ? 1489 G   A N9    1 
ATOM   244 C C8    . G   A 1 12 ? -0.549  -5.977  -6.192  1.00 71.35  ? 1489 G   A C8    1 
ATOM   245 N N7    . G   A 1 12 ? -0.593  -5.571  -4.954  1.00 69.12  ? 1489 G   A N7    1 
ATOM   246 C C5    . G   A 1 12 ? 0.622   -5.980  -4.413  1.00 71.97  ? 1489 G   A C5    1 
ATOM   247 C C6    . G   A 1 12 ? 1.149   -5.816  -3.107  1.00 72.49  ? 1489 G   A C6    1 
ATOM   248 O O6    . G   A 1 12 ? 0.637   -5.240  -2.136  1.00 69.22  ? 1489 G   A O6    1 
ATOM   249 N N1    . G   A 1 12 ? 2.410   -6.398  -2.985  1.00 72.67  ? 1489 G   A N1    1 
ATOM   250 C C2    . G   A 1 12 ? 3.083   -7.041  -3.991  1.00 82.61  ? 1489 G   A C2    1 
ATOM   251 N N2    . G   A 1 12 ? 4.292   -7.533  -3.676  1.00 87.18  ? 1489 G   A N2    1 
ATOM   252 N N3    . G   A 1 12 ? 2.607   -7.192  -5.218  1.00 85.53  ? 1489 G   A N3    1 
ATOM   253 C C4    . G   A 1 12 ? 1.379   -6.640  -5.356  1.00 78.55  ? 1489 G   A C4    1 
ATOM   254 P P     . U   A 1 13 ? -1.188  -11.475 -8.133  1.00 82.57  ? 1490 U   A P     1 
ATOM   255 O OP1   . U   A 1 13 ? -1.068  -12.658 -9.021  1.00 85.37  ? 1490 U   A OP1   1 
ATOM   256 O OP2   . U   A 1 13 ? -2.528  -11.050 -7.651  1.00 74.38  ? 1490 U   A OP2   1 
ATOM   257 O "O5'" . U   A 1 13 ? -0.266  -11.652 -6.841  1.00 79.62  ? 1490 U   A "O5'" 1 
ATOM   258 C "C5'" . U   A 1 13 ? 1.142   -11.957 -6.962  1.00 83.74  ? 1490 U   A "C5'" 1 
ATOM   259 C "C4'" . U   A 1 13 ? 1.819   -11.903 -5.610  1.00 85.73  ? 1490 U   A "C4'" 1 
ATOM   260 O "O4'" . U   A 1 13 ? 1.927   -10.529 -5.153  1.00 83.68  ? 1490 U   A "O4'" 1 
ATOM   261 C "C3'" . U   A 1 13 ? 1.105   -12.603 -4.464  1.00 99.58  ? 1490 U   A "C3'" 1 
ATOM   262 O "O3'" . U   A 1 13 ? 1.287   -14.014 -4.466  1.00 114.97 ? 1490 U   A "O3'" 1 
ATOM   263 C "C2'" . U   A 1 13 ? 1.731   -11.942 -3.245  1.00 92.81  ? 1490 U   A "C2'" 1 
ATOM   264 O "O2'" . U   A 1 13 ? 3.003   -12.456 -2.916  1.00 102.82 ? 1490 U   A "O2'" 1 
ATOM   265 C "C1'" . U   A 1 13 ? 1.867   -10.498 -3.730  1.00 90.30  ? 1490 U   A "C1'" 1 
ATOM   266 N N1    . U   A 1 13 ? 0.719   -9.682  -3.314  1.00 94.16  ? 1490 U   A N1    1 
ATOM   267 C C2    . U   A 1 13 ? 0.738   -9.155  -2.035  1.00 98.34  ? 1490 U   A C2    1 
ATOM   268 O O2    . U   A 1 13 ? 1.665   -9.328  -1.264  1.00 101.97 ? 1490 U   A O2    1 
ATOM   269 N N3    . U   A 1 13 ? -0.372  -8.418  -1.692  1.00 105.65 ? 1490 U   A N3    1 
ATOM   270 C C4    . U   A 1 13 ? -1.478  -8.155  -2.486  1.00 107.13 ? 1490 U   A C4    1 
ATOM   271 O O4    . U   A 1 13 ? -2.418  -7.488  -2.032  1.00 104.20 ? 1490 U   A O4    1 
ATOM   272 C C5    . U   A 1 13 ? -1.412  -8.728  -3.794  1.00 104.68 ? 1490 U   A C5    1 
ATOM   273 C C6    . U   A 1 13 ? -0.346  -9.453  -4.154  1.00 99.75  ? 1490 U   A C6    1 
ATOM   274 P P     . G   A 1 14 ? 0.184   -14.960 -3.767  1.00 129.38 ? 1491 G   A P     1 
ATOM   275 O OP1   . G   A 1 14 ? 0.639   -16.354 -4.011  1.00 135.22 ? 1491 G   A OP1   1 
ATOM   276 O OP2   . G   A 1 14 ? -1.181  -14.551 -4.205  1.00 126.11 ? 1491 G   A OP2   1 
ATOM   277 O "O5'" . G   A 1 14 ? 0.318   -14.641 -2.205  1.00 127.73 ? 1491 G   A "O5'" 1 
ATOM   278 C "C5'" . G   A 1 14 ? 1.432   -15.152 -1.443  1.00 119.89 ? 1491 G   A "C5'" 1 
ATOM   279 C "C4'" . G   A 1 14 ? 1.363   -14.695 0.002   1.00 115.34 ? 1491 G   A "C4'" 1 
ATOM   280 O "O4'" . G   A 1 14 ? 1.390   -13.246 0.057   1.00 106.75 ? 1491 G   A "O4'" 1 
ATOM   281 C "C3'" . G   A 1 14 ? 0.142   -15.060 0.836   1.00 116.43 ? 1491 G   A "C3'" 1 
ATOM   282 O "O3'" . G   A 1 14 ? 0.191   -16.416 1.308   1.00 124.60 ? 1491 G   A "O3'" 1 
ATOM   283 C "C2'" . G   A 1 14 ? 0.237   -14.052 1.981   1.00 113.37 ? 1491 G   A "C2'" 1 
ATOM   284 O "O2'" . G   A 1 14 ? 1.166   -14.428 2.985   1.00 120.68 ? 1491 G   A "O2'" 1 
ATOM   285 C "C1'" . G   A 1 14 ? 0.759   -12.811 1.251   1.00 102.08 ? 1491 G   A "C1'" 1 
ATOM   286 N N9    . G   A 1 14 ? -0.297  -11.867 0.905   1.00 82.59  ? 1491 G   A N9    1 
ATOM   287 C C8    . G   A 1 14 ? -1.000  -11.807 -0.269  1.00 82.40  ? 1491 G   A C8    1 
ATOM   288 N N7    . G   A 1 14 ? -1.895  -10.861 -0.280  1.00 82.52  ? 1491 G   A N7    1 
ATOM   289 C C5    . G   A 1 14 ? -1.773  -10.256 0.960   1.00 77.86  ? 1491 G   A C5    1 
ATOM   290 C C6    . G   A 1 14 ? -2.475  -9.165  1.515   1.00 84.19  ? 1491 G   A C6    1 
ATOM   291 O O6    . G   A 1 14 ? -3.382  -8.499  1.012   1.00 97.23  ? 1491 G   A O6    1 
ATOM   292 N N1    . G   A 1 14 ? -2.026  -8.864  2.792   1.00 78.66  ? 1491 G   A N1    1 
ATOM   293 C C2    . G   A 1 14 ? -1.033  -9.530  3.455   1.00 75.16  ? 1491 G   A C2    1 
ATOM   294 N N2    . G   A 1 14 ? -0.749  -9.083  4.683   1.00 48.36  ? 1491 G   A N2    1 
ATOM   295 N N3    . G   A 1 14 ? -0.369  -10.559 2.950   1.00 79.80  ? 1491 G   A N3    1 
ATOM   296 C C4    . G   A 1 14 ? -0.789  -10.862 1.704   1.00 78.28  ? 1491 G   A C4    1 
ATOM   297 P P     . A   A 1 15 ? -0.901  -16.939 2.376   1.00 116.50 ? 1492 A   A P     1 
ATOM   298 O OP1   . A   A 1 15 ? -2.130  -16.127 2.217   1.00 119.53 ? 1492 A   A OP1   1 
ATOM   299 O OP2   . A   A 1 15 ? -0.244  -17.026 3.708   1.00 121.89 ? 1492 A   A OP2   1 
ATOM   300 O "O5'" . A   A 1 15 ? -1.240  -18.418 1.903   1.00 117.29 ? 1492 A   A "O5'" 1 
ATOM   301 C "C5'" . A   A 1 15 ? -0.245  -19.451 1.917   1.00 123.45 ? 1492 A   A "C5'" 1 
ATOM   302 C "C4'" . A   A 1 15 ? -0.786  -20.675 2.617   1.00 131.81 ? 1492 A   A "C4'" 1 
ATOM   303 O "O4'" . A   A 1 15 ? -0.033  -21.832 2.190   1.00 131.97 ? 1492 A   A "O4'" 1 
ATOM   304 C "C3'" . A   A 1 15 ? -0.698  -20.700 4.140   1.00 133.12 ? 1492 A   A "C3'" 1 
ATOM   305 O "O3'" . A   A 1 15 ? -1.758  -19.989 4.787   1.00 135.25 ? 1492 A   A "O3'" 1 
ATOM   306 C "C2'" . A   A 1 15 ? -0.741  -22.193 4.431   1.00 131.78 ? 1492 A   A "C2'" 1 
ATOM   307 O "O2'" . A   A 1 15 ? -2.045  -22.731 4.363   1.00 131.68 ? 1492 A   A "O2'" 1 
ATOM   308 C "C1'" . A   A 1 15 ? 0.081   -22.744 3.267   1.00 136.14 ? 1492 A   A "C1'" 1 
ATOM   309 N N9    . A   A 1 15 ? 1.499   -22.886 3.590   1.00 143.32 ? 1492 A   A N9    1 
ATOM   310 C C8    . A   A 1 15 ? 2.448   -21.901 3.718   1.00 143.59 ? 1492 A   A C8    1 
ATOM   311 N N7    . A   A 1 15 ? 3.638   -22.354 4.021   1.00 149.50 ? 1492 A   A N7    1 
ATOM   312 C C5    . A   A 1 15 ? 3.462   -23.730 4.097   1.00 149.88 ? 1492 A   A C5    1 
ATOM   313 C C6    . A   A 1 15 ? 4.346   -24.785 4.386   1.00 151.78 ? 1492 A   A C6    1 
ATOM   314 N N6    . A   A 1 15 ? 5.634   -24.614 4.679   1.00 153.10 ? 1492 A   A N6    1 
ATOM   315 N N1    . A   A 1 15 ? 3.851   -26.042 4.372   1.00 155.31 ? 1492 A   A N1    1 
ATOM   316 C C2    . A   A 1 15 ? 2.555   -26.217 4.093   1.00 156.92 ? 1492 A   A C2    1 
ATOM   317 N N3    . A   A 1 15 ? 1.625   -25.307 3.813   1.00 154.82 ? 1492 A   A N3    1 
ATOM   318 C C4    . A   A 1 15 ? 2.150   -24.070 3.830   1.00 149.33 ? 1492 A   A C4    1 
ATOM   319 P P     . A   A 1 16 ? -1.671  -19.676 6.370   1.00 131.21 ? 1493 A   A P     1 
ATOM   320 O OP1   . A   A 1 16 ? -2.754  -18.712 6.689   1.00 129.28 ? 1493 A   A OP1   1 
ATOM   321 O OP2   . A   A 1 16 ? -0.265  -19.341 6.720   1.00 130.22 ? 1493 A   A OP2   1 
ATOM   322 O "O5'" . A   A 1 16 ? -2.037  -21.064 7.062   1.00 125.05 ? 1493 A   A "O5'" 1 
ATOM   323 C "C5'" . A   A 1 16 ? -1.956  -21.238 8.494   0.01 120.94 ? 1493 A   A "C5'" 1 
ATOM   324 C "C4'" . A   A 1 16 ? -3.334  -21.493 9.054   0.01 117.31 ? 1493 A   A "C4'" 1 
ATOM   325 O "O4'" . A   A 1 16 ? -3.263  -22.023 10.401  0.01 115.51 ? 1493 A   A "O4'" 1 
ATOM   326 C "C3'" . A   A 1 16 ? -4.228  -20.275 9.194   0.01 116.49 ? 1493 A   A "C3'" 1 
ATOM   327 O "O3'" . A   A 1 16 ? -4.761  -19.908 7.926   1.00 115.34 ? 1493 A   A "O3'" 1 
ATOM   328 C "C2'" . A   A 1 16 ? -5.282  -20.772 10.180  0.01 114.75 ? 1493 A   A "C2'" 1 
ATOM   329 O "O2'" . A   A 1 16 ? -6.276  -21.571 9.569   0.01 114.60 ? 1493 A   A "O2'" 1 
ATOM   330 C "C1'" . A   A 1 16 ? -4.439  -21.657 11.107  0.01 113.70 ? 1493 A   A "C1'" 1 
ATOM   331 N N9    . A   A 1 16 ? -4.055  -21.031 12.373  0.01 111.42 ? 1493 A   A N9    1 
ATOM   332 C C8    . A   A 1 16 ? -3.205  -19.972 12.579  0.01 110.54 ? 1493 A   A C8    1 
ATOM   333 N N7    . A   A 1 16 ? -3.065  -19.646 13.842  0.01 109.73 ? 1493 A   A N7    1 
ATOM   334 C C5    . A   A 1 16 ? -3.877  -20.552 14.512  0.01 109.42 ? 1493 A   A C5    1 
ATOM   335 C C6    . A   A 1 16 ? -4.166  -20.734 15.877  0.01 108.84 ? 1493 A   A C6    1 
ATOM   336 N N6    . A   A 1 16 ? -3.647  -19.984 16.852  0.01 108.27 ? 1493 A   A N6    1 
ATOM   337 N N1    . A   A 1 16 ? -5.018  -21.728 16.210  0.01 108.65 ? 1493 A   A N1    1 
ATOM   338 C C2    . A   A 1 16 ? -5.539  -22.481 15.233  0.01 108.84 ? 1493 A   A C2    1 
ATOM   339 N N3    . A   A 1 16 ? -5.344  -22.407 13.919  0.01 109.34 ? 1493 A   A N3    1 
ATOM   340 C C4    . A   A 1 16 ? -4.493  -21.409 13.619  0.01 110.03 ? 1493 A   A C4    1 
ATOM   341 P P     . G   A 1 17 ? -5.579  -18.531 7.752   1.00 122.21 ? 1494 G   A P     1 
ATOM   342 O OP1   . G   A 1 17 ? -6.845  -18.652 8.529   1.00 128.48 ? 1494 G   A OP1   1 
ATOM   343 O OP2   . G   A 1 17 ? -5.634  -18.247 6.293   1.00 112.89 ? 1494 G   A OP2   1 
ATOM   344 O "O5'" . G   A 1 17 ? -4.682  -17.400 8.429   1.00 113.92 ? 1494 G   A "O5'" 1 
ATOM   345 C "C5'" . G   A 1 17 ? -4.711  -17.167 9.854   1.00 112.77 ? 1494 G   A "C5'" 1 
ATOM   346 C "C4'" . G   A 1 17 ? -5.320  -15.813 10.162  1.00 107.29 ? 1494 G   A "C4'" 1 
ATOM   347 O "O4'" . G   A 1 17 ? -4.721  -14.809 9.295   1.00 101.14 ? 1494 G   A "O4'" 1 
ATOM   348 C "C3'" . G   A 1 17 ? -6.809  -15.657 9.889   1.00 110.03 ? 1494 G   A "C3'" 1 
ATOM   349 O "O3'" . G   A 1 17 ? -7.636  -16.152 10.932  1.00 113.26 ? 1494 G   A "O3'" 1 
ATOM   350 C "C2'" . G   A 1 17 ? -6.957  -14.149 9.756   1.00 103.03 ? 1494 G   A "C2'" 1 
ATOM   351 O "O2'" . G   A 1 17 ? -6.960  -13.487 11.004  1.00 100.12 ? 1494 G   A "O2'" 1 
ATOM   352 C "C1'" . G   A 1 17 ? -5.684  -13.800 8.990   1.00 99.49  ? 1494 G   A "C1'" 1 
ATOM   353 N N9    . G   A 1 17 ? -5.913  -13.774 7.545   1.00 89.07  ? 1494 G   A N9    1 
ATOM   354 C C8    . G   A 1 17 ? -5.491  -14.704 6.622   1.00 86.06  ? 1494 G   A C8    1 
ATOM   355 N N7    . G   A 1 17 ? -5.823  -14.400 5.397   1.00 84.66  ? 1494 G   A N7    1 
ATOM   356 C C5    . G   A 1 17 ? -6.515  -13.200 5.514   1.00 86.86  ? 1494 G   A C5    1 
ATOM   357 C C6    . G   A 1 17 ? -7.114  -12.385 4.513   1.00 84.84  ? 1494 G   A C6    1 
ATOM   358 O O6    . G   A 1 17 ? -7.143  -12.569 3.287   1.00 82.34  ? 1494 G   A O6    1 
ATOM   359 N N1    . G   A 1 17 ? -7.718  -11.255 5.066   1.00 77.78  ? 1494 G   A N1    1 
ATOM   360 C C2    . G   A 1 17 ? -7.739  -10.945 6.408   1.00 74.44  ? 1494 G   A C2    1 
ATOM   361 N N2    . G   A 1 17 ? -8.366  -9.803  6.742   1.00 52.85  ? 1494 G   A N2    1 
ATOM   362 N N3    . G   A 1 17 ? -7.183  -11.699 7.352   1.00 70.61  ? 1494 G   A N3    1 
ATOM   363 C C4    . G   A 1 17 ? -6.590  -12.802 6.835   1.00 81.03  ? 1494 G   A C4    1 
ATOM   364 P P     . U   A 1 18 ? -9.216  -16.293 10.680  1.00 118.91 ? 1495 U   A P     1 
ATOM   365 O OP1   . U   A 1 18 ? -9.832  -16.726 11.962  1.00 116.58 ? 1495 U   A OP1   1 
ATOM   366 O OP2   . U   A 1 18 ? -9.402  -17.114 9.450   1.00 112.74 ? 1495 U   A OP2   1 
ATOM   367 O "O5'" . U   A 1 18 ? -9.709  -14.810 10.362  1.00 108.79 ? 1495 U   A "O5'" 1 
ATOM   368 C "C5'" . U   A 1 18 ? -9.807  -13.818 11.406  1.00 114.19 ? 1495 U   A "C5'" 1 
ATOM   369 C "C4'" . U   A 1 18 ? -10.763 -12.714 11.003  1.00 112.93 ? 1495 U   A "C4'" 1 
ATOM   370 O "O4'" . U   A 1 18 ? -10.216 -11.931 9.910   1.00 112.51 ? 1495 U   A "O4'" 1 
ATOM   371 C "C3'" . U   A 1 18 ? -12.113 -13.182 10.497  1.00 114.08 ? 1495 U   A "C3'" 1 
ATOM   372 O "O3'" . U   A 1 18 ? -12.961 -13.483 11.599  1.00 114.15 ? 1495 U   A "O3'" 1 
ATOM   373 C "C2'" . U   A 1 18 ? -12.587 -12.000 9.653   1.00 110.78 ? 1495 U   A "C2'" 1 
ATOM   374 O "O2'" . U   A 1 18 ? -13.180 -10.959 10.404  1.00 117.34 ? 1495 U   A "O2'" 1 
ATOM   375 C "C1'" . U   A 1 18 ? -11.268 -11.503 9.053   1.00 104.56 ? 1495 U   A "C1'" 1 
ATOM   376 N N1    . U   A 1 18 ? -10.985 -11.988 7.690   1.00 97.61  ? 1495 U   A N1    1 
ATOM   377 C C2    . U   A 1 18 ? -11.492 -11.262 6.612   1.00 94.46  ? 1495 U   A C2    1 
ATOM   378 O O2    . U   A 1 18 ? -12.180 -10.252 6.741   1.00 86.92  ? 1495 U   A O2    1 
ATOM   379 N N3    . U   A 1 18 ? -11.163 -11.768 5.374   1.00 92.35  ? 1495 U   A N3    1 
ATOM   380 C C4    . U   A 1 18 ? -10.410 -12.901 5.107   1.00 88.60  ? 1495 U   A C4    1 
ATOM   381 O O4    . U   A 1 18 ? -10.228 -13.251 3.940   1.00 74.11  ? 1495 U   A O4    1 
ATOM   382 C C5    . U   A 1 18 ? -9.937  -13.591 6.268   1.00 86.42  ? 1495 U   A C5    1 
ATOM   383 C C6    . U   A 1 18 ? -10.232 -13.128 7.484   1.00 92.03  ? 1495 U   A C6    1 
ATOM   384 P P     . C   A 1 19 ? -14.366 -14.216 11.356  1.00 118.91 ? 1496 C   A P     1 
ATOM   385 O OP1   . C   A 1 19 ? -14.803 -14.699 12.693  1.00 124.19 ? 1496 C   A OP1   1 
ATOM   386 O OP2   . C   A 1 19 ? -14.240 -15.185 10.230  1.00 110.68 ? 1496 C   A OP2   1 
ATOM   387 O "O5'" . C   A 1 19 ? -15.337 -13.032 10.908  1.00 115.55 ? 1496 C   A "O5'" 1 
ATOM   388 C "C5'" . C   A 1 19 ? -16.555 -13.318 10.204  1.00 108.79 ? 1496 C   A "C5'" 1 
ATOM   389 C "C4'" . C   A 1 19 ? -17.001 -12.123 9.397   1.00 98.19  ? 1496 C   A "C4'" 1 
ATOM   390 O "O4'" . C   A 1 19 ? -15.873 -11.539 8.701   1.00 83.59  ? 1496 C   A "O4'" 1 
ATOM   391 C "C3'" . C   A 1 19 ? -17.970 -12.500 8.292   1.00 102.02 ? 1496 C   A "C3'" 1 
ATOM   392 O "O3'" . C   A 1 19 ? -19.307 -12.593 8.739   1.00 115.62 ? 1496 C   A "O3'" 1 
ATOM   393 C "C2'" . C   A 1 19 ? -17.767 -11.398 7.271   1.00 100.77 ? 1496 C   A "C2'" 1 
ATOM   394 O "O2'" . C   A 1 19 ? -18.471 -10.215 7.593   1.00 114.68 ? 1496 C   A "O2'" 1 
ATOM   395 C "C1'" . C   A 1 19 ? -16.255 -11.185 7.376   1.00 93.34  ? 1496 C   A "C1'" 1 
ATOM   396 N N1    . C   A 1 19 ? -15.492 -12.029 6.429   1.00 90.25  ? 1496 C   A N1    1 
ATOM   397 C C2    . C   A 1 19 ? -15.646 -11.827 5.033   1.00 89.94  ? 1496 C   A C2    1 
ATOM   398 O O2    . C   A 1 19 ? -16.432 -10.951 4.623   1.00 88.77  ? 1496 C   A O2    1 
ATOM   399 N N3    . C   A 1 19 ? -14.936 -12.597 4.177   1.00 82.33  ? 1496 C   A N3    1 
ATOM   400 C C4    . C   A 1 19 ? -14.113 -13.537 4.651   1.00 85.07  ? 1496 C   A C4    1 
ATOM   401 N N4    . C   A 1 19 ? -13.439 -14.273 3.776   1.00 86.04  ? 1496 C   A N4    1 
ATOM   402 C C5    . C   A 1 19 ? -13.946 -13.767 6.050   1.00 75.07  ? 1496 C   A C5    1 
ATOM   403 C C6    . C   A 1 19 ? -14.643 -12.999 6.891   1.00 82.75  ? 1496 C   A C6    1 
ATOM   404 P P     . G   A 1 20 ? -20.286 -13.664 8.059   1.00 122.56 ? 1497 G   A P     1 
ATOM   405 O OP1   . G   A 1 20 ? -21.590 -13.578 8.758   1.00 129.70 ? 1497 G   A OP1   1 
ATOM   406 O OP2   . G   A 1 20 ? -19.564 -14.963 7.999   1.00 116.49 ? 1497 G   A OP2   1 
ATOM   407 O "O5'" . G   A 1 20 ? -20.485 -13.129 6.570   1.00 119.70 ? 1497 G   A "O5'" 1 
ATOM   408 C "C5'" . G   A 1 20 ? -21.023 -13.993 5.563   1.00 111.47 ? 1497 G   A "C5'" 1 
ATOM   409 C "C4'" . G   A 1 20 ? -20.941 -13.345 4.207   1.00 110.64 ? 1497 G   A "C4'" 1 
ATOM   410 O "O4'" . G   A 1 20 ? -19.571 -12.965 3.910   1.00 106.59 ? 1497 G   A "O4'" 1 
ATOM   411 C "C3'" . G   A 1 20 ? -21.309 -14.290 3.082   1.00 114.25 ? 1497 G   A "C3'" 1 
ATOM   412 O "O3'" . G   A 1 20 ? -22.716 -14.390 2.931   1.00 116.70 ? 1497 G   A "O3'" 1 
ATOM   413 C "C2'" . G   A 1 20 ? -20.600 -13.674 1.885   1.00 113.72 ? 1497 G   A "C2'" 1 
ATOM   414 O "O2'" . G   A 1 20 ? -21.303 -12.571 1.342   1.00 116.57 ? 1497 G   A "O2'" 1 
ATOM   415 C "C1'" . G   A 1 20 ? -19.292 -13.201 2.532   1.00 110.33 ? 1497 G   A "C1'" 1 
ATOM   416 N N9    . G   A 1 20 ? -18.185 -14.161 2.445   1.00 104.39 ? 1497 G   A N9    1 
ATOM   417 C C8    . G   A 1 20 ? -17.504 -14.714 3.504   1.00 104.81 ? 1497 G   A C8    1 
ATOM   418 N N7    . G   A 1 20 ? -16.562 -15.543 3.137   1.00 98.72  ? 1497 G   A N7    1 
ATOM   419 C C5    . G   A 1 20 ? -16.619 -15.542 1.752   1.00 91.36  ? 1497 G   A C5    1 
ATOM   420 C C6    . G   A 1 20 ? -15.840 -16.256 0.809   1.00 83.92  ? 1497 G   A C6    1 
ATOM   421 O O6    . G   A 1 20 ? -14.930 -17.063 1.024   1.00 72.52  ? 1497 G   A O6    1 
ATOM   422 N N1    . G   A 1 20 ? -16.212 -15.957 -0.496  1.00 79.94  ? 1497 G   A N1    1 
ATOM   423 C C2    . G   A 1 20 ? -17.213 -15.085 -0.850  1.00 92.60  ? 1497 G   A C2    1 
ATOM   424 N N2    . G   A 1 20 ? -17.413 -14.921 -2.167  1.00 99.07  ? 1497 G   A N2    1 
ATOM   425 N N3    . G   A 1 20 ? -17.961 -14.418 0.023   1.00 96.10  ? 1497 G   A N3    1 
ATOM   426 C C4    . G   A 1 20 ? -17.611 -14.692 1.300   1.00 97.73  ? 1497 G   A C4    1 
ATOM   427 P P     . C   A 1 21 ? -23.404 -15.839 2.919   1.00 114.26 ? 1498 C   A P     1 
ATOM   428 O OP1   . C   A 1 21 ? -24.876 -15.622 2.875   1.00 117.73 ? 1498 C   A OP1   1 
ATOM   429 O OP2   . C   A 1 21 ? -22.810 -16.621 4.037   1.00 99.96  ? 1498 C   A OP2   1 
ATOM   430 O "O5'" . C   A 1 21 ? -22.942 -16.468 1.526   1.00 102.17 ? 1498 C   A "O5'" 1 
ATOM   431 C "C5'" . C   A 1 21 ? -23.060 -15.709 0.303   1.00 92.16  ? 1498 C   A "C5'" 1 
ATOM   432 C "C4'" . C   A 1 21 ? -22.104 -16.233 -0.743  1.00 88.70  ? 1498 C   A "C4'" 1 
ATOM   433 O "O4'" . C   A 1 21 ? -20.782 -16.326 -0.169  1.00 84.56  ? 1498 C   A "O4'" 1 
ATOM   434 C "C3'" . C   A 1 21 ? -22.315 -17.660 -1.213  1.00 88.12  ? 1498 C   A "C3'" 1 
ATOM   435 O "O3'" . C   A 1 21 ? -23.412 -17.719 -2.143  1.00 99.53  ? 1498 C   A "O3'" 1 
ATOM   436 C "C2'" . C   A 1 21 ? -20.963 -17.993 -1.850  1.00 76.33  ? 1498 C   A "C2'" 1 
ATOM   437 O "O2'" . C   A 1 21 ? -20.844 -17.517 -3.172  1.00 77.90  ? 1498 C   A "O2'" 1 
ATOM   438 C "C1'" . C   A 1 21 ? -19.996 -17.186 -0.977  1.00 72.17  ? 1498 C   A "C1'" 1 
ATOM   439 N N1    . C   A 1 21 ? -19.051 -17.944 -0.126  1.00 60.19  ? 1498 C   A N1    1 
ATOM   440 C C2    . C   A 1 21 ? -18.070 -18.757 -0.737  1.00 57.54  ? 1498 C   A C2    1 
ATOM   441 O O2    . C   A 1 21 ? -18.036 -18.846 -1.983  1.00 54.31  ? 1498 C   A O2    1 
ATOM   442 N N3    . C   A 1 21 ? -17.188 -19.419 0.048   1.00 48.54  ? 1498 C   A N3    1 
ATOM   443 C C4    . C   A 1 21 ? -17.255 -19.302 1.381   1.00 58.23  ? 1498 C   A C4    1 
ATOM   444 N N4    . C   A 1 21 ? -16.363 -19.971 2.124   1.00 56.13  ? 1498 C   A N4    1 
ATOM   445 C C5    . C   A 1 21 ? -18.239 -18.494 2.016   1.00 46.93  ? 1498 C   A C5    1 
ATOM   446 C C6    . C   A 1 21 ? -19.109 -17.847 1.236   1.00 49.98  ? 1498 C   A C6    1 
ATOM   447 O "O5'" . U   B 2 1  ? -9.598  -30.368 1.596   1.00 121.73 ? 1401 U   B "O5'" 1 
ATOM   448 C "C5'" . U   B 2 1  ? -9.397  -29.574 2.767   1.00 136.32 ? 1401 U   B "C5'" 1 
ATOM   449 C "C4'" . U   B 2 1  ? -10.183 -28.280 2.741   1.00 149.17 ? 1401 U   B "C4'" 1 
ATOM   450 O "O4'" . U   B 2 1  ? -11.589 -28.580 2.512   1.00 158.25 ? 1401 U   B "O4'" 1 
ATOM   451 C "C3'" . U   B 2 1  ? -10.127 -27.459 4.026   1.00 154.55 ? 1401 U   B "C3'" 1 
ATOM   452 O "O3'" . U   B 2 1  ? -10.203 -26.064 3.735   1.00 147.76 ? 1401 U   B "O3'" 1 
ATOM   453 C "C2'" . U   B 2 1  ? -11.368 -27.938 4.777   1.00 160.74 ? 1401 U   B "C2'" 1 
ATOM   454 O "O2'" . U   B 2 1  ? -11.861 -27.002 5.719   1.00 160.35 ? 1401 U   B "O2'" 1 
ATOM   455 C "C1'" . U   B 2 1  ? -12.357 -28.176 3.633   1.00 162.65 ? 1401 U   B "C1'" 1 
ATOM   456 N N1    . U   B 2 1  ? -13.328 -29.246 3.925   1.00 170.83 ? 1401 U   B N1    1 
ATOM   457 C C2    . U   B 2 1  ? -14.670 -28.905 4.039   1.00 171.94 ? 1401 U   B C2    1 
ATOM   458 O O2    . U   B 2 1  ? -15.087 -27.769 3.890   1.00 168.65 ? 1401 U   B O2    1 
ATOM   459 N N3    . U   B 2 1  ? -15.510 -29.952 4.334   1.00 175.95 ? 1401 U   B N3    1 
ATOM   460 C C4    . U   B 2 1  ? -15.160 -31.277 4.518   1.00 175.99 ? 1401 U   B C4    1 
ATOM   461 O O4    . U   B 2 1  ? -16.033 -32.099 4.802   1.00 177.91 ? 1401 U   B O4    1 
ATOM   462 C C5    . U   B 2 1  ? -13.763 -31.554 4.372   1.00 172.95 ? 1401 U   B C5    1 
ATOM   463 C C6    . U   B 2 1  ? -12.917 -30.559 4.088   1.00 172.60 ? 1401 U   B C6    1 
ATOM   464 P P     . U   B 2 2  ? -8.869  -25.171 3.779   0.00 139.29 ? 1402 U   B P     1 
ATOM   465 O OP1   . U   B 2 2  ? -8.206  -25.414 5.087   0.00 139.40 ? 1402 U   B OP1   1 
ATOM   466 O OP2   . U   B 2 2  ? -9.225  -23.784 3.383   0.00 139.40 ? 1402 U   B OP2   1 
ATOM   467 O "O5'" . U   B 2 2  ? -7.960  -25.803 2.635   1.00 134.13 ? 1402 U   B "O5'" 1 
ATOM   468 C "C5'" . U   B 2 2  ? -8.467  -25.957 1.290   1.00 120.45 ? 1402 U   B "C5'" 1 
ATOM   469 C "C4'" . U   B 2 2  ? -7.325  -26.016 0.303   1.00 118.13 ? 1402 U   B "C4'" 1 
ATOM   470 O "O4'" . U   B 2 2  ? -6.530  -27.211 0.564   1.00 108.94 ? 1402 U   B "O4'" 1 
ATOM   471 C "C3'" . U   B 2 2  ? -7.725  -26.084 -1.173  1.00 119.64 ? 1402 U   B "C3'" 1 
ATOM   472 O "O3'" . U   B 2 2  ? -6.780  -25.373 -1.983  1.00 129.98 ? 1402 U   B "O3'" 1 
ATOM   473 C "C2'" . U   B 2 2  ? -7.612  -27.576 -1.473  1.00 107.83 ? 1402 U   B "C2'" 1 
ATOM   474 O "O2'" . U   B 2 2  ? -7.387  -27.878 -2.836  1.00 100.79 ? 1402 U   B "O2'" 1 
ATOM   475 C "C1'" . U   B 2 2  ? -6.394  -27.954 -0.632  1.00 101.35 ? 1402 U   B "C1'" 1 
ATOM   476 N N1    . U   B 2 2  ? -6.256  -29.388 -0.310  1.00 98.95  ? 1402 U   B N1    1 
ATOM   477 C C2    . U   B 2 2  ? -5.406  -29.754 0.730   1.00 92.09  ? 1402 U   B C2    1 
ATOM   478 O O2    . U   B 2 2  ? -4.817  -28.941 1.430   1.00 94.40  ? 1402 U   B O2    1 
ATOM   479 N N3    . U   B 2 2  ? -5.278  -31.107 0.923   1.00 81.42  ? 1402 U   B N3    1 
ATOM   480 C C4    . U   B 2 2  ? -5.901  -32.114 0.215   1.00 82.99  ? 1402 U   B C4    1 
ATOM   481 O O4    . U   B 2 2  ? -5.626  -33.287 0.463   1.00 89.09  ? 1402 U   B O4    1 
ATOM   482 C C5    . U   B 2 2  ? -6.785  -31.666 -0.813  1.00 83.00  ? 1402 U   B C5    1 
ATOM   483 C C6    . U   B 2 2  ? -6.930  -30.357 -1.037  1.00 97.01  ? 1402 U   B C6    1 
ATOM   484 P P     . G   B 2 3  ? -6.891  -23.771 -2.148  1.00 129.88 ? 1403 G   B P     1 
ATOM   485 O OP1   . G   B 2 3  ? -5.719  -23.341 -2.958  1.00 132.27 ? 1403 G   B OP1   1 
ATOM   486 O OP2   . G   B 2 3  ? -7.080  -23.214 -0.779  1.00 120.06 ? 1403 G   B OP2   1 
ATOM   487 O "O5'" . G   B 2 3  ? -8.226  -23.504 -2.995  1.00 130.26 ? 1403 G   B "O5'" 1 
ATOM   488 C "C5'" . G   B 2 3  ? -8.267  -23.720 -4.433  1.00 124.41 ? 1403 G   B "C5'" 1 
ATOM   489 C "C4'" . G   B 2 3  ? -9.449  -22.995 -5.078  1.00 118.50 ? 1403 G   B "C4'" 1 
ATOM   490 O "O4'" . G   B 2 3  ? -10.710 -23.473 -4.531  1.00 112.81 ? 1403 G   B "O4'" 1 
ATOM   491 C "C3'" . G   B 2 3  ? -9.535  -21.485 -4.924  1.00 114.84 ? 1403 G   B "C3'" 1 
ATOM   492 O "O3'" . G   B 2 3  ? -8.693  -20.808 -5.850  1.00 120.76 ? 1403 G   B "O3'" 1 
ATOM   493 C "C2'" . G   B 2 3  ? -11.011 -21.210 -5.203  1.00 106.61 ? 1403 G   B "C2'" 1 
ATOM   494 O "O2'" . G   B 2 3  ? -11.343 -21.187 -6.576  1.00 91.84  ? 1403 G   B "O2'" 1 
ATOM   495 C "C1'" . G   B 2 3  ? -11.670 -22.424 -4.549  1.00 99.74  ? 1403 G   B "C1'" 1 
ATOM   496 N N9    . G   B 2 3  ? -12.110 -22.168 -3.178  1.00 95.42  ? 1403 G   B N9    1 
ATOM   497 C C8    . G   B 2 3  ? -11.406 -22.411 -2.021  1.00 97.71  ? 1403 G   B C8    1 
ATOM   498 N N7    . G   B 2 3  ? -12.066 -22.090 -0.941  1.00 96.97  ? 1403 G   B N7    1 
ATOM   499 C C5    . G   B 2 3  ? -13.277 -21.601 -1.411  1.00 90.28  ? 1403 G   B C5    1 
ATOM   500 C C6    . G   B 2 3  ? -14.394 -21.101 -0.705  1.00 90.28  ? 1403 G   B C6    1 
ATOM   501 O O6    . G   B 2 3  ? -14.550 -21.006 0.516   1.00 96.85  ? 1403 G   B O6    1 
ATOM   502 N N1    . G   B 2 3  ? -15.403 -20.688 -1.570  1.00 82.55  ? 1403 G   B N1    1 
ATOM   503 C C2    . G   B 2 3  ? -15.348 -20.758 -2.935  1.00 83.77  ? 1403 G   B C2    1 
ATOM   504 N N2    . G   B 2 3  ? -16.419 -20.300 -3.589  1.00 85.93  ? 1403 G   B N2    1 
ATOM   505 N N3    . G   B 2 3  ? -14.318 -21.239 -3.611  1.00 89.24  ? 1403 G   B N3    1 
ATOM   506 C C4    . G   B 2 3  ? -13.320 -21.637 -2.790  1.00 90.97  ? 1403 G   B C4    1 
ATOM   507 P P     . C   B 2 4  ? -8.424  -19.233 -5.677  1.00 129.12 ? 1404 C   B P     1 
ATOM   508 O OP1   . C   B 2 4  ? -7.533  -18.829 -6.793  1.00 127.36 ? 1404 C   B OP1   1 
ATOM   509 O OP2   . C   B 2 4  ? -8.000  -18.991 -4.273  1.00 131.40 ? 1404 C   B OP2   1 
ATOM   510 O "O5'" . C   B 2 4  ? -9.851  -18.553 -5.897  1.00 113.12 ? 1404 C   B "O5'" 1 
ATOM   511 C "C5'" . C   B 2 4  ? -10.422 -18.440 -7.215  1.00 109.37 ? 1404 C   B "C5'" 1 
ATOM   512 C "C4'" . C   B 2 4  ? -11.757 -17.735 -7.154  1.00 111.36 ? 1404 C   B "C4'" 1 
ATOM   513 O "O4'" . C   B 2 4  ? -12.666 -18.503 -6.321  1.00 107.54 ? 1404 C   B "O4'" 1 
ATOM   514 C "C3'" . C   B 2 4  ? -11.762 -16.354 -6.513  1.00 113.60 ? 1404 C   B "C3'" 1 
ATOM   515 O "O3'" . C   B 2 4  ? -11.330 -15.330 -7.408  1.00 118.16 ? 1404 C   B "O3'" 1 
ATOM   516 C "C2'" . C   B 2 4  ? -13.217 -16.198 -6.080  1.00 105.88 ? 1404 C   B "C2'" 1 
ATOM   517 O "O2'" . C   B 2 4  ? -14.109 -15.802 -7.103  1.00 102.19 ? 1404 C   B "O2'" 1 
ATOM   518 C "C1'" . C   B 2 4  ? -13.545 -17.622 -5.634  1.00 100.54 ? 1404 C   B "C1'" 1 
ATOM   519 N N1    . C   B 2 4  ? -13.360 -17.801 -4.184  1.00 95.00  ? 1404 C   B N1    1 
ATOM   520 C C2    . C   B 2 4  ? -14.394 -17.407 -3.322  1.00 93.60  ? 1404 C   B C2    1 
ATOM   521 O O2    . C   B 2 4  ? -15.430 -16.913 -3.805  1.00 92.54  ? 1404 C   B O2    1 
ATOM   522 N N3    . C   B 2 4  ? -14.235 -17.569 -1.989  1.00 92.08  ? 1404 C   B N3    1 
ATOM   523 C C4    . C   B 2 4  ? -13.103 -18.092 -1.510  1.00 97.34  ? 1404 C   B C4    1 
ATOM   524 N N4    . C   B 2 4  ? -12.992 -18.242 -0.188  1.00 104.33 ? 1404 C   B N4    1 
ATOM   525 C C5    . C   B 2 4  ? -12.032 -18.491 -2.364  1.00 96.48  ? 1404 C   B C5    1 
ATOM   526 C C6    . C   B 2 4  ? -12.203 -18.332 -3.680  1.00 95.61  ? 1404 C   B C6    1 
ATOM   527 P P     . G   B 2 5  ? -10.735 -13.954 -6.818  1.00 118.23 ? 1405 G   B P     1 
ATOM   528 O OP1   . G   B 2 5  ? -10.429 -13.071 -7.975  1.00 114.67 ? 1405 G   B OP1   1 
ATOM   529 O OP2   . G   B 2 5  ? -9.661  -14.285 -5.846  1.00 111.69 ? 1405 G   B OP2   1 
ATOM   530 O "O5'" . G   B 2 5  ? -11.960 -13.322 -6.018  1.00 111.11 ? 1405 G   B "O5'" 1 
ATOM   531 C "C5'" . G   B 2 5  ? -13.177 -12.986 -6.700  1.00 102.11 ? 1405 G   B "C5'" 1 
ATOM   532 C "C4'" . G   B 2 5  ? -14.132 -12.285 -5.769  1.00 95.21  ? 1405 G   B "C4'" 1 
ATOM   533 O "O4'" . G   B 2 5  ? -14.741 -13.222 -4.839  1.00 90.18  ? 1405 G   B "O4'" 1 
ATOM   534 C "C3'" . G   B 2 5  ? -13.523 -11.228 -4.871  1.00 90.01  ? 1405 G   B "C3'" 1 
ATOM   535 O "O3'" . G   B 2 5  ? -13.286 -10.011 -5.562  1.00 92.56  ? 1405 G   B "O3'" 1 
ATOM   536 C "C2'" . G   B 2 5  ? -14.584 -11.097 -3.786  1.00 86.89  ? 1405 G   B "C2'" 1 
ATOM   537 O "O2'" . G   B 2 5  ? -15.694 -10.328 -4.193  1.00 94.24  ? 1405 G   B "O2'" 1 
ATOM   538 C "C1'" . G   B 2 5  ? -15.014 -12.553 -3.612  1.00 82.00  ? 1405 G   B "C1'" 1 
ATOM   539 N N9    . G   B 2 5  ? -14.238 -13.193 -2.558  1.00 74.83  ? 1405 G   B N9    1 
ATOM   540 C C8    . G   B 2 5  ? -13.177 -14.047 -2.727  1.00 69.32  ? 1405 G   B C8    1 
ATOM   541 N N7    . G   B 2 5  ? -12.664 -14.454 -1.601  1.00 60.72  ? 1405 G   B N7    1 
ATOM   542 C C5    . G   B 2 5  ? -13.432 -13.837 -0.629  1.00 60.49  ? 1405 G   B C5    1 
ATOM   543 C C6    . G   B 2 5  ? -13.333 -13.900 0.770   1.00 61.23  ? 1405 G   B C6    1 
ATOM   544 O O6    . G   B 2 5  ? -12.526 -14.540 1.448   1.00 64.76  ? 1405 G   B O6    1 
ATOM   545 N N1    . G   B 2 5  ? -14.299 -13.110 1.390   1.00 57.02  ? 1405 G   B N1    1 
ATOM   546 C C2    . G   B 2 5  ? -15.232 -12.348 0.736   1.00 59.19  ? 1405 G   B C2    1 
ATOM   547 N N2    . G   B 2 5  ? -16.048 -11.639 1.515   1.00 59.99  ? 1405 G   B N2    1 
ATOM   548 N N3    . G   B 2 5  ? -15.343 -12.286 -0.586  1.00 63.70  ? 1405 G   B N3    1 
ATOM   549 C C4    . G   B 2 5  ? -14.411 -13.053 -1.201  1.00 68.88  ? 1405 G   B C4    1 
ATOM   550 P P     . U   B 2 6  ? -12.514 -8.816  -4.816  1.00 97.01  ? 1406 U   B P     1 
ATOM   551 O OP1   . U   B 2 6  ? -12.591 -7.607  -5.683  1.00 86.29  ? 1406 U   B OP1   1 
ATOM   552 O OP2   . U   B 2 6  ? -11.184 -9.335  -4.398  1.00 94.56  ? 1406 U   B OP2   1 
ATOM   553 O "O5'" . U   B 2 6  ? -13.399 -8.560  -3.511  1.00 80.48  ? 1406 U   B "O5'" 1 
ATOM   554 C "C5'" . U   B 2 6  ? -12.830 -7.937  -2.355  1.00 74.68  ? 1406 U   B "C5'" 1 
ATOM   555 C "C4'" . U   B 2 6  ? -13.854 -7.801  -1.252  1.00 81.83  ? 1406 U   B "C4'" 1 
ATOM   556 O "O4'" . U   B 2 6  ? -14.309 -9.098  -0.778  1.00 76.05  ? 1406 U   B "O4'" 1 
ATOM   557 C "C3'" . U   B 2 6  ? -13.271 -7.099  -0.038  1.00 93.86  ? 1406 U   B "C3'" 1 
ATOM   558 O "O3'" . U   B 2 6  ? -13.429 -5.691  -0.165  1.00 105.60 ? 1406 U   B "O3'" 1 
ATOM   559 C "C2'" . U   B 2 6  ? -13.983 -7.753  1.144   1.00 85.46  ? 1406 U   B "C2'" 1 
ATOM   560 O "O2'" . U   B 2 6  ? -15.251 -7.221  1.463   1.00 74.93  ? 1406 U   B "O2'" 1 
ATOM   561 C "C1'" . U   B 2 6  ? -14.119 -9.187  0.628   1.00 83.26  ? 1406 U   B "C1'" 1 
ATOM   562 N N1    . U   B 2 6  ? -12.931 -10.022 0.872   1.00 84.04  ? 1406 U   B N1    1 
ATOM   563 C C2    . U   B 2 6  ? -12.528 -10.235 2.182   1.00 82.79  ? 1406 U   B C2    1 
ATOM   564 O O2    . U   B 2 6  ? -13.071 -9.709  3.142   1.00 85.76  ? 1406 U   B O2    1 
ATOM   565 N N3    . U   B 2 6  ? -11.458 -11.085 2.324   1.00 80.76  ? 1406 U   B N3    1 
ATOM   566 C C4    . U   B 2 6  ? -10.756 -11.716 1.312   1.00 91.96  ? 1406 U   B C4    1 
ATOM   567 O O4    . U   B 2 6  ? -9.876  -12.532 1.597   1.00 106.22 ? 1406 U   B O4    1 
ATOM   568 C C5    . U   B 2 6  ? -11.208 -11.409 -0.009  1.00 86.78  ? 1406 U   B C5    1 
ATOM   569 C C6    . U   B 2 6  ? -12.249 -10.597 -0.180  1.00 82.68  ? 1406 U   B C6    1 
ATOM   570 P P     . C   B 2 7  ? -12.135 -4.751  -0.356  1.00 104.14 ? 1407 C   B P     1 
ATOM   571 O OP1   . C   B 2 7  ? -12.562 -3.612  -1.211  1.00 109.42 ? 1407 C   B OP1   1 
ATOM   572 O OP2   . C   B 2 7  ? -10.961 -5.578  -0.764  1.00 91.27  ? 1407 C   B OP2   1 
ATOM   573 O "O5'" . C   B 2 7  ? -11.878 -4.193  1.112   1.00 103.54 ? 1407 C   B "O5'" 1 
ATOM   574 C "C5'" . C   B 2 7  ? -12.984 -3.754  1.930   1.00 100.31 ? 1407 C   B "C5'" 1 
ATOM   575 C "C4'" . C   B 2 7  ? -12.758 -4.145  3.371   1.00 92.65  ? 1407 C   B "C4'" 1 
ATOM   576 O "O4'" . C   B 2 7  ? -12.873 -5.584  3.541   1.00 92.99  ? 1407 C   B "O4'" 1 
ATOM   577 C "C3'" . C   B 2 7  ? -11.373 -3.832  3.893   1.00 88.06  ? 1407 C   B "C3'" 1 
ATOM   578 O "O3'" . C   B 2 7  ? -11.229 -2.457  4.211   1.00 97.85  ? 1407 C   B "O3'" 1 
ATOM   579 C "C2'" . C   B 2 7  ? -11.259 -4.772  5.085   1.00 86.58  ? 1407 C   B "C2'" 1 
ATOM   580 O "O2'" . C   B 2 7  ? -11.947 -4.333  6.240   1.00 81.76  ? 1407 C   B "O2'" 1 
ATOM   581 C "C1'" . C   B 2 7  ? -11.953 -6.019  4.539   1.00 83.22  ? 1407 C   B "C1'" 1 
ATOM   582 N N1    . C   B 2 7  ? -11.006 -6.978  3.935   1.00 71.63  ? 1407 C   B N1    1 
ATOM   583 C C2    . C   B 2 7  ? -10.218 -7.783  4.783   1.00 66.95  ? 1407 C   B C2    1 
ATOM   584 O O2    . C   B 2 7  ? -10.343 -7.669  6.020   1.00 65.60  ? 1407 C   B O2    1 
ATOM   585 N N3    . C   B 2 7  ? -9.345  -8.661  4.234   1.00 63.07  ? 1407 C   B N3    1 
ATOM   586 C C4    . C   B 2 7  ? -9.245  -8.757  2.901   1.00 74.11  ? 1407 C   B C4    1 
ATOM   587 N N4    . C   B 2 7  ? -8.375  -9.637  2.397   1.00 64.29  ? 1407 C   B N4    1 
ATOM   588 C C5    . C   B 2 7  ? -10.034 -7.956  2.023   1.00 69.37  ? 1407 C   B C5    1 
ATOM   589 C C6    . C   B 2 7  ? -10.890 -7.090  2.576   1.00 67.87  ? 1407 C   B C6    1 
ATOM   590 P P     . A   B 2 8  ? -9.779  -1.777  4.110   1.00 106.26 ? 1408 A   B P     1 
ATOM   591 O OP1   . A   B 2 8  ? -9.930  -0.321  4.386   1.00 106.44 ? 1408 A   B OP1   1 
ATOM   592 O OP2   . A   B 2 8  ? -9.160  -2.227  2.833   1.00 99.36  ? 1408 A   B OP2   1 
ATOM   593 O "O5'" . A   B 2 8  ? -8.985  -2.438  5.325   1.00 109.24 ? 1408 A   B "O5'" 1 
ATOM   594 C "C5'" . A   B 2 8  ? -9.499  -2.353  6.675   1.00 98.31  ? 1408 A   B "C5'" 1 
ATOM   595 C "C4'" . A   B 2 8  ? -8.681  -3.210  7.613   1.00 92.45  ? 1408 A   B "C4'" 1 
ATOM   596 O "O4'" . A   B 2 8  ? -8.885  -4.618  7.332   1.00 90.01  ? 1408 A   B "O4'" 1 
ATOM   597 C "C3'" . A   B 2 8  ? -7.178  -3.048  7.507   1.00 95.79  ? 1408 A   B "C3'" 1 
ATOM   598 O "O3'" . A   B 2 8  ? -6.727  -1.872  8.156   1.00 104.73 ? 1408 A   B "O3'" 1 
ATOM   599 C "C2'" . A   B 2 8  ? -6.670  -4.334  8.148   1.00 90.63  ? 1408 A   B "C2'" 1 
ATOM   600 O "O2'" . A   B 2 8  ? -6.731  -4.321  9.560   1.00 90.01  ? 1408 A   B "O2'" 1 
ATOM   601 C "C1'" . A   B 2 8  ? -7.696  -5.339  7.631   1.00 83.51  ? 1408 A   B "C1'" 1 
ATOM   602 N N9    . A   B 2 8  ? -7.262  -6.048  6.427   1.00 80.02  ? 1408 A   B N9    1 
ATOM   603 C C8    . A   B 2 8  ? -7.639  -5.831  5.125   1.00 77.10  ? 1408 A   B C8    1 
ATOM   604 N N7    . A   B 2 8  ? -7.115  -6.680  4.275   1.00 79.84  ? 1408 A   B N7    1 
ATOM   605 C C5    . A   B 2 8  ? -6.327  -7.503  5.069   1.00 74.53  ? 1408 A   B C5    1 
ATOM   606 C C6    . A   B 2 8  ? -5.518  -8.610  4.771   1.00 70.95  ? 1408 A   B C6    1 
ATOM   607 N N6    . A   B 2 8  ? -5.371  -9.111  3.541   1.00 65.74  ? 1408 A   B N6    1 
ATOM   608 N N1    . A   B 2 8  ? -4.860  -9.199  5.792   1.00 63.44  ? 1408 A   B N1    1 
ATOM   609 C C2    . A   B 2 8  ? -5.012  -8.707  7.020   1.00 58.13  ? 1408 A   B C2    1 
ATOM   610 N N3    . A   B 2 8  ? -5.747  -7.677  7.426   1.00 80.63  ? 1408 A   B N3    1 
ATOM   611 C C4    . A   B 2 8  ? -6.391  -7.113  6.391   1.00 79.32  ? 1408 A   B C4    1 
ATOM   612 P P     . C   B 2 9  ? -5.516  -1.033  7.516   1.00 107.31 ? 1409 C   B P     1 
ATOM   613 O OP1   . C   B 2 9  ? -5.375  0.199   8.340   1.00 110.20 ? 1409 C   B OP1   1 
ATOM   614 O OP2   . C   B 2 9  ? -5.739  -0.916  6.049   1.00 110.19 ? 1409 C   B OP2   1 
ATOM   615 O "O5'" . C   B 2 9  ? -4.246  -1.969  7.752   1.00 99.26  ? 1409 C   B "O5'" 1 
ATOM   616 C "C5'" . C   B 2 9  ? -3.860  -2.358  9.085   1.00 83.92  ? 1409 C   B "C5'" 1 
ATOM   617 C "C4'" . C   B 2 9  ? -2.924  -3.543  9.045   1.00 74.07  ? 1409 C   B "C4'" 1 
ATOM   618 O "O4'" . C   B 2 9  ? -3.593  -4.677  8.438   1.00 69.03  ? 1409 C   B "O4'" 1 
ATOM   619 C "C3'" . C   B 2 9  ? -1.662  -3.382  8.213   1.00 72.90  ? 1409 C   B "C3'" 1 
ATOM   620 O "O3'" . C   B 2 9  ? -0.657  -2.680  8.931   1.00 76.55  ? 1409 C   B "O3'" 1 
ATOM   621 C "C2'" . C   B 2 9  ? -1.262  -4.829  7.952   1.00 71.05  ? 1409 C   B "C2'" 1 
ATOM   622 O "O2'" . C   B 2 9  ? -0.543  -5.421  9.015   1.00 78.01  ? 1409 C   B "O2'" 1 
ATOM   623 C "C1'" . C   B 2 9  ? -2.630  -5.505  7.806   1.00 63.71  ? 1409 C   B "C1'" 1 
ATOM   624 N N1    . C   B 2 9  ? -3.015  -5.704  6.401   1.00 57.91  ? 1409 C   B N1    1 
ATOM   625 C C2    . C   B 2 9  ? -2.317  -6.648  5.645   1.00 59.42  ? 1409 C   B C2    1 
ATOM   626 O O2    . C   B 2 9  ? -1.417  -7.308  6.188   1.00 60.82  ? 1409 C   B O2    1 
ATOM   627 N N3    . C   B 2 9  ? -2.636  -6.818  4.350   1.00 56.04  ? 1409 C   B N3    1 
ATOM   628 C C4    . C   B 2 9  ? -3.612  -6.098  3.806   1.00 54.60  ? 1409 C   B C4    1 
ATOM   629 N N4    . C   B 2 9  ? -3.892  -6.301  2.522   1.00 55.91  ? 1409 C   B N4    1 
ATOM   630 C C5    . C   B 2 9  ? -4.347  -5.138  4.554   1.00 58.20  ? 1409 C   B C5    1 
ATOM   631 C C6    . C   B 2 9  ? -4.021  -4.977  5.836   1.00 54.63  ? 1409 C   B C6    1 
ATOM   632 P P     . A   B 2 10 ? 0.468   -1.859  8.134   1.00 82.01  ? 1410 A   B P     1 
ATOM   633 O OP1   . A   B 2 10 ? 1.253   -1.130  9.160   1.00 80.74  ? 1410 A   B OP1   1 
ATOM   634 O OP2   . A   B 2 10 ? -0.192  -1.101  7.046   1.00 87.46  ? 1410 A   B OP2   1 
ATOM   635 O "O5'" . A   B 2 10 ? 1.389   -2.991  7.488   1.00 85.41  ? 1410 A   B "O5'" 1 
ATOM   636 C "C5'" . A   B 2 10 ? 2.157   -3.872  8.332   1.00 86.62  ? 1410 A   B "C5'" 1 
ATOM   637 C "C4'" . A   B 2 10 ? 2.819   -4.966  7.519   1.00 86.53  ? 1410 A   B "C4'" 1 
ATOM   638 O "O4'" . A   B 2 10 ? 1.817   -5.813  6.906   1.00 84.30  ? 1410 A   B "O4'" 1 
ATOM   639 C "C3'" . A   B 2 10 ? 3.698   -4.543  6.353   1.00 82.41  ? 1410 A   B "C3'" 1 
ATOM   640 O "O3'" . A   B 2 10 ? 4.997   -4.160  6.795   1.00 84.86  ? 1410 A   B "O3'" 1 
ATOM   641 C "C2'" . A   B 2 10 ? 3.755   -5.815  5.510   1.00 77.47  ? 1410 A   B "C2'" 1 
ATOM   642 O "O2'" . A   B 2 10 ? 4.716   -6.744  5.951   1.00 68.23  ? 1410 A   B "O2'" 1 
ATOM   643 C "C1'" . A   B 2 10 ? 2.357   -6.396  5.732   1.00 81.10  ? 1410 A   B "C1'" 1 
ATOM   644 N N9    . A   B 2 10 ? 1.441   -6.157  4.620   1.00 90.34  ? 1410 A   B N9    1 
ATOM   645 C C8    . A   B 2 10 ? 0.423   -5.235  4.500   1.00 91.08  ? 1410 A   B C8    1 
ATOM   646 N N7    . A   B 2 10 ? -0.225  -5.310  3.362   1.00 90.39  ? 1410 A   B N7    1 
ATOM   647 C C5    . A   B 2 10 ? 0.410   -6.347  2.687   1.00 86.44  ? 1410 A   B C5    1 
ATOM   648 C C6    . A   B 2 10 ? 0.191   -6.929  1.431   1.00 79.55  ? 1410 A   B C6    1 
ATOM   649 N N6    . A   B 2 10 ? -0.779  -6.555  0.603   1.00 81.13  ? 1410 A   B N6    1 
ATOM   650 N N1    . A   B 2 10 ? 1.012   -7.931  1.053   1.00 77.31  ? 1410 A   B N1    1 
ATOM   651 C C2    . A   B 2 10 ? 1.978   -8.325  1.896   1.00 80.09  ? 1410 A   B C2    1 
ATOM   652 N N3    . A   B 2 10 ? 2.275   -7.868  3.107   1.00 75.43  ? 1410 A   B N3    1 
ATOM   653 C C4    . A   B 2 10 ? 1.443   -6.868  3.447   1.00 85.96  ? 1410 A   B C4    1 
ATOM   654 P P     . C   B 2 11 ? 5.903   -3.207  5.876   1.00 89.81  ? 1411 C   B P     1 
ATOM   655 O OP1   . C   B 2 11 ? 7.105   -2.865  6.673   1.00 98.19  ? 1411 C   B OP1   1 
ATOM   656 O OP2   . C   B 2 11 ? 5.022   -2.120  5.383   1.00 90.07  ? 1411 C   B OP2   1 
ATOM   657 O "O5'" . C   B 2 11 ? 6.334   -4.125  4.637   1.00 75.24  ? 1411 C   B "O5'" 1 
ATOM   658 C "C5'" . C   B 2 11 ? 7.413   -5.077  4.750   1.00 71.19  ? 1411 C   B "C5'" 1 
ATOM   659 C "C4'" . C   B 2 11 ? 7.637   -5.799  3.433   1.00 82.45  ? 1411 C   B "C4'" 1 
ATOM   660 O "O4'" . C   B 2 11 ? 6.445   -6.551  3.067   1.00 83.62  ? 1411 C   B "O4'" 1 
ATOM   661 C "C3'" . C   B 2 11 ? 7.917   -4.935  2.211   1.00 86.56  ? 1411 C   B "C3'" 1 
ATOM   662 O "O3'" . C   B 2 11 ? 9.277   -4.520  2.117   1.00 97.34  ? 1411 C   B "O3'" 1 
ATOM   663 C "C2'" . C   B 2 11 ? 7.534   -5.861  1.060   1.00 87.31  ? 1411 C   B "C2'" 1 
ATOM   664 O "O2'" . C   B 2 11 ? 8.548   -6.784  0.700   1.00 63.06  ? 1411 C   B "O2'" 1 
ATOM   665 C "C1'" . C   B 2 11 ? 6.316   -6.582  1.646   1.00 87.03  ? 1411 C   B "C1'" 1 
ATOM   666 N N1    . C   B 2 11 ? 5.040   -5.936  1.267   1.00 87.09  ? 1411 C   B N1    1 
ATOM   667 C C2    . C   B 2 11 ? 4.428   -6.267  0.033   1.00 80.03  ? 1411 C   B C2    1 
ATOM   668 O O2    . C   B 2 11 ? 4.981   -7.078  -0.726  1.00 73.43  ? 1411 C   B O2    1 
ATOM   669 N N3    . C   B 2 11 ? 3.252   -5.681  -0.295  1.00 85.14  ? 1411 C   B N3    1 
ATOM   670 C C4    . C   B 2 11 ? 2.689   -4.797  0.538   1.00 92.00  ? 1411 C   B C4    1 
ATOM   671 N N4    . C   B 2 11 ? 1.520   -4.245  0.183   1.00 85.50  ? 1411 C   B N4    1 
ATOM   672 C C5    . C   B 2 11 ? 3.291   -4.437  1.777   1.00 94.16  ? 1411 C   B C5    1 
ATOM   673 C C6    . C   B 2 11 ? 4.451   -5.024  2.100   1.00 89.25  ? 1411 C   B C6    1 
ATOM   674 P P     . C   B 2 12 ? 9.689   -3.353  1.083   1.00 100.96 ? 1412 C   B P     1 
ATOM   675 O OP1   . C   B 2 12 ? 11.162  -3.196  1.131   1.00 104.50 ? 1412 C   B OP1   1 
ATOM   676 O OP2   . C   B 2 12 ? 8.822   -2.177  1.345   1.00 102.08 ? 1412 C   B OP2   1 
ATOM   677 O "O5'" . C   B 2 12 ? 9.317   -3.942  -0.354  1.00 100.51 ? 1412 C   B "O5'" 1 
ATOM   678 C "C5'" . C   B 2 12 ? 10.241  -4.775  -1.085  1.00 86.05  ? 1412 C   B "C5'" 1 
ATOM   679 C "C4'" . C   B 2 12 ? 9.774   -4.962  -2.515  1.00 89.81  ? 1412 C   B "C4'" 1 
ATOM   680 O "O4'" . C   B 2 12 ? 8.459   -5.593  -2.516  1.00 98.12  ? 1412 C   B "O4'" 1 
ATOM   681 C "C3'" . C   B 2 12 ? 9.552   -3.706  -3.346  1.00 87.86  ? 1412 C   B "C3'" 1 
ATOM   682 O "O3'" . C   B 2 12 ? 10.747  -3.118  -3.858  1.00 85.00  ? 1412 C   B "O3'" 1 
ATOM   683 C "C2'" . C   B 2 12 ? 8.622   -4.219  -4.444  1.00 88.12  ? 1412 C   B "C2'" 1 
ATOM   684 O "O2'" . C   B 2 12 ? 9.269   -4.976  -5.450  1.00 74.76  ? 1412 C   B "O2'" 1 
ATOM   685 C "C1'" . C   B 2 12 ? 7.702   -5.140  -3.642  1.00 85.45  ? 1412 C   B "C1'" 1 
ATOM   686 N N1    . C   B 2 12 ? 6.490   -4.432  -3.162  1.00 67.51  ? 1412 C   B N1    1 
ATOM   687 C C2    . C   B 2 12 ? 5.373   -4.320  -4.017  1.00 62.01  ? 1412 C   B C2    1 
ATOM   688 O O2    . C   B 2 12 ? 5.408   -4.859  -5.138  1.00 62.68  ? 1412 C   B O2    1 
ATOM   689 N N3    . C   B 2 12 ? 4.286   -3.628  -3.592  1.00 57.36  ? 1412 C   B N3    1 
ATOM   690 C C4    . C   B 2 12 ? 4.280   -3.077  -2.371  1.00 62.57  ? 1412 C   B C4    1 
ATOM   691 N N4    . C   B 2 12 ? 3.198   -2.390  -1.985  1.00 51.11  ? 1412 C   B N4    1 
ATOM   692 C C5    . C   B 2 12 ? 5.386   -3.199  -1.484  1.00 63.29  ? 1412 C   B C5    1 
ATOM   693 C C6    . C   B 2 12 ? 6.456   -3.875  -1.915  1.00 59.84  ? 1412 C   B C6    1 
ATOM   694 P P     . G   B 2 13 ? 10.803  -1.525  -4.094  1.00 91.44  ? 1488 G   B P     1 
ATOM   695 O OP1   . G   B 2 13 ? 12.158  -1.189  -4.596  1.00 99.89  ? 1488 G   B OP1   1 
ATOM   696 O OP2   . G   B 2 13 ? 10.299  -0.862  -2.863  1.00 87.92  ? 1488 G   B OP2   1 
ATOM   697 O "O5'" . G   B 2 13 ? 9.762   -1.256  -5.280  1.00 96.62  ? 1488 G   B "O5'" 1 
ATOM   698 C "C5'" . G   B 2 13 ? 10.048  -1.699  -6.631  1.00 88.86  ? 1488 G   B "C5'" 1 
ATOM   699 C "C4'" . G   B 2 13 ? 8.892   -1.403  -7.577  1.00 83.79  ? 1488 G   B "C4'" 1 
ATOM   700 O "O4'" . G   B 2 13 ? 7.685   -2.090  -7.146  1.00 84.83  ? 1488 G   B "O4'" 1 
ATOM   701 C "C3'" . G   B 2 13 ? 8.419   0.033   -7.737  1.00 87.16  ? 1488 G   B "C3'" 1 
ATOM   702 O "O3'" . G   B 2 13 ? 9.269   0.820   -8.565  1.00 94.90  ? 1488 G   B "O3'" 1 
ATOM   703 C "C2'" . G   B 2 13 ? 7.058   -0.172  -8.392  1.00 79.15  ? 1488 G   B "C2'" 1 
ATOM   704 O "O2'" . G   B 2 13 ? 7.155   -0.490  -9.767  1.00 83.97  ? 1488 G   B "O2'" 1 
ATOM   705 C "C1'" . G   B 2 13 ? 6.541   -1.392  -7.630  1.00 75.95  ? 1488 G   B "C1'" 1 
ATOM   706 N N9    . G   B 2 13 ? 5.705   -0.982  -6.503  1.00 68.70  ? 1488 G   B N9    1 
ATOM   707 C C8    . G   B 2 13 ? 6.070   -0.865  -5.184  1.00 63.49  ? 1488 G   B C8    1 
ATOM   708 N N7    . G   B 2 13 ? 5.107   -0.413  -4.425  1.00 62.30  ? 1488 G   B N7    1 
ATOM   709 C C5    . G   B 2 13 ? 4.041   -0.231  -5.293  1.00 59.04  ? 1488 G   B C5    1 
ATOM   710 C C6    . G   B 2 13 ? 2.727   0.260   -5.053  1.00 65.53  ? 1488 G   B C6    1 
ATOM   711 O O6    . G   B 2 13 ? 2.231   0.660   -3.991  1.00 56.75  ? 1488 G   B O6    1 
ATOM   712 N N1    . G   B 2 13 ? 1.967   0.268   -6.214  1.00 64.67  ? 1488 G   B N1    1 
ATOM   713 C C2    . G   B 2 13 ? 2.408   -0.139  -7.445  1.00 65.41  ? 1488 G   B C2    1 
ATOM   714 N N2    . G   B 2 13 ? 1.515   -0.088  -8.435  1.00 84.72  ? 1488 G   B N2    1 
ATOM   715 N N3    . G   B 2 13 ? 3.631   -0.573  -7.687  1.00 60.93  ? 1488 G   B N3    1 
ATOM   716 C C4    . G   B 2 13 ? 4.388   -0.596  -6.575  1.00 60.92  ? 1488 G   B C4    1 
ATOM   717 P P     . G   B 2 14 ? 9.202   2.428   -8.472  1.00 98.24  ? 1489 G   B P     1 
ATOM   718 O OP1   . G   B 2 14 ? 10.104  2.959   -9.523  1.00 103.74 ? 1489 G   B OP1   1 
ATOM   719 O OP2   . G   B 2 14 ? 9.401   2.841   -7.055  1.00 98.24  ? 1489 G   B OP2   1 
ATOM   720 O "O5'" . G   B 2 14 ? 7.705   2.787   -8.885  1.00 82.33  ? 1489 G   B "O5'" 1 
ATOM   721 C "C5'" . G   B 2 14 ? 7.223   2.498   -10.202 1.00 67.51  ? 1489 G   B "C5'" 1 
ATOM   722 C "C4'" . G   B 2 14 ? 5.760   2.844   -10.319 1.00 63.74  ? 1489 G   B "C4'" 1 
ATOM   723 O "O4'" . G   B 2 14 ? 4.965   2.044   -9.407  1.00 64.10  ? 1489 G   B "O4'" 1 
ATOM   724 C "C3'" . G   B 2 14 ? 5.381   4.257   -9.941  1.00 61.17  ? 1489 G   B "C3'" 1 
ATOM   725 O "O3'" . G   B 2 14 ? 5.681   5.166   -10.974 1.00 64.50  ? 1489 G   B "O3'" 1 
ATOM   726 C "C2'" . G   B 2 14 ? 3.886   4.121   -9.728  1.00 57.32  ? 1489 G   B "C2'" 1 
ATOM   727 O "O2'" . G   B 2 14 ? 3.200   4.009   -10.951 1.00 69.88  ? 1489 G   B "O2'" 1 
ATOM   728 C "C1'" . G   B 2 14 ? 3.820   2.781   -9.003  1.00 56.32  ? 1489 G   B "C1'" 1 
ATOM   729 N N9    . G   B 2 14 ? 3.868   2.977   -7.554  1.00 60.98  ? 1489 G   B N9    1 
ATOM   730 C C8    . G   B 2 14 ? 4.940   2.787   -6.713  1.00 54.30  ? 1489 G   B C8    1 
ATOM   731 N N7    . G   B 2 14 ? 4.674   3.084   -5.469  1.00 47.26  ? 1489 G   B N7    1 
ATOM   732 C C5    . G   B 2 14 ? 3.345   3.482   -5.486  1.00 45.22  ? 1489 G   B C5    1 
ATOM   733 C C6    . G   B 2 14 ? 2.505   3.912   -4.433  1.00 45.15  ? 1489 G   B C6    1 
ATOM   734 O O6    . G   B 2 14 ? 2.762   4.000   -3.232  1.00 46.61  ? 1489 G   B O6    1 
ATOM   735 N N1    . G   B 2 14 ? 1.241   4.245   -4.892  1.00 44.51  ? 1489 G   B N1    1 
ATOM   736 C C2    . G   B 2 14 ? 0.826   4.153   -6.193  1.00 55.80  ? 1489 G   B C2    1 
ATOM   737 N N2    . G   B 2 14 ? -0.434  4.518   -6.431  1.00 53.73  ? 1489 G   B N2    1 
ATOM   738 N N3    . G   B 2 14 ? 1.590   3.735   -7.186  1.00 50.58  ? 1489 G   B N3    1 
ATOM   739 C C4    . G   B 2 14 ? 2.831   3.420   -6.763  1.00 55.62  ? 1489 G   B C4    1 
ATOM   740 P P     . U   B 2 15 ? 5.551   6.736   -10.696 1.00 66.45  ? 1490 U   B P     1 
ATOM   741 O OP1   . U   B 2 15 ? 5.948   7.447   -11.948 1.00 50.99  ? 1490 U   B OP1   1 
ATOM   742 O OP2   . U   B 2 15 ? 6.247   7.046   -9.414  1.00 47.71  ? 1490 U   B OP2   1 
ATOM   743 O "O5'" . U   B 2 15 ? 3.986   6.934   -10.503 1.00 50.91  ? 1490 U   B "O5'" 1 
ATOM   744 C "C5'" . U   B 2 15 ? 3.122   6.963   -11.642 1.00 48.79  ? 1490 U   B "C5'" 1 
ATOM   745 C "C4'" . U   B 2 15 ? 1.797   7.563   -11.274 1.00 47.03  ? 1490 U   B "C4'" 1 
ATOM   746 O "O4'" . U   B 2 15 ? 1.199   6.756   -10.233 1.00 43.04  ? 1490 U   B "O4'" 1 
ATOM   747 C "C3'" . U   B 2 15 ? 1.829   8.949   -10.662 1.00 44.58  ? 1490 U   B "C3'" 1 
ATOM   748 O "O3'" . U   B 2 15 ? 1.946   9.973   -11.628 1.00 52.73  ? 1490 U   B "O3'" 1 
ATOM   749 C "C2'" . U   B 2 15 ? 0.491   8.988   -9.946  1.00 49.26  ? 1490 U   B "C2'" 1 
ATOM   750 O "O2'" . U   B 2 15 ? -0.610  9.149   -10.829 1.00 52.65  ? 1490 U   B "O2'" 1 
ATOM   751 C "C1'" . U   B 2 15 ? 0.453   7.583   -9.358  1.00 42.67  ? 1490 U   B "C1'" 1 
ATOM   752 N N1    . U   B 2 15 ? 1.048   7.495   -8.012  1.00 36.07  ? 1490 U   B N1    1 
ATOM   753 C C2    . U   B 2 15 ? 0.262   7.863   -6.924  1.00 52.54  ? 1490 U   B C2    1 
ATOM   754 O O2    . U   B 2 15 ? -0.896  8.276   -7.037  1.00 49.35  ? 1490 U   B O2    1 
ATOM   755 N N3    . U   B 2 15 ? 0.873   7.734   -5.696  1.00 51.87  ? 1490 U   B N3    1 
ATOM   756 C C4    . U   B 2 15 ? 2.151   7.299   -5.443  1.00 47.58  ? 1490 U   B C4    1 
ATOM   757 O O4    . U   B 2 15 ? 2.584   7.323   -4.287  1.00 53.15  ? 1490 U   B O4    1 
ATOM   758 C C5    . U   B 2 15 ? 2.892   6.944   -6.609  1.00 52.19  ? 1490 U   B C5    1 
ATOM   759 C C6    . U   B 2 15 ? 2.331   7.054   -7.823  1.00 38.23  ? 1490 U   B C6    1 
ATOM   760 P P     . G   B 2 16 ? 2.473   11.417  -11.178 1.00 58.75  ? 1491 G   B P     1 
ATOM   761 O OP1   . G   B 2 16 ? 2.408   12.307  -12.359 1.00 64.17  ? 1491 G   B OP1   1 
ATOM   762 O OP2   . G   B 2 16 ? 3.746   11.250  -10.438 1.00 54.41  ? 1491 G   B OP2   1 
ATOM   763 O "O5'" . G   B 2 16 ? 1.389   11.908  -10.135 1.00 40.20  ? 1491 G   B "O5'" 1 
ATOM   764 C "C5'" . G   B 2 16 ? 0.050   12.160  -10.541 1.00 33.23  ? 1491 G   B "C5'" 1 
ATOM   765 C "C4'" . G   B 2 16 ? -0.756  12.610  -9.355  1.00 41.20  ? 1491 G   B "C4'" 1 
ATOM   766 O "O4'" . G   B 2 16 ? -0.687  11.588  -8.332  1.00 33.07  ? 1491 G   B "O4'" 1 
ATOM   767 C "C3'" . G   B 2 16 ? -0.223  13.823  -8.617  1.00 49.76  ? 1491 G   B "C3'" 1 
ATOM   768 O "O3'" . G   B 2 16 ? -0.508  15.044  -9.300  1.00 54.28  ? 1491 G   B "O3'" 1 
ATOM   769 C "C2'" . G   B 2 16 ? -0.935  13.686  -7.279  1.00 41.80  ? 1491 G   B "C2'" 1 
ATOM   770 O "O2'" . G   B 2 16 ? -2.321  13.998  -7.388  1.00 41.34  ? 1491 G   B "O2'" 1 
ATOM   771 C "C1'" . G   B 2 16 ? -0.820  12.182  -7.053  1.00 38.81  ? 1491 G   B "C1'" 1 
ATOM   772 N N9    . G   B 2 16 ? 0.292   11.742  -6.206  1.00 39.90  ? 1491 G   B N9    1 
ATOM   773 C C8    . G   B 2 16 ? 1.522   11.309  -6.617  1.00 42.66  ? 1491 G   B C8    1 
ATOM   774 N N7    . G   B 2 16 ? 2.289   10.930  -5.628  1.00 46.14  ? 1491 G   B N7    1 
ATOM   775 C C5    . G   B 2 16 ? 1.520   11.130  -4.493  1.00 32.75  ? 1491 G   B C5    1 
ATOM   776 C C6    . G   B 2 16 ? 1.809   10.867  -3.124  1.00 43.93  ? 1491 G   B C6    1 
ATOM   777 O O6    . G   B 2 16 ? 2.823   10.352  -2.620  1.00 44.14  ? 1491 G   B O6    1 
ATOM   778 N N1    . G   B 2 16 ? 0.759   11.239  -2.307  1.00 39.65  ? 1491 G   B N1    1 
ATOM   779 C C2    . G   B 2 16 ? -0.417  11.769  -2.734  1.00 37.84  ? 1491 G   B C2    1 
ATOM   780 N N2    . G   B 2 16 ? -1.299  12.076  -1.776  1.00 50.51  ? 1491 G   B N2    1 
ATOM   781 N N3    . G   B 2 16 ? -0.715  11.989  -4.000  1.00 54.23  ? 1491 G   B N3    1 
ATOM   782 C C4    . G   B 2 16 ? 0.295   11.649  -4.823  1.00 40.69  ? 1491 G   B C4    1 
ATOM   783 P P     . A   B 2 17 ? 0.533   16.269  -9.202  1.00 50.26  ? 1492 A   B P     1 
ATOM   784 O OP1   . A   B 2 17 ? 0.258   17.164  -10.353 1.00 73.10  ? 1492 A   B OP1   1 
ATOM   785 O OP2   . A   B 2 17 ? 1.912   15.784  -8.973  1.00 55.77  ? 1492 A   B OP2   1 
ATOM   786 O "O5'" . A   B 2 17 ? 0.091   17.022  -7.882  1.00 57.31  ? 1492 A   B "O5'" 1 
ATOM   787 C "C5'" . A   B 2 17 ? -1.076  17.835  -7.884  1.00 65.33  ? 1492 A   B "C5'" 1 
ATOM   788 C "C4'" . A   B 2 17 ? -0.696  19.262  -7.607  1.00 67.88  ? 1492 A   B "C4'" 1 
ATOM   789 O "O4'" . A   B 2 17 ? -1.757  20.139  -8.031  1.00 72.27  ? 1492 A   B "O4'" 1 
ATOM   790 C "C3'" . A   B 2 17 ? -0.434  19.592  -6.153  1.00 63.18  ? 1492 A   B "C3'" 1 
ATOM   791 O "O3'" . A   B 2 17 ? 0.928   19.312  -5.853  1.00 57.32  ? 1492 A   B "O3'" 1 
ATOM   792 C "C2'" . A   B 2 17 ? -0.764  21.075  -6.103  1.00 59.74  ? 1492 A   B "C2'" 1 
ATOM   793 O "O2'" . A   B 2 17 ? 0.282   21.842  -6.661  1.00 77.34  ? 1492 A   B "O2'" 1 
ATOM   794 C "C1'" . A   B 2 17 ? -1.934  21.158  -7.083  1.00 52.78  ? 1492 A   B "C1'" 1 
ATOM   795 N N9    . A   B 2 17 ? -3.279  20.997  -6.544  1.00 48.58  ? 1492 A   B N9    1 
ATOM   796 C C8    . A   B 2 17 ? -3.895  19.849  -6.109  1.00 49.62  ? 1492 A   B C8    1 
ATOM   797 N N7    . A   B 2 17 ? -5.137  20.031  -5.726  1.00 48.10  ? 1492 A   B N7    1 
ATOM   798 C C5    . A   B 2 17 ? -5.345  21.393  -5.914  1.00 46.71  ? 1492 A   B C5    1 
ATOM   799 C C6    . A   B 2 17 ? -6.458  22.220  -5.694  1.00 47.92  ? 1492 A   B C6    1 
ATOM   800 N N6    . A   B 2 17 ? -7.632  21.781  -5.226  1.00 70.12  ? 1492 A   B N6    1 
ATOM   801 N N1    . A   B 2 17 ? -6.329  23.531  -5.978  1.00 52.23  ? 1492 A   B N1    1 
ATOM   802 C C2    . A   B 2 17 ? -5.161  23.973  -6.460  1.00 58.55  ? 1492 A   B C2    1 
ATOM   803 N N3    . A   B 2 17 ? -4.048  23.296  -6.715  1.00 52.19  ? 1492 A   B N3    1 
ATOM   804 C C4    . A   B 2 17 ? -4.208  21.997  -6.413  1.00 46.38  ? 1492 A   B C4    1 
ATOM   805 P P     . A   B 2 18 ? 1.371   19.044  -4.341  1.00 67.85  ? 1493 A   B P     1 
ATOM   806 O OP1   . A   B 2 18 ? 2.791   18.628  -4.377  1.00 58.92  ? 1493 A   B OP1   1 
ATOM   807 O OP2   . A   B 2 18 ? 0.367   18.186  -3.662  1.00 63.22  ? 1493 A   B OP2   1 
ATOM   808 O "O5'" . A   B 2 18 ? 1.276   20.483  -3.674  1.00 56.37  ? 1493 A   B "O5'" 1 
ATOM   809 C "C5'" . A   B 2 18 ? 2.316   21.456  -3.865  1.00 67.50  ? 1493 A   B "C5'" 1 
ATOM   810 C "C4'" . A   B 2 18 ? 1.973   22.710  -3.111  1.00 60.01  ? 1493 A   B "C4'" 1 
ATOM   811 O "O4'" . A   B 2 18 ? 0.693   23.163  -3.594  1.00 57.02  ? 1493 A   B "O4'" 1 
ATOM   812 C "C3'" . A   B 2 18 ? 1.792   22.498  -1.620  1.00 61.78  ? 1493 A   B "C3'" 1 
ATOM   813 O "O3'" . A   B 2 18 ? 3.032   22.766  -0.978  1.00 80.57  ? 1493 A   B "O3'" 1 
ATOM   814 C "C2'" . A   B 2 18 ? 0.757   23.548  -1.254  1.00 59.45  ? 1493 A   B "C2'" 1 
ATOM   815 O "O2'" . A   B 2 18 ? 1.356   24.816  -1.120  1.00 68.68  ? 1493 A   B "O2'" 1 
ATOM   816 C "C1'" . A   B 2 18 ? -0.107  23.579  -2.516  1.00 53.28  ? 1493 A   B "C1'" 1 
ATOM   817 N N9    . A   B 2 18 ? -1.320  22.764  -2.534  1.00 44.87  ? 1493 A   B N9    1 
ATOM   818 C C8    . A   B 2 18 ? -1.437  21.406  -2.479  1.00 40.20  ? 1493 A   B C8    1 
ATOM   819 N N7    . A   B 2 18 ? -2.674  20.980  -2.549  1.00 42.17  ? 1493 A   B N7    1 
ATOM   820 C C5    . A   B 2 18 ? -3.419  22.140  -2.652  1.00 36.54  ? 1493 A   B C5    1 
ATOM   821 C C6    . A   B 2 18 ? -4.796  22.368  -2.766  1.00 48.39  ? 1493 A   B C6    1 
ATOM   822 N N6    . A   B 2 18 ? -5.711  21.399  -2.766  1.00 62.68  ? 1493 A   B N6    1 
ATOM   823 N N1    . A   B 2 18 ? -5.213  23.647  -2.877  1.00 57.30  ? 1493 A   B N1    1 
ATOM   824 C C2    . A   B 2 18 ? -4.301  24.622  -2.864  1.00 52.52  ? 1493 A   B C2    1 
ATOM   825 N N3    . A   B 2 18 ? -2.981  24.533  -2.754  1.00 57.93  ? 1493 A   B N3    1 
ATOM   826 C C4    . A   B 2 18 ? -2.599  23.246  -2.648  1.00 50.36  ? 1493 A   B C4    1 
ATOM   827 P P     . G   B 2 19 ? 3.757   21.623  -0.121  1.00 99.12  ? 1494 G   B P     1 
ATOM   828 O OP1   . G   B 2 19 ? 4.920   22.262  0.546   1.00 91.26  ? 1494 G   B OP1   1 
ATOM   829 O OP2   . G   B 2 19 ? 3.973   20.439  -0.988  1.00 99.18  ? 1494 G   B OP2   1 
ATOM   830 O "O5'" . G   B 2 19 ? 2.678   21.230  0.979   1.00 80.11  ? 1494 G   B "O5'" 1 
ATOM   831 C "C5'" . G   B 2 19 ? 2.502   22.018  2.166   1.00 70.42  ? 1494 G   B "C5'" 1 
ATOM   832 C "C4'" . G   B 2 19 ? 2.767   21.169  3.383   1.00 62.59  ? 1494 G   B "C4'" 1 
ATOM   833 O "O4'" . G   B 2 19 ? 2.318   19.824  3.080   1.00 62.55  ? 1494 G   B "O4'" 1 
ATOM   834 C "C3'" . G   B 2 19 ? 4.223   20.969  3.753   1.00 54.10  ? 1494 G   B "C3'" 1 
ATOM   835 O "O3'" . G   B 2 19 ? 4.695   22.014  4.580   1.00 48.64  ? 1494 G   B "O3'" 1 
ATOM   836 C "C2'" . G   B 2 19 ? 4.189   19.658  4.520   1.00 58.04  ? 1494 G   B "C2'" 1 
ATOM   837 O "O2'" . G   B 2 19 ? 3.748   19.797  5.851   1.00 72.77  ? 1494 G   B "O2'" 1 
ATOM   838 C "C1'" . G   B 2 19 ? 3.152   18.878  3.720   1.00 47.09  ? 1494 G   B "C1'" 1 
ATOM   839 N N9    . G   B 2 19 ? 3.762   18.038  2.699   1.00 39.91  ? 1494 G   B N9    1 
ATOM   840 C C8    . G   B 2 19 ? 3.625   18.141  1.335   1.00 52.10  ? 1494 G   B C8    1 
ATOM   841 N N7    . G   B 2 19 ? 4.317   17.246  0.683   1.00 48.11  ? 1494 G   B N7    1 
ATOM   842 C C5    . G   B 2 19 ? 4.945   16.510  1.679   1.00 31.62  ? 1494 G   B C5    1 
ATOM   843 C C6    . G   B 2 19 ? 5.840   15.432  1.578   1.00 43.88  ? 1494 G   B C6    1 
ATOM   844 O O6    . G   B 2 19 ? 6.268   14.888  0.558   1.00 52.27  ? 1494 G   B O6    1 
ATOM   845 N N1    . G   B 2 19 ? 6.254   14.992  2.830   1.00 51.96  ? 1494 G   B N1    1 
ATOM   846 C C2    . G   B 2 19 ? 5.863   15.537  4.029   1.00 57.92  ? 1494 G   B C2    1 
ATOM   847 N N2    . G   B 2 19 ? 6.382   14.981  5.131   1.00 50.12  ? 1494 G   B N2    1 
ATOM   848 N N3    . G   B 2 19 ? 5.026   16.556  4.135   1.00 37.81  ? 1494 G   B N3    1 
ATOM   849 C C4    . G   B 2 19 ? 4.610   16.986  2.926   1.00 29.14  ? 1494 G   B C4    1 
ATOM   850 P P     . U   B 2 20 ? 6.272   22.244  4.738   1.00 58.97  ? 1495 U   B P     1 
ATOM   851 O OP1   . U   B 2 20 ? 6.431   23.413  5.637   1.00 53.44  ? 1495 U   B OP1   1 
ATOM   852 O OP2   . U   B 2 20 ? 6.919   22.245  3.411   1.00 61.76  ? 1495 U   B OP2   1 
ATOM   853 O "O5'" . U   B 2 20 ? 6.790   20.931  5.466   1.00 49.10  ? 1495 U   B "O5'" 1 
ATOM   854 C "C5'" . U   B 2 20 ? 6.460   20.679  6.831   1.00 55.44  ? 1495 U   B "C5'" 1 
ATOM   855 C "C4'" . U   B 2 20 ? 7.314   19.567  7.363   1.00 48.95  ? 1495 U   B "C4'" 1 
ATOM   856 O "O4'" . U   B 2 20 ? 6.991   18.347  6.655   1.00 51.76  ? 1495 U   B "O4'" 1 
ATOM   857 C "C3'" . U   B 2 20 ? 8.806   19.732  7.136   1.00 56.76  ? 1495 U   B "C3'" 1 
ATOM   858 O "O3'" . U   B 2 20 ? 9.402   20.568  8.124   1.00 62.24  ? 1495 U   B "O3'" 1 
ATOM   859 C "C2'" . U   B 2 20 ? 9.292   18.294  7.219   1.00 47.58  ? 1495 U   B "C2'" 1 
ATOM   860 O "O2'" . U   B 2 20 ? 9.319   17.828  8.552   1.00 57.20  ? 1495 U   B "O2'" 1 
ATOM   861 C "C1'" . U   B 2 20 ? 8.167   17.567  6.489   1.00 41.64  ? 1495 U   B "C1'" 1 
ATOM   862 N N1    . U   B 2 20 ? 8.419   17.385  5.051   1.00 38.01  ? 1495 U   B N1    1 
ATOM   863 C C2    . U   B 2 20 ? 9.299   16.390  4.672   1.00 48.08  ? 1495 U   B C2    1 
ATOM   864 O O2    . U   B 2 20 ? 9.868   15.664  5.470   1.00 50.42  ? 1495 U   B O2    1 
ATOM   865 N N3    . U   B 2 20 ? 9.490   16.274  3.316   1.00 48.38  ? 1495 U   B N3    1 
ATOM   866 C C4    . U   B 2 20 ? 8.902   17.031  2.322   1.00 51.50  ? 1495 U   B C4    1 
ATOM   867 O O4    . U   B 2 20 ? 9.211   16.833  1.142   1.00 55.32  ? 1495 U   B O4    1 
ATOM   868 C C5    . U   B 2 20 ? 7.996   18.030  2.794   1.00 45.32  ? 1495 U   B C5    1 
ATOM   869 C C6    . U   B 2 20 ? 7.795   18.172  4.109   1.00 47.82  ? 1495 U   B C6    1 
ATOM   870 P P     . C   B 2 21 ? 10.815  21.272  7.825   1.00 63.54  ? 1496 C   B P     1 
ATOM   871 O OP1   . C   B 2 21 ? 11.096  22.111  9.015   1.00 62.73  ? 1496 C   B OP1   1 
ATOM   872 O OP2   . C   B 2 21 ? 10.770  21.896  6.479   1.00 61.07  ? 1496 C   B OP2   1 
ATOM   873 O "O5'" . C   B 2 21 ? 11.861  20.068  7.772   1.00 54.58  ? 1496 C   B "O5'" 1 
ATOM   874 C "C5'" . C   B 2 21 ? 12.190  19.338  8.965   1.00 64.51  ? 1496 C   B "C5'" 1 
ATOM   875 C "C4'" . C   B 2 21 ? 13.173  18.223  8.668   1.00 67.86  ? 1496 C   B "C4'" 1 
ATOM   876 O "O4'" . C   B 2 21 ? 12.571  17.254  7.777   1.00 64.82  ? 1496 C   B "O4'" 1 
ATOM   877 C "C3'" . C   B 2 21 ? 14.472  18.591  7.972   1.00 77.11  ? 1496 C   B "C3'" 1 
ATOM   878 O "O3'" . C   B 2 21 ? 15.431  19.152  8.860   1.00 81.84  ? 1496 C   B "O3'" 1 
ATOM   879 C "C2'" . C   B 2 21 ? 14.913  17.243  7.414   1.00 73.58  ? 1496 C   B "C2'" 1 
ATOM   880 O "O2'" . C   B 2 21 ? 15.458  16.375  8.389   1.00 79.77  ? 1496 C   B "O2'" 1 
ATOM   881 C "C1'" . C   B 2 21 ? 13.575  16.671  6.957   1.00 67.96  ? 1496 C   B "C1'" 1 
ATOM   882 N N1    . C   B 2 21 ? 13.276  17.013  5.557   1.00 56.81  ? 1496 C   B N1    1 
ATOM   883 C C2    . C   B 2 21 ? 13.786  16.203  4.526   1.00 60.20  ? 1496 C   B C2    1 
ATOM   884 O O2    . C   B 2 21 ? 14.495  15.210  4.817   1.00 64.76  ? 1496 C   B O2    1 
ATOM   885 N N3    . C   B 2 21 ? 13.488  16.519  3.242   1.00 53.48  ? 1496 C   B N3    1 
ATOM   886 C C4    . C   B 2 21 ? 12.713  17.581  2.975   1.00 59.15  ? 1496 C   B C4    1 
ATOM   887 N N4    . C   B 2 21 ? 12.415  17.854  1.688   1.00 53.32  ? 1496 C   B N4    1 
ATOM   888 C C5    . C   B 2 21 ? 12.198  18.414  4.004   1.00 60.80  ? 1496 C   B C5    1 
ATOM   889 C C6    . C   B 2 21 ? 12.504  18.099  5.264   1.00 49.32  ? 1496 C   B C6    1 
ATOM   890 P P     . G   B 2 22 ? 16.589  20.100  8.280   1.00 84.97  ? 1497 G   B P     1 
ATOM   891 O OP1   . G   B 2 22 ? 17.448  20.464  9.427   1.00 94.76  ? 1497 G   B OP1   1 
ATOM   892 O OP2   . G   B 2 22 ? 15.978  21.175  7.457   1.00 83.67  ? 1497 G   B OP2   1 
ATOM   893 O "O5'" . G   B 2 22 ? 17.414  19.135  7.322   1.00 75.11  ? 1497 G   B "O5'" 1 
ATOM   894 C "C5'" . G   B 2 22 ? 18.055  17.977  7.848   1.00 65.71  ? 1497 G   B "C5'" 1 
ATOM   895 C "C4'" . G   B 2 22 ? 18.691  17.191  6.741   1.00 71.93  ? 1497 G   B "C4'" 1 
ATOM   896 O "O4'" . G   B 2 22 ? 17.672  16.675  5.851   1.00 84.50  ? 1497 G   B "O4'" 1 
ATOM   897 C "C3'" . G   B 2 22 ? 19.564  17.974  5.789   1.00 78.52  ? 1497 G   B "C3'" 1 
ATOM   898 O "O3'" . G   B 2 22 ? 20.819  18.310  6.350   1.00 91.54  ? 1497 G   B "O3'" 1 
ATOM   899 C "C2'" . G   B 2 22 ? 19.660  17.010  4.617   1.00 82.27  ? 1497 G   B "C2'" 1 
ATOM   900 O "O2'" . G   B 2 22 ? 20.495  15.892  4.861   1.00 86.81  ? 1497 G   B "O2'" 1 
ATOM   901 C "C1'" . G   B 2 22 ? 18.217  16.524  4.545   1.00 77.38  ? 1497 G   B "C1'" 1 
ATOM   902 N N9    . G   B 2 22 ? 17.452  17.340  3.609   1.00 64.11  ? 1497 G   B N9    1 
ATOM   903 C C8    . G   B 2 22 ? 16.621  18.394  3.895   1.00 65.40  ? 1497 G   B C8    1 
ATOM   904 N N7    . G   B 2 22 ? 16.096  18.935  2.828   1.00 53.44  ? 1497 G   B N7    1 
ATOM   905 C C5    . G   B 2 22 ? 16.617  18.194  1.779   1.00 48.32  ? 1497 G   B C5    1 
ATOM   906 C C6    . G   B 2 22 ? 16.419  18.318  0.391   1.00 49.91  ? 1497 G   B C6    1 
ATOM   907 O O6    . G   B 2 22 ? 15.729  19.142  -0.211  1.00 54.13  ? 1497 G   B O6    1 
ATOM   908 N N1    . G   B 2 22 ? 17.129  17.356  -0.316  1.00 51.15  ? 1497 G   B N1    1 
ATOM   909 C C2    . G   B 2 22 ? 17.932  16.401  0.246   1.00 67.89  ? 1497 G   B C2    1 
ATOM   910 N N2    . G   B 2 22 ? 18.534  15.550  -0.597  1.00 76.22  ? 1497 G   B N2    1 
ATOM   911 N N3    . G   B 2 22 ? 18.131  16.280  1.545   1.00 74.09  ? 1497 G   B N3    1 
ATOM   912 C C4    . G   B 2 22 ? 17.446  17.203  2.246   1.00 58.71  ? 1497 G   B C4    1 
ATOM   913 P P     . C   B 2 23 ? 21.466  19.742  6.017   1.00 90.84  ? 1498 C   B P     1 
ATOM   914 O OP1   . C   B 2 23 ? 22.635  19.894  6.916   1.00 95.22  ? 1498 C   B OP1   1 
ATOM   915 O OP2   . C   B 2 23 ? 20.384  20.771  6.034   1.00 96.03  ? 1498 C   B OP2   1 
ATOM   916 O "O5'" . C   B 2 23 ? 22.002  19.579  4.523   1.00 75.39  ? 1498 C   B "O5'" 1 
ATOM   917 C "C5'" . C   B 2 23 ? 22.980  18.576  4.217   1.00 75.14  ? 1498 C   B "C5'" 1 
ATOM   918 C "C4'" . C   B 2 23 ? 23.140  18.424  2.728   1.00 82.04  ? 1498 C   B "C4'" 1 
ATOM   919 O "O4'" . C   B 2 23 ? 21.867  18.068  2.138   1.00 84.19  ? 1498 C   B "O4'" 1 
ATOM   920 C "C3'" . C   B 2 23 ? 23.552  19.660  1.950   1.00 91.38  ? 1498 C   B "C3'" 1 
ATOM   921 O "O3'" . C   B 2 23 ? 24.939  20.020  2.090   1.00 100.99 ? 1498 C   B "O3'" 1 
ATOM   922 C "C2'" . C   B 2 23 ? 23.137  19.280  0.531   1.00 93.67  ? 1498 C   B "C2'" 1 
ATOM   923 O "O2'" . C   B 2 23 ? 24.080  18.437  -0.105  1.00 96.40  ? 1498 C   B "O2'" 1 
ATOM   924 C "C1'" . C   B 2 23 ? 21.829  18.517  0.791   1.00 83.23  ? 1498 C   B "C1'" 1 
ATOM   925 N N1    . C   B 2 23 ? 20.614  19.333  0.600   1.00 71.97  ? 1498 C   B N1    1 
ATOM   926 C C2    . C   B 2 23 ? 20.064  19.457  -0.691  1.00 70.28  ? 1498 C   B C2    1 
ATOM   927 O O2    . C   B 2 23 ? 20.596  18.861  -1.640  1.00 52.40  ? 1498 C   B O2    1 
ATOM   928 N N3    . C   B 2 23 ? 18.967  20.230  -0.868  1.00 71.27  ? 1498 C   B N3    1 
ATOM   929 C C4    . C   B 2 23 ? 18.420  20.860  0.172   1.00 66.60  ? 1498 C   B C4    1 
ATOM   930 N N4    . C   B 2 23 ? 17.350  21.614  -0.051  1.00 64.50  ? 1498 C   B N4    1 
ATOM   931 C C5    . C   B 2 23 ? 18.947  20.745  1.489   1.00 71.64  ? 1498 C   B C5    1 
ATOM   932 C C6    . C   B 2 23 ? 20.031  19.975  1.658   1.00 74.86  ? 1498 C   B C6    1 
HETATM 933 C C11   . AB9 C 3 .  ? 4.300   14.543  -3.146  1.00 41.87  ? 1    AB9 B C11   1 
HETATM 934 C C12   . AB9 C 3 .  ? 8.505   17.947  -2.170  1.00 42.52  ? 1    AB9 B C12   1 
HETATM 935 C C21   . AB9 C 3 .  ? 3.715   14.070  -4.511  1.00 28.40  ? 1    AB9 B C21   1 
HETATM 936 C C22   . AB9 C 3 .  ? 7.086   18.379  -1.647  1.00 46.15  ? 1    AB9 B C22   1 
HETATM 937 C C23   . AB9 C 3 .  ? 9.956   20.140  -1.847  1.00 46.79  ? 1    AB9 B C23   1 
HETATM 938 C C24   . AB9 C 3 .  ? 10.923  20.172  -0.684  1.00 62.41  ? 1    AB9 B C24   1 
HETATM 939 C C25   . AB9 C 3 .  ? 11.640  21.524  -0.718  1.00 65.75  ? 1    AB9 B C25   1 
HETATM 940 C C26   . AB9 C 3 .  ? 13.176  21.464  -0.664  1.00 82.01  ? 1    AB9 B C26   1 
HETATM 941 C C29   . AB9 C 3 .  ? 11.025  15.205  -2.725  1.00 63.24  ? 1    AB9 B C29   1 
HETATM 942 C C30   . AB9 C 3 .  ? 11.813  15.652  -3.947  1.00 78.98  ? 1    AB9 B C30   1 
HETATM 943 C C31   . AB9 C 3 .  ? 2.574   15.038  -4.972  1.00 35.58  ? 1    AB9 B C31   1 
HETATM 944 C C32   . AB9 C 3 .  ? 5.957   17.808  -2.516  1.00 29.30  ? 1    AB9 B C32   1 
HETATM 945 C C33   . AB9 C 3 .  ? 11.956  14.024  -7.481  1.00 110.02 ? 1    AB9 B C33   1 
HETATM 946 C C35   . AB9 C 3 .  ? 12.304  15.101  -6.411  1.00 102.38 ? 1    AB9 B C35   1 
HETATM 947 O O11   . AB9 C 3 .  ? 4.953   15.827  -3.415  1.00 28.54  ? 1    AB9 B O11   1 
HETATM 948 N N21   . AB9 C 3 .  ? 4.754   13.994  -5.512  1.00 52.68  ? 1    AB9 B N21   1 
HETATM 949 O O31   . AB9 C 3 .  ? 2.026   14.623  -6.208  1.00 52.63  ? 1    AB9 B O31   1 
HETATM 950 C C41   . AB9 C 3 .  ? 1.499   15.058  -3.881  1.00 43.89  ? 1    AB9 B C41   1 
HETATM 951 O O41   . AB9 C 3 .  ? 0.424   15.911  -4.243  1.00 44.70  ? 1    AB9 B O41   1 
HETATM 952 C C51   . AB9 C 3 .  ? 2.121   15.516  -2.531  1.00 40.73  ? 1    AB9 B C51   1 
HETATM 953 O O51   . AB9 C 3 .  ? 3.215   14.658  -2.145  1.00 33.93  ? 1    AB9 B O51   1 
HETATM 954 C C61   . AB9 C 3 .  ? 1.124   15.524  -1.435  1.00 34.78  ? 1    AB9 B C61   1 
HETATM 955 N N61   . AB9 C 3 .  ? 1.717   15.924  -0.289  1.00 43.44  ? 1    AB9 B N61   1 
HETATM 956 N N12   . AB9 C 3 .  ? 9.539   18.516  -1.293  1.00 48.78  ? 1    AB9 B N12   1 
HETATM 957 N N32   . AB9 C 3 .  ? 4.651   18.189  -1.988  1.00 33.95  ? 1    AB9 B N32   1 
HETATM 958 C C42   . AB9 C 3 .  ? 6.046   16.303  -2.572  1.00 26.61  ? 1    AB9 B C42   1 
HETATM 959 C C52   . AB9 C 3 .  ? 7.467   15.859  -3.129  1.00 44.03  ? 1    AB9 B C52   1 
HETATM 960 O O52   . AB9 C 3 .  ? 7.514   14.401  -3.174  1.00 80.72  ? 1    AB9 B O52   1 
HETATM 961 C C62   . AB9 C 3 .  ? 8.581   16.412  -2.174  1.00 47.03  ? 1    AB9 B C62   1 
HETATM 962 O O62   . AB9 C 3 .  ? 9.838   16.015  -2.620  1.00 52.74  ? 1    AB9 B O62   1 
HETATM 963 N N31   . AB9 C 3 .  ? 11.596  14.798  -5.135  1.00 96.37  ? 1    AB9 B N31   1 
HETATM 964 N N34   . AB9 C 3 .  ? 12.655  14.258  -8.858  1.00 115.14 ? 1    AB9 B N34   1 
HETATM 965 O O36   . AB9 C 3 .  ? 9.633   20.763  -2.650  1.00 53.38  ? 1    AB9 B O36   1 
HETATM 966 N N27   . AB9 C 3 .  ? 13.694  22.835  -0.710  1.00 94.06  ? 1    AB9 B N27   1 
HETATM 967 O O28   . AB9 C 3 .  ? 10.238  20.131  0.540   1.00 70.31  ? 1    AB9 B O28   1 
# 
